data_3Q8N
#
_entry.id   3Q8N
#
_cell.length_a   86.220
_cell.length_b   98.410
_cell.length_c   109.610
_cell.angle_alpha   90.00
_cell.angle_beta   111.49
_cell.angle_gamma   90.00
#
_symmetry.space_group_name_H-M   'P 1 21 1'
#
loop_
_entity.id
_entity.type
_entity.pdbx_description
1 polymer '4-aminobutyrate transaminase'
2 non-polymer '4-oxobutanoic acid'
3 water water
#
_entity_poly.entity_id   1
_entity_poly.type   'polypeptide(L)'
_entity_poly.pdbx_seq_one_letter_code
;GPGSMVTIAEIAGRTLTQERRLVTAIPGPISQELQARKQSAVAAGVGVTLPVYVVAAGGGVLADADGNQLIDFGSGIAVT
TVGNSAPAVVDAVTQQVAAFTHTCFMVTPYEGYVKVAEHLNRLTPGDHEKRTALFNSGAEAVENAVKIARAYTRRQAVVV
FDHAYHGRTNLTMAMTAKNQPYKHGFGPFANEVYRVPTSYPFRDGETDGAAAAAHALDLINKQVGADNVAAVVIEPVHGE
GGFVVPAPGFLGALQKWCTDNGAVFVADEVQTGFARTGALFACEHENVVPDLIVTAKGIAGGLPLSAVTGRAEIMDGPQS
GGLGGTYGGNPLACAAALAVIDTIERENLVARARAIGETMLSRLGALAAADPRIGEVRGRGAMIAVELVKPGTTEPDADL
TKRVAAAAHAQGLVVLTCGTYGNVLRFLPPLSMPDHLLDEGLDILAAVFAEVK
;
_entity_poly.pdbx_strand_id   A,B,C,D
#
loop_
_chem_comp.id
_chem_comp.type
_chem_comp.name
_chem_comp.formula
SSN non-polymer '4-oxobutanoic acid' 'C4 H6 O3'
#
# COMPACT_ATOMS: atom_id res chain seq x y z
N THR A 15 45.29 13.09 22.92
CA THR A 15 46.27 14.16 22.61
C THR A 15 45.56 15.51 22.45
N LEU A 16 44.47 15.68 23.19
CA LEU A 16 43.64 16.91 23.22
C LEU A 16 43.22 17.19 24.68
N THR A 17 43.32 18.44 25.12
CA THR A 17 43.13 18.78 26.53
C THR A 17 41.63 18.74 26.86
N GLN A 18 41.29 18.08 27.96
CA GLN A 18 39.89 17.92 28.38
C GLN A 18 39.43 19.17 29.06
N GLU A 19 39.13 20.15 28.24
CA GLU A 19 38.92 21.49 28.69
C GLU A 19 37.94 22.21 27.76
N ARG A 20 36.96 22.90 28.34
CA ARG A 20 36.07 23.76 27.56
C ARG A 20 36.85 25.01 27.21
N ARG A 21 36.72 25.46 25.98
CA ARG A 21 37.53 26.58 25.50
C ARG A 21 36.76 27.33 24.42
N LEU A 22 36.51 28.62 24.69
CA LEU A 22 35.86 29.50 23.75
C LEU A 22 36.83 30.61 23.33
N VAL A 23 37.53 30.39 22.21
CA VAL A 23 38.47 31.38 21.66
C VAL A 23 37.79 32.39 20.71
N THR A 24 36.73 31.97 20.04
CA THR A 24 35.93 32.83 19.22
C THR A 24 34.47 32.77 19.68
N ALA A 25 33.66 33.64 19.07
CA ALA A 25 32.19 33.52 19.04
C ALA A 25 31.81 32.15 18.42
N ILE A 26 30.64 31.63 18.79
CA ILE A 26 30.18 30.34 18.30
C ILE A 26 28.99 30.49 17.37
N PRO A 27 29.12 30.05 16.12
CA PRO A 27 30.32 29.50 15.51
C PRO A 27 31.27 30.59 15.10
N GLY A 28 32.55 30.25 15.01
CA GLY A 28 33.60 31.19 14.62
C GLY A 28 33.73 31.32 13.11
N PRO A 29 34.68 32.16 12.65
CA PRO A 29 34.78 32.51 11.22
C PRO A 29 35.00 31.35 10.25
N ILE A 30 35.82 30.39 10.63
CA ILE A 30 36.15 29.27 9.76
C ILE A 30 34.92 28.33 9.64
N SER A 31 34.22 28.14 10.74
CA SER A 31 32.95 27.38 10.71
C SER A 31 31.87 28.04 9.84
N GLN A 32 31.75 29.36 9.94
CA GLN A 32 30.78 30.11 9.10
C GLN A 32 31.11 30.06 7.62
N GLU A 33 32.40 30.06 7.28
CA GLU A 33 32.77 29.86 5.90
C GLU A 33 32.41 28.43 5.46
N LEU A 34 32.73 27.42 6.30
CA LEU A 34 32.40 26.05 5.99
C LEU A 34 30.88 25.87 5.83
N GLN A 35 30.09 26.51 6.71
CA GLN A 35 28.65 26.48 6.54
C GLN A 35 28.17 27.12 5.24
N ALA A 36 28.79 28.22 4.76
CA ALA A 36 28.37 28.80 3.47
C ALA A 36 28.64 27.79 2.35
N ARG A 37 29.74 27.06 2.50
CA ARG A 37 30.09 26.00 1.56
C ARG A 37 29.03 24.88 1.57
N LYS A 38 28.63 24.50 2.78
CA LYS A 38 27.63 23.47 2.99
C LYS A 38 26.35 23.89 2.29
N GLN A 39 25.97 25.16 2.47
CA GLN A 39 24.71 25.66 1.93
C GLN A 39 24.73 25.71 0.40
N SER A 40 25.92 25.76 -0.20
CA SER A 40 26.08 25.74 -1.67
C SER A 40 26.30 24.36 -2.29
N ALA A 41 26.65 23.36 -1.46
CA ALA A 41 27.02 22.05 -1.93
C ALA A 41 26.08 20.93 -1.50
N VAL A 42 25.41 21.12 -0.36
CA VAL A 42 24.63 20.12 0.31
C VAL A 42 23.14 20.46 0.29
N ALA A 43 22.29 19.45 0.05
CA ALA A 43 20.83 19.59 0.05
C ALA A 43 20.36 20.19 1.34
N ALA A 44 19.41 21.12 1.21
CA ALA A 44 18.78 21.79 2.37
C ALA A 44 18.19 20.80 3.37
N GLY A 45 17.69 19.67 2.87
CA GLY A 45 17.03 18.70 3.74
C GLY A 45 17.88 18.14 4.86
N VAL A 46 19.20 18.20 4.66
CA VAL A 46 20.17 17.78 5.65
C VAL A 46 20.42 19.01 6.55
N GLY A 47 19.62 19.14 7.60
CA GLY A 47 19.73 20.27 8.49
C GLY A 47 20.76 20.00 9.59
N VAL A 48 21.42 21.08 9.98
CA VAL A 48 22.52 21.05 10.92
C VAL A 48 22.10 21.77 12.20
N THR A 49 22.12 21.06 13.32
CA THR A 49 21.70 21.61 14.59
C THR A 49 22.63 22.73 15.05
N LEU A 50 23.94 22.45 15.04
CA LEU A 50 24.95 23.38 15.56
C LEU A 50 26.13 23.45 14.61
N PRO A 51 26.22 24.54 13.81
CA PRO A 51 27.19 24.51 12.73
C PRO A 51 28.65 24.77 13.12
N VAL A 52 29.17 24.06 14.10
CA VAL A 52 30.58 24.19 14.44
C VAL A 52 31.25 23.02 13.77
N TYR A 53 32.33 23.28 13.05
CA TYR A 53 32.93 22.25 12.20
C TYR A 53 34.01 21.51 12.97
N VAL A 54 33.89 20.19 13.08
CA VAL A 54 34.71 19.41 14.00
C VAL A 54 35.96 18.99 13.27
N VAL A 55 37.10 19.04 13.96
CA VAL A 55 38.39 18.62 13.42
C VAL A 55 39.05 17.53 14.29
N ALA A 56 38.74 17.47 15.58
CA ALA A 56 39.19 16.37 16.47
C ALA A 56 38.17 16.21 17.59
N ALA A 57 38.13 15.07 18.24
CA ALA A 57 37.22 14.82 19.33
C ALA A 57 37.73 13.65 20.16
N GLY A 58 37.47 13.70 21.46
CA GLY A 58 37.85 12.61 22.33
C GLY A 58 37.46 12.93 23.75
N GLY A 59 37.39 11.89 24.58
CA GLY A 59 37.01 12.04 25.97
C GLY A 59 35.60 12.60 26.03
N GLY A 60 35.49 13.81 26.55
CA GLY A 60 34.20 14.55 26.60
C GLY A 60 34.21 15.82 25.74
N VAL A 61 35.14 15.93 24.79
CA VAL A 61 35.31 17.18 24.05
C VAL A 61 35.28 17.05 22.53
N LEU A 62 34.69 18.07 21.90
CA LEU A 62 34.73 18.25 20.44
C LEU A 62 35.50 19.54 20.21
N ALA A 63 36.56 19.46 19.40
CA ALA A 63 37.39 20.63 19.10
C ALA A 63 37.04 21.03 17.69
N ASP A 64 36.76 22.32 17.48
CA ASP A 64 36.27 22.79 16.17
C ASP A 64 37.35 23.54 15.38
N ALA A 65 37.00 23.96 14.16
CA ALA A 65 37.99 24.49 13.23
C ALA A 65 38.52 25.85 13.64
N ASP A 66 37.75 26.58 14.45
CA ASP A 66 38.24 27.85 15.05
C ASP A 66 39.04 27.75 16.37
N GLY A 67 39.43 26.55 16.81
CA GLY A 67 40.15 26.40 18.08
C GLY A 67 39.26 26.29 19.33
N ASN A 68 37.95 26.31 19.17
CA ASN A 68 37.05 26.08 20.31
C ASN A 68 36.99 24.61 20.74
N GLN A 69 36.77 24.38 22.02
CA GLN A 69 36.50 23.04 22.54
C GLN A 69 35.17 23.14 23.26
N LEU A 70 34.23 22.31 22.82
CA LEU A 70 32.87 22.27 23.37
C LEU A 70 32.66 20.96 24.12
N ILE A 71 31.80 20.99 25.13
CA ILE A 71 31.50 19.81 25.92
C ILE A 71 30.37 19.01 25.23
N ASP A 72 30.62 17.72 25.02
CA ASP A 72 29.74 16.90 24.22
C ASP A 72 28.66 16.18 25.05
N PHE A 73 27.44 16.73 25.09
CA PHE A 73 26.36 16.01 25.80
C PHE A 73 25.44 15.25 24.81
N GLY A 74 25.98 14.93 23.62
CA GLY A 74 25.22 14.31 22.53
C GLY A 74 25.69 12.94 22.04
N SER A 75 27.00 12.70 22.11
CA SER A 75 27.60 11.46 21.62
C SER A 75 27.25 11.17 20.17
N GLY A 76 26.97 12.20 19.39
CA GLY A 76 26.61 12.03 17.99
C GLY A 76 25.27 11.33 17.86
N ILE A 77 24.38 11.63 18.80
CA ILE A 77 23.10 10.89 19.01
C ILE A 77 23.31 9.47 19.54
N ALA A 78 24.04 9.36 20.63
CA ALA A 78 24.20 8.08 21.36
C ALA A 78 25.07 7.05 20.61
N VAL A 79 26.07 7.52 19.89
CA VAL A 79 26.87 6.64 19.05
C VAL A 79 28.23 6.45 19.64
N THR A 80 28.90 7.55 19.97
CA THR A 80 30.23 7.46 20.55
C THR A 80 30.21 7.19 22.05
N THR A 81 29.47 6.16 22.44
CA THR A 81 29.30 5.81 23.85
C THR A 81 30.65 5.53 24.56
N VAL A 82 31.59 4.92 23.84
CA VAL A 82 32.89 4.61 24.42
C VAL A 82 33.90 5.78 24.29
N GLY A 83 33.45 6.90 23.70
CA GLY A 83 34.34 8.00 23.39
C GLY A 83 34.58 8.08 21.89
N ASN A 84 34.75 9.30 21.41
CA ASN A 84 35.17 9.53 20.06
C ASN A 84 36.65 9.09 19.95
N SER A 85 36.98 8.44 18.85
CA SER A 85 38.28 7.85 18.60
C SER A 85 38.89 7.17 19.84
N ALA A 86 38.09 6.32 20.50
CA ALA A 86 38.57 5.49 21.60
C ALA A 86 39.82 4.66 21.20
N PRO A 87 40.85 4.63 22.07
CA PRO A 87 42.12 4.03 21.68
C PRO A 87 42.01 2.63 21.08
N ALA A 88 41.23 1.74 21.70
CA ALA A 88 41.09 0.37 21.20
C ALA A 88 40.45 0.36 19.82
N VAL A 89 39.42 1.17 19.63
CA VAL A 89 38.83 1.35 18.31
C VAL A 89 39.85 1.82 17.25
N VAL A 90 40.59 2.87 17.58
CA VAL A 90 41.61 3.43 16.68
C VAL A 90 42.62 2.36 16.25
N ASP A 91 43.17 1.63 17.23
CA ASP A 91 44.19 0.60 16.97
CA ASP A 91 44.18 0.58 16.98
C ASP A 91 43.62 -0.47 16.03
N ALA A 92 42.43 -0.97 16.35
CA ALA A 92 41.77 -2.01 15.59
C ALA A 92 41.43 -1.55 14.17
N VAL A 93 40.97 -0.30 14.01
CA VAL A 93 40.59 0.16 12.67
C VAL A 93 41.87 0.34 11.84
N THR A 94 42.90 0.89 12.49
CA THR A 94 44.17 1.13 11.85
C THR A 94 44.78 -0.19 11.38
N GLN A 95 44.72 -1.23 12.22
CA GLN A 95 45.17 -2.55 11.80
C GLN A 95 44.29 -3.14 10.68
N GLN A 96 42.97 -3.07 10.82
CA GLN A 96 42.12 -3.69 9.82
C GLN A 96 42.24 -3.02 8.43
N VAL A 97 42.34 -1.71 8.39
CA VAL A 97 42.30 -1.02 7.10
C VAL A 97 43.52 -1.33 6.25
N ALA A 98 44.62 -1.71 6.88
CA ALA A 98 45.82 -2.08 6.11
C ALA A 98 45.73 -3.50 5.50
N ALA A 99 44.83 -4.32 6.03
CA ALA A 99 44.67 -5.71 5.58
C ALA A 99 43.64 -5.81 4.44
N PHE A 100 42.43 -5.35 4.69
CA PHE A 100 41.42 -5.23 3.65
C PHE A 100 40.27 -4.28 4.08
N THR A 101 39.70 -3.58 3.11
CA THR A 101 38.65 -2.65 3.39
C THR A 101 37.27 -3.24 3.20
N HIS A 102 37.14 -4.24 2.33
CA HIS A 102 35.81 -4.78 1.94
C HIS A 102 35.94 -5.99 1.06
N THR A 103 35.11 -6.99 1.31
CA THR A 103 35.01 -8.15 0.43
C THR A 103 33.58 -8.46 -0.05
N CYS A 104 32.58 -7.84 0.60
CA CYS A 104 31.21 -8.34 0.61
C CYS A 104 31.12 -9.74 1.28
N PHE A 105 30.60 -9.79 2.52
CA PHE A 105 30.68 -11.00 3.33
C PHE A 105 30.03 -12.17 2.64
N MET A 106 29.01 -11.87 1.83
CA MET A 106 28.28 -12.86 1.07
C MET A 106 28.99 -13.38 -0.18
N VAL A 107 30.06 -12.72 -0.59
CA VAL A 107 30.86 -13.21 -1.71
C VAL A 107 31.97 -14.04 -1.11
N THR A 108 32.86 -13.39 -0.37
CA THR A 108 33.87 -14.11 0.37
C THR A 108 33.90 -13.61 1.80
N PRO A 109 33.70 -14.53 2.75
CA PRO A 109 33.50 -14.06 4.11
C PRO A 109 34.81 -13.81 4.84
N TYR A 110 34.71 -13.43 6.11
CA TYR A 110 35.85 -13.08 6.92
C TYR A 110 35.47 -13.25 8.40
N GLU A 111 36.48 -13.49 9.20
CA GLU A 111 36.28 -13.89 10.59
C GLU A 111 35.66 -12.79 11.47
N GLY A 112 36.01 -11.54 11.23
CA GLY A 112 35.47 -10.42 12.00
C GLY A 112 33.94 -10.45 12.11
N TYR A 113 33.27 -10.67 10.98
CA TYR A 113 31.78 -10.74 10.93
C TYR A 113 31.31 -11.84 11.90
N VAL A 114 31.95 -13.01 11.79
CA VAL A 114 31.57 -14.19 12.58
C VAL A 114 31.77 -13.96 14.10
N LYS A 115 32.89 -13.34 14.46
CA LYS A 115 33.15 -12.97 15.88
C LYS A 115 32.19 -11.94 16.49
N VAL A 116 31.82 -10.94 15.71
CA VAL A 116 30.80 -10.00 16.15
C VAL A 116 29.47 -10.76 16.39
N ALA A 117 29.08 -11.60 15.46
CA ALA A 117 27.86 -12.41 15.63
C ALA A 117 27.90 -13.28 16.89
N GLU A 118 29.07 -13.88 17.18
CA GLU A 118 29.24 -14.74 18.38
C GLU A 118 29.08 -13.95 19.65
N HIS A 119 29.69 -12.78 19.72
CA HIS A 119 29.60 -11.93 20.88
C HIS A 119 28.19 -11.41 21.10
N LEU A 120 27.53 -10.99 20.03
CA LEU A 120 26.14 -10.55 20.14
C LEU A 120 25.25 -11.67 20.67
N ASN A 121 25.32 -12.84 20.04
CA ASN A 121 24.56 -14.02 20.46
C ASN A 121 24.79 -14.32 21.94
N ARG A 122 26.04 -14.28 22.36
CA ARG A 122 26.42 -14.45 23.76
C ARG A 122 25.87 -13.39 24.74
N LEU A 123 25.90 -12.12 24.35
CA LEU A 123 25.75 -11.00 25.30
C LEU A 123 24.34 -10.44 25.43
N THR A 124 23.56 -10.54 24.37
CA THR A 124 22.18 -10.10 24.41
C THR A 124 21.39 -10.97 25.39
N PRO A 125 20.16 -10.54 25.76
CA PRO A 125 19.42 -11.28 26.79
C PRO A 125 18.99 -12.71 26.43
N GLY A 126 18.86 -13.57 27.44
CA GLY A 126 18.27 -14.90 27.31
C GLY A 126 19.33 -15.97 27.11
N ASP A 127 19.03 -17.19 27.55
CA ASP A 127 19.98 -18.32 27.47
C ASP A 127 19.88 -19.10 26.16
N HIS A 128 18.74 -18.96 25.46
CA HIS A 128 18.44 -19.75 24.30
C HIS A 128 19.45 -19.60 23.17
N GLU A 129 19.37 -20.52 22.21
CA GLU A 129 20.18 -20.45 21.02
C GLU A 129 19.78 -19.26 20.14
N LYS A 130 20.79 -18.53 19.69
CA LYS A 130 20.63 -17.28 18.96
C LYS A 130 21.44 -17.24 17.66
N ARG A 131 21.00 -16.41 16.70
CA ARG A 131 21.78 -16.15 15.47
C ARG A 131 21.75 -14.65 15.18
N THR A 132 22.75 -14.15 14.46
CA THR A 132 22.84 -12.72 14.15
C THR A 132 23.08 -12.50 12.66
N ALA A 133 22.66 -11.34 12.19
CA ALA A 133 22.97 -10.87 10.85
C ALA A 133 23.38 -9.38 10.98
N LEU A 134 24.38 -8.94 10.23
CA LEU A 134 24.90 -7.57 10.37
C LEU A 134 24.53 -6.71 9.15
N PHE A 135 24.31 -5.43 9.37
CA PHE A 135 24.01 -4.47 8.30
C PHE A 135 24.76 -3.16 8.56
N ASN A 136 24.38 -2.08 7.89
CA ASN A 136 25.05 -0.79 8.10
C ASN A 136 24.34 0.15 9.08
N SER A 137 23.05 0.39 8.89
CA SER A 137 22.35 1.40 9.68
C SER A 137 21.25 0.81 10.53
N GLY A 138 20.86 1.56 11.55
CA GLY A 138 19.68 1.24 12.33
C GLY A 138 18.48 0.96 11.44
N ALA A 139 18.09 1.93 10.63
CA ALA A 139 16.95 1.75 9.72
C ALA A 139 17.05 0.38 9.05
N GLU A 140 18.22 0.06 8.52
CA GLU A 140 18.37 -1.23 7.83
C GLU A 140 18.21 -2.43 8.74
N ALA A 141 18.67 -2.31 9.98
CA ALA A 141 18.53 -3.44 10.92
C ALA A 141 17.04 -3.65 11.25
N VAL A 142 16.32 -2.55 11.53
CA VAL A 142 14.84 -2.64 11.75
C VAL A 142 14.13 -3.29 10.55
N GLU A 143 14.40 -2.78 9.33
CA GLU A 143 13.83 -3.40 8.12
C GLU A 143 14.04 -4.90 8.13
N ASN A 144 15.25 -5.30 8.48
CA ASN A 144 15.62 -6.70 8.46
C ASN A 144 14.91 -7.50 9.57
N ALA A 145 14.68 -6.86 10.71
CA ALA A 145 13.91 -7.48 11.79
C ALA A 145 12.50 -7.81 11.33
N VAL A 146 11.89 -6.86 10.62
CA VAL A 146 10.54 -7.06 10.05
C VAL A 146 10.52 -8.17 9.00
N LYS A 147 11.52 -8.17 8.13
CA LYS A 147 11.71 -9.22 7.11
C LYS A 147 11.87 -10.63 7.72
N ILE A 148 12.66 -10.73 8.79
CA ILE A 148 12.83 -11.99 9.49
C ILE A 148 11.47 -12.46 10.08
N ALA A 149 10.72 -11.55 10.69
CA ALA A 149 9.46 -11.92 11.36
C ALA A 149 8.37 -12.34 10.39
N ARG A 150 8.20 -11.60 9.31
CA ARG A 150 7.25 -11.98 8.26
C ARG A 150 7.59 -13.35 7.64
N ALA A 151 8.89 -13.59 7.43
CA ALA A 151 9.33 -14.83 6.83
C ALA A 151 9.13 -16.04 7.74
N TYR A 152 9.51 -15.90 9.01
CA TYR A 152 9.27 -16.94 9.99
C TYR A 152 7.78 -17.21 10.23
N THR A 153 6.99 -16.16 10.45
CA THR A 153 5.57 -16.31 10.86
C THR A 153 4.64 -16.49 9.69
N ARG A 154 5.07 -16.04 8.49
CA ARG A 154 4.26 -15.98 7.26
C ARG A 154 3.00 -15.15 7.49
N ARG A 155 3.15 -14.12 8.34
CA ARG A 155 2.10 -13.15 8.62
C ARG A 155 2.56 -11.74 8.14
N GLN A 156 1.59 -10.84 8.01
CA GLN A 156 1.82 -9.55 7.38
C GLN A 156 2.03 -8.38 8.33
N ALA A 157 1.17 -8.25 9.34
CA ALA A 157 1.11 -7.05 10.17
C ALA A 157 2.32 -6.78 11.11
N VAL A 158 2.70 -5.51 11.18
CA VAL A 158 3.70 -5.00 12.09
C VAL A 158 3.02 -3.95 12.98
N VAL A 159 3.11 -4.17 14.29
CA VAL A 159 2.55 -3.29 15.28
C VAL A 159 3.67 -2.39 15.87
N VAL A 160 3.42 -1.09 15.86
CA VAL A 160 4.35 -0.11 16.36
C VAL A 160 3.58 0.80 17.32
N PHE A 161 4.30 1.69 17.97
CA PHE A 161 3.70 2.52 19.01
C PHE A 161 3.75 4.02 18.77
N ASP A 162 2.84 4.73 19.43
CA ASP A 162 2.94 6.16 19.63
C ASP A 162 4.33 6.48 20.15
N HIS A 163 4.79 7.67 19.79
CA HIS A 163 6.12 8.19 20.10
C HIS A 163 7.30 7.39 19.52
N ALA A 164 7.03 6.48 18.60
CA ALA A 164 8.10 5.59 18.10
C ALA A 164 8.90 6.30 17.05
N TYR A 165 10.19 5.99 17.02
CA TYR A 165 11.07 6.41 15.92
C TYR A 165 11.89 5.21 15.52
N HIS A 166 11.93 4.90 14.23
CA HIS A 166 12.69 3.72 13.80
C HIS A 166 13.58 3.96 12.59
N GLY A 167 13.54 5.13 11.99
CA GLY A 167 14.42 5.37 10.83
C GLY A 167 13.80 6.13 9.66
N ARG A 168 14.60 6.35 8.62
CA ARG A 168 14.17 7.20 7.46
C ARG A 168 13.96 6.50 6.11
N THR A 169 13.91 5.17 6.10
CA THR A 169 13.51 4.44 4.90
C THR A 169 11.96 4.46 4.84
N ASN A 170 11.39 4.13 3.68
CA ASN A 170 9.93 4.11 3.57
C ASN A 170 9.25 3.28 4.72
N LEU A 171 9.59 2.00 4.86
CA LEU A 171 9.04 1.19 5.93
C LEU A 171 9.30 1.78 7.32
N THR A 172 10.54 2.18 7.59
CA THR A 172 10.86 2.72 8.94
C THR A 172 10.16 4.06 9.20
N MET A 173 9.91 4.83 8.13
CA MET A 173 9.06 6.02 8.23
C MET A 173 7.59 5.64 8.52
N ALA A 174 7.08 4.61 7.86
CA ALA A 174 5.75 4.09 8.21
C ALA A 174 5.65 3.80 9.71
N MET A 175 6.72 3.22 10.26
CA MET A 175 6.71 2.70 11.61
C MET A 175 6.94 3.83 12.63
N THR A 176 7.53 4.93 12.18
CA THR A 176 7.73 6.14 12.98
C THR A 176 6.42 6.94 13.18
N ALA A 177 6.20 7.52 14.36
CA ALA A 177 4.93 8.14 14.68
C ALA A 177 4.79 9.59 14.14
N LYS A 178 5.88 10.36 14.18
CA LYS A 178 5.80 11.82 13.98
C LYS A 178 6.00 12.22 12.51
N ASN A 179 5.02 12.93 11.99
CA ASN A 179 5.02 13.33 10.59
C ASN A 179 6.11 14.36 10.30
N GLN A 180 6.21 15.39 11.14
CA GLN A 180 7.09 16.55 10.90
C GLN A 180 8.41 16.39 11.64
N PRO A 181 9.52 16.40 10.92
CA PRO A 181 9.69 16.42 9.48
C PRO A 181 10.06 15.03 8.88
N TYR A 182 9.88 13.97 9.67
CA TYR A 182 10.43 12.67 9.26
C TYR A 182 9.72 12.06 8.06
N LYS A 183 8.43 12.30 7.95
CA LYS A 183 7.59 11.62 6.97
C LYS A 183 6.98 12.55 5.92
N HIS A 184 6.88 13.84 6.28
CA HIS A 184 6.13 14.81 5.49
C HIS A 184 6.51 14.82 4.01
N GLY A 185 5.58 14.53 3.13
CA GLY A 185 5.85 14.57 1.70
C GLY A 185 6.58 13.39 1.04
N PHE A 186 6.90 12.33 1.79
CA PHE A 186 7.71 11.24 1.30
C PHE A 186 6.94 9.95 0.98
N GLY A 187 5.63 9.95 1.14
CA GLY A 187 4.85 8.73 1.03
C GLY A 187 4.29 8.58 -0.38
N PRO A 188 3.40 7.60 -0.61
CA PRO A 188 2.85 6.66 0.36
C PRO A 188 3.81 5.63 0.96
N PHE A 189 3.39 5.08 2.09
CA PHE A 189 4.23 4.26 2.96
C PHE A 189 3.83 2.80 2.96
N ALA A 190 4.84 1.93 3.01
CA ALA A 190 4.65 0.49 3.24
C ALA A 190 3.48 0.26 4.21
N ASN A 191 2.55 -0.63 3.86
CA ASN A 191 1.31 -0.86 4.63
C ASN A 191 1.32 -2.12 5.51
N GLU A 192 0.17 -2.45 6.10
CA GLU A 192 0.04 -3.48 7.13
C GLU A 192 0.93 -3.18 8.37
N VAL A 193 1.07 -1.88 8.63
CA VAL A 193 1.68 -1.30 9.79
C VAL A 193 0.57 -0.65 10.66
N TYR A 194 0.43 -1.12 11.91
CA TYR A 194 -0.65 -0.65 12.79
C TYR A 194 -0.06 -0.06 14.08
N ARG A 195 -0.57 1.10 14.49
CA ARG A 195 -0.05 1.76 15.67
C ARG A 195 -1.07 1.75 16.79
N VAL A 196 -0.58 1.55 18.02
CA VAL A 196 -1.36 1.59 19.25
C VAL A 196 -0.62 2.42 20.31
N PRO A 197 -1.32 2.89 21.32
CA PRO A 197 -0.69 3.68 22.41
C PRO A 197 0.46 2.98 23.14
N THR A 198 1.41 3.79 23.61
CA THR A 198 2.50 3.30 24.45
C THR A 198 2.15 3.61 25.90
N SER A 199 3.13 3.54 26.80
CA SER A 199 2.98 3.91 28.20
C SER A 199 3.87 5.12 28.43
N TYR A 200 3.23 6.23 28.86
CA TYR A 200 3.89 7.55 28.94
C TYR A 200 3.26 8.20 30.18
N PRO A 201 3.72 7.80 31.35
CA PRO A 201 3.02 8.14 32.59
C PRO A 201 2.83 9.64 32.86
N PHE A 202 3.84 10.46 32.56
CA PHE A 202 3.68 11.91 32.68
C PHE A 202 2.39 12.39 32.02
N ARG A 203 2.08 11.80 30.87
CA ARG A 203 0.98 12.25 30.04
C ARG A 203 -0.25 11.42 30.08
N ASP A 204 -0.14 10.13 30.37
CA ASP A 204 -1.34 9.28 30.38
C ASP A 204 -1.86 9.04 31.81
N GLY A 205 -1.08 9.42 32.81
CA GLY A 205 -1.52 9.35 34.20
C GLY A 205 -1.51 7.97 34.80
N GLU A 206 -0.85 7.01 34.13
CA GLU A 206 -0.89 5.59 34.55
C GLU A 206 0.47 5.02 34.89
N THR A 207 0.77 4.94 36.20
CA THR A 207 2.00 4.34 36.74
C THR A 207 2.09 2.81 36.57
N ASP A 208 0.96 2.15 36.26
CA ASP A 208 0.93 0.68 36.12
C ASP A 208 1.05 0.22 34.67
N GLY A 209 2.25 -0.20 34.28
CA GLY A 209 2.52 -0.69 32.95
C GLY A 209 1.64 -1.83 32.48
N ALA A 210 1.32 -2.77 33.36
CA ALA A 210 0.40 -3.88 33.01
C ALA A 210 -0.94 -3.36 32.51
N ALA A 211 -1.44 -2.31 33.16
CA ALA A 211 -2.72 -1.70 32.79
C ALA A 211 -2.65 -0.99 31.44
N ALA A 212 -1.58 -0.25 31.19
CA ALA A 212 -1.38 0.39 29.90
C ALA A 212 -1.22 -0.65 28.79
N ALA A 213 -0.56 -1.78 29.07
CA ALA A 213 -0.36 -2.81 28.03
C ALA A 213 -1.66 -3.47 27.64
N ALA A 214 -2.53 -3.70 28.63
CA ALA A 214 -3.85 -4.29 28.39
C ALA A 214 -4.65 -3.51 27.34
N HIS A 215 -4.56 -2.19 27.41
CA HIS A 215 -5.27 -1.33 26.49
C HIS A 215 -4.65 -1.46 25.09
N ALA A 216 -3.33 -1.50 25.01
CA ALA A 216 -2.64 -1.64 23.72
C ALA A 216 -2.96 -2.98 23.06
N LEU A 217 -2.92 -4.02 23.89
CA LEU A 217 -3.17 -5.38 23.45
C LEU A 217 -4.62 -5.61 23.02
N ASP A 218 -5.56 -4.96 23.68
CA ASP A 218 -6.95 -5.07 23.28
C ASP A 218 -7.10 -4.46 21.86
N LEU A 219 -6.50 -3.31 21.60
CA LEU A 219 -6.54 -2.74 20.24
C LEU A 219 -5.93 -3.68 19.20
N ILE A 220 -4.83 -4.36 19.54
CA ILE A 220 -4.21 -5.31 18.62
CA ILE A 220 -4.22 -5.31 18.61
C ILE A 220 -5.19 -6.47 18.35
N ASN A 221 -5.75 -7.04 19.41
CA ASN A 221 -6.63 -8.21 19.28
C ASN A 221 -7.83 -7.86 18.42
N LYS A 222 -8.45 -6.71 18.67
CA LYS A 222 -9.69 -6.39 18.00
C LYS A 222 -9.48 -5.83 16.59
N GLN A 223 -8.48 -5.00 16.38
CA GLN A 223 -8.31 -4.25 15.12
C GLN A 223 -7.34 -4.91 14.13
N VAL A 224 -6.31 -5.59 14.64
CA VAL A 224 -5.38 -6.26 13.77
C VAL A 224 -5.65 -7.76 13.67
N GLY A 225 -5.88 -8.40 14.82
CA GLY A 225 -6.08 -9.86 14.90
C GLY A 225 -4.79 -10.50 15.30
N ALA A 226 -4.77 -11.23 16.42
CA ALA A 226 -3.55 -11.79 16.98
C ALA A 226 -2.81 -12.65 15.97
N ASP A 227 -3.55 -13.45 15.23
CA ASP A 227 -2.95 -14.34 14.23
C ASP A 227 -2.37 -13.66 12.98
N ASN A 228 -2.65 -12.38 12.77
CA ASN A 228 -2.17 -11.62 11.61
C ASN A 228 -0.86 -10.86 11.88
N VAL A 229 -0.39 -10.89 13.14
CA VAL A 229 0.73 -10.10 13.60
C VAL A 229 2.02 -10.88 13.53
N ALA A 230 2.86 -10.47 12.58
CA ALA A 230 4.24 -10.93 12.44
C ALA A 230 5.12 -10.43 13.55
N ALA A 231 4.99 -9.14 13.89
CA ALA A 231 5.94 -8.50 14.78
C ALA A 231 5.32 -7.39 15.59
N VAL A 232 5.69 -7.36 16.88
CA VAL A 232 5.44 -6.19 17.73
C VAL A 232 6.76 -5.55 18.00
N VAL A 233 6.91 -4.31 17.57
CA VAL A 233 8.22 -3.63 17.56
C VAL A 233 8.15 -2.39 18.48
N ILE A 234 9.02 -2.35 19.48
CA ILE A 234 9.08 -1.24 20.43
C ILE A 234 10.48 -0.96 20.92
N GLU A 235 10.77 0.33 21.14
CA GLU A 235 11.99 0.79 21.81
C GLU A 235 11.84 0.66 23.33
N PRO A 236 12.87 0.20 24.04
CA PRO A 236 12.60 0.12 25.48
C PRO A 236 12.53 1.46 26.17
N VAL A 237 13.25 2.46 25.65
CA VAL A 237 12.99 3.88 25.89
C VAL A 237 12.84 4.57 24.53
N HIS A 238 11.70 5.21 24.28
CA HIS A 238 11.47 5.95 23.05
C HIS A 238 12.41 7.14 22.99
N GLY A 239 13.36 7.11 22.05
CA GLY A 239 14.42 8.09 22.03
C GLY A 239 14.03 9.42 21.44
N GLU A 240 13.93 9.47 20.11
CA GLU A 240 13.52 10.70 19.44
C GLU A 240 12.13 11.13 19.92
N GLY A 241 11.32 10.18 20.33
CA GLY A 241 10.00 10.51 20.86
C GLY A 241 9.98 11.18 22.24
N GLY A 242 11.15 11.42 22.84
CA GLY A 242 11.24 12.21 24.08
C GLY A 242 11.82 11.52 25.30
N PHE A 243 12.66 10.50 25.08
CA PHE A 243 13.20 9.67 26.15
C PHE A 243 12.05 9.26 27.09
N VAL A 244 11.01 8.70 26.49
CA VAL A 244 9.84 8.26 27.21
C VAL A 244 10.06 6.82 27.61
N VAL A 245 9.93 6.56 28.90
CA VAL A 245 10.20 5.25 29.50
C VAL A 245 8.88 4.62 29.89
N PRO A 246 8.51 3.50 29.26
CA PRO A 246 7.26 2.86 29.67
C PRO A 246 7.24 2.45 31.17
N ALA A 247 6.07 2.41 31.78
CA ALA A 247 5.97 2.12 33.20
C ALA A 247 6.34 0.66 33.40
N PRO A 248 6.81 0.30 34.61
CA PRO A 248 7.19 -1.08 34.84
C PRO A 248 6.04 -2.05 34.60
N GLY A 249 6.30 -3.09 33.84
CA GLY A 249 5.29 -4.10 33.50
C GLY A 249 4.94 -4.08 32.01
N PHE A 250 5.16 -2.95 31.34
CA PHE A 250 4.64 -2.76 29.97
C PHE A 250 5.33 -3.64 28.96
N LEU A 251 6.67 -3.65 28.95
CA LEU A 251 7.39 -4.43 27.95
C LEU A 251 7.22 -5.91 28.18
N GLY A 252 7.16 -6.30 29.46
CA GLY A 252 6.93 -7.69 29.87
C GLY A 252 5.60 -8.23 29.40
N ALA A 253 4.55 -7.43 29.52
CA ALA A 253 3.24 -7.85 29.05
C ALA A 253 3.20 -7.95 27.50
N LEU A 254 3.92 -7.08 26.79
CA LEU A 254 4.04 -7.27 25.34
C LEU A 254 4.76 -8.58 24.97
N GLN A 255 5.83 -8.92 25.69
CA GLN A 255 6.62 -10.15 25.42
C GLN A 255 5.73 -11.41 25.60
N LYS A 256 5.01 -11.49 26.72
CA LYS A 256 4.10 -12.60 27.00
C LYS A 256 3.02 -12.77 25.89
N TRP A 257 2.42 -11.65 25.48
CA TRP A 257 1.38 -11.68 24.42
C TRP A 257 1.93 -12.25 23.13
N CYS A 258 3.11 -11.80 22.78
CA CYS A 258 3.80 -12.28 21.59
C CYS A 258 4.04 -13.79 21.62
N THR A 259 4.61 -14.28 22.71
CA THR A 259 4.86 -15.72 22.86
C THR A 259 3.53 -16.49 22.78
N ASP A 260 2.55 -16.06 23.58
CA ASP A 260 1.21 -16.64 23.53
C ASP A 260 0.57 -16.67 22.12
N ASN A 261 0.79 -15.67 21.29
CA ASN A 261 0.01 -15.56 20.06
C ASN A 261 0.84 -15.79 18.79
N GLY A 262 2.11 -16.11 18.98
CA GLY A 262 2.98 -16.50 17.87
C GLY A 262 3.51 -15.36 17.03
N ALA A 263 3.55 -14.18 17.63
CA ALA A 263 4.05 -12.98 17.00
C ALA A 263 5.46 -12.83 17.48
N VAL A 264 6.31 -12.16 16.70
CA VAL A 264 7.72 -12.00 17.08
C VAL A 264 7.91 -10.66 17.78
N PHE A 265 8.41 -10.70 19.01
CA PHE A 265 8.61 -9.48 19.80
C PHE A 265 10.01 -8.98 19.56
N VAL A 266 10.10 -7.74 19.09
CA VAL A 266 11.33 -7.14 18.64
C VAL A 266 11.63 -5.92 19.50
N ALA A 267 12.71 -5.97 20.29
CA ALA A 267 13.16 -4.81 21.05
C ALA A 267 14.05 -3.99 20.16
N ASP A 268 13.66 -2.76 19.82
CA ASP A 268 14.52 -1.86 19.05
C ASP A 268 15.48 -1.17 20.02
N GLU A 269 16.69 -1.72 20.15
CA GLU A 269 17.70 -1.17 21.06
C GLU A 269 18.78 -0.39 20.31
N VAL A 270 18.42 0.15 19.15
CA VAL A 270 19.32 1.00 18.37
C VAL A 270 19.97 2.11 19.25
N GLN A 271 19.18 2.77 20.06
CA GLN A 271 19.70 3.90 20.90
C GLN A 271 20.05 3.49 22.37
N THR A 272 19.25 2.57 22.93
CA THR A 272 19.43 2.07 24.31
C THR A 272 20.52 0.99 24.54
N GLY A 273 20.96 0.33 23.47
CA GLY A 273 21.93 -0.75 23.56
C GLY A 273 23.37 -0.33 23.85
N PHE A 274 24.18 -1.32 24.23
CA PHE A 274 25.60 -1.13 24.50
C PHE A 274 25.90 -0.13 25.62
N ALA A 275 25.39 -0.43 26.81
CA ALA A 275 25.73 0.26 28.07
C ALA A 275 25.06 1.62 28.29
N ARG A 276 24.37 2.14 27.28
CA ARG A 276 23.80 3.46 27.35
C ARG A 276 22.94 3.66 28.59
N THR A 277 22.20 2.63 29.03
CA THR A 277 21.22 2.85 30.10
C THR A 277 21.59 2.37 31.49
N GLY A 278 22.84 1.97 31.76
CA GLY A 278 23.16 1.41 33.07
C GLY A 278 22.95 -0.10 33.17
N ALA A 279 22.48 -0.70 32.07
CA ALA A 279 22.71 -2.13 31.84
C ALA A 279 23.28 -2.29 30.43
N LEU A 280 23.73 -3.48 30.06
CA LEU A 280 24.39 -3.63 28.76
C LEU A 280 23.35 -3.44 27.67
N PHE A 281 22.17 -4.01 27.92
CA PHE A 281 20.96 -3.72 27.15
C PHE A 281 19.81 -3.32 28.06
N ALA A 282 18.95 -2.43 27.57
CA ALA A 282 17.86 -1.84 28.37
C ALA A 282 16.82 -2.84 28.78
N CYS A 283 16.62 -3.87 27.96
CA CYS A 283 15.75 -5.00 28.30
C CYS A 283 16.07 -5.66 29.65
N GLU A 284 17.35 -5.68 30.04
CA GLU A 284 17.80 -6.22 31.34
C GLU A 284 17.12 -5.56 32.54
N HIS A 285 16.79 -4.26 32.44
CA HIS A 285 16.25 -3.50 33.58
C HIS A 285 15.04 -4.20 34.17
N GLU A 286 14.23 -4.81 33.32
CA GLU A 286 13.03 -5.51 33.77
C GLU A 286 13.03 -7.01 33.47
N ASN A 287 14.21 -7.60 33.26
CA ASN A 287 14.33 -9.01 32.87
C ASN A 287 13.46 -9.38 31.66
N VAL A 288 13.43 -8.50 30.67
CA VAL A 288 12.70 -8.75 29.42
C VAL A 288 13.65 -9.50 28.47
N VAL A 289 13.17 -10.62 27.94
CA VAL A 289 13.89 -11.40 26.95
C VAL A 289 13.06 -11.32 25.61
N PRO A 290 13.53 -10.51 24.66
CA PRO A 290 12.76 -10.33 23.43
C PRO A 290 13.09 -11.43 22.44
N ASP A 291 12.18 -11.68 21.50
CA ASP A 291 12.44 -12.68 20.46
C ASP A 291 13.61 -12.24 19.53
N LEU A 292 13.58 -10.99 19.06
CA LEU A 292 14.67 -10.38 18.32
C LEU A 292 15.07 -9.08 19.00
N ILE A 293 16.36 -8.71 18.85
CA ILE A 293 16.86 -7.44 19.36
C ILE A 293 17.71 -6.78 18.29
N VAL A 294 17.36 -5.52 18.01
CA VAL A 294 18.02 -4.68 17.02
C VAL A 294 19.03 -3.76 17.71
N THR A 295 20.24 -3.72 17.17
CA THR A 295 21.31 -2.87 17.70
C THR A 295 22.01 -2.12 16.58
N ALA A 296 22.69 -1.03 16.97
CA ALA A 296 23.36 -0.10 16.07
C ALA A 296 24.06 1.00 16.91
N LYS A 297 24.18 2.20 16.37
CA LYS A 297 24.80 3.36 17.07
C LYS A 297 26.03 3.03 17.91
N GLY A 298 25.84 2.75 19.20
CA GLY A 298 26.97 2.49 20.08
C GLY A 298 27.89 1.33 19.72
N ILE A 299 27.39 0.42 18.88
CA ILE A 299 27.98 -0.88 18.66
C ILE A 299 29.43 -0.87 18.13
N ALA A 300 29.78 0.07 17.26
CA ALA A 300 31.12 0.10 16.60
C ALA A 300 31.82 1.48 16.78
N GLY A 301 31.55 2.10 17.93
CA GLY A 301 32.22 3.34 18.33
C GLY A 301 32.34 4.45 17.30
N GLY A 302 31.34 4.60 16.42
CA GLY A 302 31.38 5.58 15.33
C GLY A 302 31.20 5.02 13.92
N LEU A 303 31.74 3.82 13.67
CA LEU A 303 31.74 3.26 12.33
C LEU A 303 30.33 2.71 12.00
N PRO A 304 29.90 2.70 10.71
CA PRO A 304 28.54 2.26 10.36
C PRO A 304 28.39 0.74 10.50
N LEU A 305 27.58 0.32 11.47
CA LEU A 305 27.28 -1.09 11.70
C LEU A 305 25.97 -1.18 12.45
N SER A 306 25.18 -2.19 12.13
CA SER A 306 23.94 -2.44 12.86
C SER A 306 23.75 -3.95 12.86
N ALA A 307 22.78 -4.45 13.61
CA ALA A 307 22.64 -5.87 13.79
C ALA A 307 21.22 -6.26 14.22
N VAL A 308 20.84 -7.47 13.85
CA VAL A 308 19.65 -8.15 14.34
C VAL A 308 20.12 -9.47 14.91
N THR A 309 19.74 -9.72 16.17
CA THR A 309 20.09 -10.93 16.90
C THR A 309 18.78 -11.49 17.47
N GLY A 310 18.55 -12.80 17.38
CA GLY A 310 17.35 -13.37 17.99
C GLY A 310 17.35 -14.89 17.99
N ARG A 311 16.23 -15.45 18.46
CA ARG A 311 16.02 -16.91 18.52
C ARG A 311 16.44 -17.54 17.20
N ALA A 312 17.30 -18.55 17.27
CA ALA A 312 17.86 -19.19 16.08
C ALA A 312 16.81 -19.51 15.02
N GLU A 313 15.70 -20.11 15.46
CA GLU A 313 14.69 -20.63 14.51
C GLU A 313 13.99 -19.49 13.80
N ILE A 314 13.78 -18.39 14.50
CA ILE A 314 13.17 -17.19 13.89
C ILE A 314 14.15 -16.54 12.89
N MET A 315 15.36 -16.27 13.38
CA MET A 315 16.40 -15.68 12.55
C MET A 315 16.64 -16.50 11.28
N ASP A 316 16.49 -17.81 11.37
CA ASP A 316 16.74 -18.71 10.22
C ASP A 316 15.53 -18.80 9.29
N GLY A 317 14.44 -18.12 9.65
CA GLY A 317 13.26 -17.98 8.79
C GLY A 317 13.56 -17.66 7.34
N PRO A 318 14.20 -16.52 7.05
CA PRO A 318 14.49 -16.21 5.64
C PRO A 318 15.40 -17.27 4.98
N GLN A 319 15.15 -17.58 3.70
CA GLN A 319 16.02 -18.46 2.96
C GLN A 319 17.39 -17.86 2.64
N SER A 320 18.34 -18.75 2.37
CA SER A 320 19.68 -18.39 1.94
C SER A 320 19.64 -17.36 0.81
N GLY A 321 20.34 -16.25 1.00
CA GLY A 321 20.39 -15.17 0.02
C GLY A 321 19.25 -14.15 0.14
N GLY A 322 18.33 -14.40 1.04
CA GLY A 322 17.19 -13.55 1.25
C GLY A 322 17.50 -12.35 2.11
N LEU A 323 18.55 -12.46 2.93
CA LEU A 323 19.11 -11.36 3.72
C LEU A 323 20.45 -10.86 3.15
N GLY A 324 20.70 -9.56 3.25
CA GLY A 324 22.01 -9.08 2.81
C GLY A 324 22.14 -7.60 2.60
N GLY A 325 22.93 -7.22 1.61
CA GLY A 325 23.33 -5.82 1.40
C GLY A 325 24.80 -5.88 1.07
N THR A 326 25.32 -4.90 0.32
CA THR A 326 26.67 -5.00 -0.18
C THR A 326 27.70 -4.80 0.93
N TYR A 327 27.54 -3.74 1.72
CA TYR A 327 28.54 -3.32 2.69
C TYR A 327 28.41 -3.96 4.04
N GLY A 328 27.28 -4.61 4.33
CA GLY A 328 26.93 -4.94 5.73
C GLY A 328 27.97 -5.72 6.52
N GLY A 329 28.17 -5.34 7.78
CA GLY A 329 29.19 -6.00 8.58
C GLY A 329 30.56 -5.81 7.98
N ASN A 330 30.80 -4.57 7.54
CA ASN A 330 32.06 -4.15 6.98
C ASN A 330 33.25 -4.48 7.90
N PRO A 331 34.37 -4.97 7.31
CA PRO A 331 35.53 -5.45 8.11
C PRO A 331 36.03 -4.43 9.12
N LEU A 332 36.08 -3.15 8.76
CA LEU A 332 36.58 -2.10 9.69
C LEU A 332 35.59 -1.90 10.83
N ALA A 333 34.30 -1.93 10.50
CA ALA A 333 33.26 -1.81 11.49
C ALA A 333 33.24 -2.99 12.48
N CYS A 334 33.45 -4.20 12.00
CA CYS A 334 33.49 -5.35 12.89
C CYS A 334 34.69 -5.23 13.81
N ALA A 335 35.85 -4.89 13.26
CA ALA A 335 37.03 -4.70 14.09
C ALA A 335 36.78 -3.62 15.16
N ALA A 336 36.08 -2.53 14.79
CA ALA A 336 35.73 -1.49 15.74
C ALA A 336 34.74 -2.00 16.81
N ALA A 337 33.81 -2.86 16.40
CA ALA A 337 32.81 -3.42 17.31
C ALA A 337 33.46 -4.32 18.36
N LEU A 338 34.45 -5.10 17.94
CA LEU A 338 35.16 -5.99 18.85
C LEU A 338 35.93 -5.21 19.92
N ALA A 339 36.56 -4.11 19.52
CA ALA A 339 37.20 -3.20 20.46
C ALA A 339 36.20 -2.54 21.40
N VAL A 340 35.02 -2.16 20.89
CA VAL A 340 33.97 -1.60 21.75
C VAL A 340 33.54 -2.59 22.84
N ILE A 341 33.29 -3.84 22.44
CA ILE A 341 32.90 -4.86 23.40
C ILE A 341 33.97 -5.09 24.46
N ASP A 342 35.23 -5.16 24.02
CA ASP A 342 36.36 -5.31 24.94
C ASP A 342 36.49 -4.10 25.89
N THR A 343 36.34 -2.88 25.37
CA THR A 343 36.47 -1.67 26.17
C THR A 343 35.34 -1.58 27.22
N ILE A 344 34.13 -1.98 26.83
CA ILE A 344 33.01 -2.04 27.77
C ILE A 344 33.35 -2.93 28.98
N GLU A 345 33.81 -4.15 28.69
CA GLU A 345 34.20 -5.10 29.74
C GLU A 345 35.38 -4.56 30.55
N ARG A 346 36.44 -4.23 29.84
CA ARG A 346 37.71 -3.81 30.45
C ARG A 346 37.60 -2.57 31.36
N GLU A 347 36.81 -1.57 30.94
CA GLU A 347 36.66 -0.32 31.71
C GLU A 347 35.38 -0.28 32.52
N ASN A 348 34.69 -1.42 32.61
CA ASN A 348 33.38 -1.48 33.25
CA ASN A 348 33.41 -1.47 33.28
C ASN A 348 32.56 -0.23 32.96
N LEU A 349 32.21 -0.06 31.70
CA LEU A 349 31.44 1.12 31.32
C LEU A 349 29.96 1.03 31.67
N VAL A 350 29.43 -0.18 31.87
CA VAL A 350 28.06 -0.35 32.37
C VAL A 350 27.89 0.32 33.75
N ALA A 351 28.82 0.10 34.65
CA ALA A 351 28.84 0.78 35.97
C ALA A 351 29.13 2.29 35.85
N ARG A 352 29.95 2.64 34.87
CA ARG A 352 30.21 4.04 34.58
C ARG A 352 28.93 4.74 34.09
N ALA A 353 28.17 4.07 33.23
CA ALA A 353 26.88 4.59 32.84
C ALA A 353 25.99 4.81 34.08
N ARG A 354 26.00 3.89 35.02
CA ARG A 354 25.23 4.07 36.26
C ARG A 354 25.71 5.25 37.11
N ALA A 355 27.01 5.42 37.26
CA ALA A 355 27.58 6.54 38.02
C ALA A 355 27.20 7.89 37.37
N ILE A 356 27.24 7.95 36.03
CA ILE A 356 26.96 9.19 35.33
C ILE A 356 25.50 9.56 35.56
N GLY A 357 24.62 8.58 35.52
CA GLY A 357 23.21 8.80 35.70
C GLY A 357 22.87 9.29 37.09
N GLU A 358 23.44 8.65 38.12
CA GLU A 358 23.30 9.10 39.50
C GLU A 358 23.58 10.62 39.59
N THR A 359 24.70 11.06 39.03
CA THR A 359 25.06 12.47 39.05
C THR A 359 24.07 13.34 38.29
N MET A 360 23.72 12.94 37.07
CA MET A 360 22.79 13.73 36.25
C MET A 360 21.39 13.82 36.87
N LEU A 361 20.87 12.71 37.40
CA LEU A 361 19.56 12.71 38.02
C LEU A 361 19.55 13.56 39.27
N SER A 362 20.66 13.58 39.99
CA SER A 362 20.76 14.35 41.22
C SER A 362 20.77 15.85 40.88
N ARG A 363 21.66 16.27 39.99
CA ARG A 363 21.73 17.67 39.57
C ARG A 363 20.47 18.16 38.87
N LEU A 364 19.92 17.36 37.95
CA LEU A 364 18.71 17.74 37.26
C LEU A 364 17.48 17.70 38.20
N GLY A 365 17.49 16.80 39.17
CA GLY A 365 16.40 16.75 40.16
C GLY A 365 16.41 18.03 40.95
N ALA A 366 17.61 18.47 41.32
CA ALA A 366 17.74 19.69 42.09
C ALA A 366 17.37 20.92 41.21
N LEU A 367 17.67 20.89 39.91
CA LEU A 367 17.21 22.01 39.07
C LEU A 367 15.69 22.05 39.06
N ALA A 368 15.08 20.87 38.91
CA ALA A 368 13.64 20.78 38.79
C ALA A 368 12.93 21.14 40.08
N ALA A 369 13.59 20.88 41.21
CA ALA A 369 13.05 21.24 42.51
C ALA A 369 12.88 22.74 42.63
N ALA A 370 13.73 23.52 41.98
CA ALA A 370 13.69 24.98 42.05
C ALA A 370 13.18 25.66 40.77
N ASP A 371 12.87 24.89 39.73
CA ASP A 371 12.39 25.45 38.46
C ASP A 371 11.22 24.62 37.91
N PRO A 372 9.99 25.05 38.21
CA PRO A 372 8.80 24.31 37.79
C PRO A 372 8.55 24.27 36.26
N ARG A 373 9.41 24.91 35.48
CA ARG A 373 9.31 24.77 34.01
C ARG A 373 9.79 23.40 33.56
N ILE A 374 10.46 22.69 34.47
CA ILE A 374 10.82 21.31 34.24
C ILE A 374 9.68 20.47 34.79
N GLY A 375 8.94 19.85 33.88
CA GLY A 375 7.80 19.05 34.25
C GLY A 375 8.18 17.71 34.85
N GLU A 376 9.17 17.06 34.22
CA GLU A 376 9.63 15.73 34.61
C GLU A 376 11.13 15.57 34.28
N VAL A 377 11.86 14.85 35.12
CA VAL A 377 13.20 14.39 34.79
C VAL A 377 13.05 12.88 34.67
N ARG A 378 13.62 12.28 33.63
CA ARG A 378 13.40 10.85 33.38
C ARG A 378 14.56 10.23 32.59
N GLY A 379 14.60 8.89 32.55
CA GLY A 379 15.68 8.11 31.96
C GLY A 379 16.54 7.35 32.98
N ARG A 380 17.55 6.63 32.48
CA ARG A 380 18.51 6.01 33.38
C ARG A 380 19.88 6.02 32.74
N GLY A 381 20.90 5.74 33.54
CA GLY A 381 22.25 5.61 33.05
C GLY A 381 22.71 6.91 32.39
N ALA A 382 23.17 6.80 31.15
CA ALA A 382 23.66 7.97 30.42
C ALA A 382 22.65 8.41 29.38
N MET A 383 21.35 8.23 29.68
CA MET A 383 20.24 8.52 28.77
C MET A 383 19.11 9.20 29.55
N ILE A 384 19.31 10.48 29.78
CA ILE A 384 18.50 11.24 30.72
C ILE A 384 17.92 12.43 29.98
N ALA A 385 16.73 12.85 30.40
CA ALA A 385 16.01 13.93 29.71
C ALA A 385 15.19 14.74 30.71
N VAL A 386 14.95 16.01 30.39
CA VAL A 386 13.94 16.81 31.09
C VAL A 386 12.88 17.27 30.08
N GLU A 387 11.61 17.17 30.47
CA GLU A 387 10.52 17.70 29.66
C GLU A 387 10.10 19.07 30.15
N LEU A 388 9.99 20.02 29.22
CA LEU A 388 9.72 21.42 29.57
C LEU A 388 8.26 21.79 29.27
N VAL A 389 7.59 22.27 30.29
CA VAL A 389 6.17 22.61 30.23
C VAL A 389 5.84 23.98 30.89
N LYS A 390 4.65 24.46 30.63
CA LYS A 390 4.04 25.51 31.46
C LYS A 390 3.97 24.97 32.88
N PRO A 391 4.48 25.71 33.88
CA PRO A 391 4.54 25.19 35.28
C PRO A 391 3.24 24.56 35.82
N GLY A 392 3.35 23.39 36.43
CA GLY A 392 2.19 22.63 36.92
C GLY A 392 1.31 21.92 35.89
N THR A 393 1.61 22.03 34.60
CA THR A 393 0.78 21.44 33.53
C THR A 393 1.60 20.47 32.70
N THR A 394 0.93 19.85 31.73
CA THR A 394 1.59 19.07 30.68
C THR A 394 1.53 19.83 29.33
N GLU A 395 1.17 21.12 29.35
CA GLU A 395 1.29 21.94 28.14
C GLU A 395 2.77 22.12 27.70
N PRO A 396 3.12 21.66 26.49
CA PRO A 396 4.52 21.73 26.08
C PRO A 396 5.05 23.14 25.94
N ASP A 397 6.37 23.30 26.16
CA ASP A 397 7.07 24.57 25.88
C ASP A 397 8.27 24.34 24.97
N ALA A 398 7.97 24.07 23.72
CA ALA A 398 8.97 23.92 22.69
C ALA A 398 9.77 25.23 22.55
N ASP A 399 9.08 26.36 22.62
CA ASP A 399 9.77 27.66 22.56
C ASP A 399 10.91 27.83 23.59
N LEU A 400 10.61 27.58 24.86
CA LEU A 400 11.61 27.65 25.90
C LEU A 400 12.74 26.67 25.58
N THR A 401 12.38 25.45 25.15
CA THR A 401 13.37 24.41 24.87
C THR A 401 14.39 24.87 23.81
N LYS A 402 13.90 25.46 22.71
CA LYS A 402 14.81 26.00 21.67
C LYS A 402 15.63 27.17 22.22
N ARG A 403 15.03 27.99 23.08
CA ARG A 403 15.80 29.10 23.71
C ARG A 403 16.91 28.55 24.57
N VAL A 404 16.59 27.54 25.40
CA VAL A 404 17.59 26.87 26.24
C VAL A 404 18.71 26.23 25.38
N ALA A 405 18.38 25.46 24.32
CA ALA A 405 19.43 24.81 23.54
C ALA A 405 20.34 25.88 22.89
N ALA A 406 19.72 26.93 22.36
CA ALA A 406 20.49 28.01 21.72
C ALA A 406 21.47 28.69 22.69
N ALA A 407 21.02 28.98 23.90
CA ALA A 407 21.93 29.54 24.93
C ALA A 407 23.04 28.54 25.32
N ALA A 408 22.67 27.25 25.44
CA ALA A 408 23.63 26.24 25.85
C ALA A 408 24.70 26.07 24.75
N HIS A 409 24.28 26.01 23.49
CA HIS A 409 25.24 25.95 22.39
C HIS A 409 26.19 27.14 22.40
N ALA A 410 25.61 28.33 22.60
CA ALA A 410 26.38 29.58 22.69
C ALA A 410 27.44 29.61 23.82
N GLN A 411 27.24 28.81 24.87
CA GLN A 411 28.23 28.65 25.92
C GLN A 411 29.05 27.36 25.76
N GLY A 412 29.06 26.82 24.54
CA GLY A 412 29.89 25.67 24.20
C GLY A 412 29.47 24.33 24.77
N LEU A 413 28.17 24.15 25.02
CA LEU A 413 27.65 22.86 25.45
C LEU A 413 26.74 22.27 24.38
N VAL A 414 27.10 21.09 23.88
CA VAL A 414 26.36 20.43 22.79
C VAL A 414 25.25 19.58 23.39
N VAL A 415 24.04 20.12 23.42
CA VAL A 415 22.87 19.43 24.00
C VAL A 415 21.80 19.40 22.94
N LEU A 416 21.11 18.27 22.88
CA LEU A 416 20.18 18.00 21.79
C LEU A 416 18.76 18.08 22.33
N THR A 417 17.81 18.29 21.42
CA THR A 417 16.39 18.36 21.78
C THR A 417 15.71 17.23 21.07
N CYS A 418 14.51 16.89 21.53
CA CYS A 418 13.67 15.95 20.84
C CYS A 418 12.27 16.11 21.42
N GLY A 419 11.42 15.14 21.13
CA GLY A 419 10.07 15.14 21.67
C GLY A 419 9.08 15.21 20.56
N THR A 420 8.09 14.34 20.65
CA THR A 420 6.91 14.45 19.85
C THR A 420 6.47 15.93 19.86
N TYR A 421 6.49 16.60 21.02
CA TYR A 421 6.09 18.01 21.10
C TYR A 421 7.22 19.04 21.08
N GLY A 422 8.47 18.59 20.90
CA GLY A 422 9.60 19.50 20.67
C GLY A 422 10.10 20.13 21.97
N ASN A 423 9.71 19.53 23.09
CA ASN A 423 9.92 20.16 24.40
C ASN A 423 10.76 19.29 25.34
N VAL A 424 11.68 18.51 24.81
CA VAL A 424 12.48 17.63 25.65
C VAL A 424 13.92 17.97 25.37
N LEU A 425 14.68 18.11 26.44
CA LEU A 425 16.13 18.31 26.36
C LEU A 425 16.78 17.00 26.77
N ARG A 426 17.59 16.41 25.91
CA ARG A 426 18.16 15.11 26.23
C ARG A 426 19.65 15.19 26.44
N PHE A 427 20.17 14.29 27.26
CA PHE A 427 21.55 14.29 27.62
C PHE A 427 22.09 12.90 27.31
N LEU A 428 22.98 12.83 26.33
CA LEU A 428 23.66 11.61 25.95
C LEU A 428 25.18 11.80 26.00
N PRO A 429 25.75 12.06 27.20
CA PRO A 429 27.22 12.14 27.29
C PRO A 429 27.91 10.83 26.94
N PRO A 430 29.13 10.90 26.37
CA PRO A 430 29.90 9.67 26.26
C PRO A 430 30.32 9.23 27.68
N LEU A 431 30.48 7.93 27.84
CA LEU A 431 30.89 7.35 29.12
C LEU A 431 32.33 7.71 29.42
N SER A 432 33.09 8.07 28.38
CA SER A 432 34.44 8.65 28.57
C SER A 432 34.45 10.13 29.04
N MET A 433 33.29 10.74 29.25
CA MET A 433 33.21 12.10 29.77
C MET A 433 33.86 12.21 31.14
N PRO A 434 34.81 13.15 31.32
CA PRO A 434 35.36 13.21 32.69
C PRO A 434 34.40 13.83 33.70
N ASP A 435 34.54 13.42 34.96
CA ASP A 435 33.67 13.93 36.03
C ASP A 435 33.60 15.46 36.01
N HIS A 436 34.75 16.09 35.89
CA HIS A 436 34.80 17.54 35.99
C HIS A 436 34.09 18.22 34.80
N LEU A 437 34.01 17.56 33.64
CA LEU A 437 33.34 18.15 32.48
C LEU A 437 31.84 17.86 32.51
N LEU A 438 31.45 16.70 33.05
CA LEU A 438 30.07 16.43 33.31
C LEU A 438 29.54 17.47 34.28
N ASP A 439 30.24 17.70 35.39
CA ASP A 439 29.88 18.72 36.39
C ASP A 439 29.79 20.09 35.75
N GLU A 440 30.79 20.49 34.97
CA GLU A 440 30.77 21.81 34.30
C GLU A 440 29.63 21.96 33.29
N GLY A 441 29.34 20.89 32.56
CA GLY A 441 28.21 20.91 31.65
C GLY A 441 26.91 21.13 32.37
N LEU A 442 26.74 20.47 33.51
CA LEU A 442 25.54 20.67 34.34
C LEU A 442 25.49 22.10 34.95
N ASP A 443 26.64 22.65 35.34
CA ASP A 443 26.71 24.06 35.80
C ASP A 443 26.22 25.02 34.68
N ILE A 444 26.65 24.75 33.44
CA ILE A 444 26.27 25.57 32.32
C ILE A 444 24.76 25.51 32.14
N LEU A 445 24.20 24.30 32.21
CA LEU A 445 22.75 24.10 32.14
C LEU A 445 21.98 24.90 33.18
N ALA A 446 22.43 24.84 34.44
CA ALA A 446 21.83 25.65 35.49
C ALA A 446 21.90 27.14 35.16
N ALA A 447 23.06 27.60 34.69
CA ALA A 447 23.25 28.99 34.32
C ALA A 447 22.25 29.40 33.26
N VAL A 448 22.08 28.54 32.25
CA VAL A 448 21.20 28.83 31.16
C VAL A 448 19.75 28.95 31.62
N PHE A 449 19.27 28.03 32.47
CA PHE A 449 17.89 28.13 33.00
C PHE A 449 17.75 29.39 33.89
N ALA A 450 18.84 29.87 34.46
CA ALA A 450 18.78 31.08 35.24
C ALA A 450 18.70 32.34 34.32
N GLU A 451 19.33 32.26 33.15
CA GLU A 451 19.37 33.34 32.15
C GLU A 451 18.07 33.49 31.40
N VAL A 452 17.44 32.39 31.05
CA VAL A 452 16.38 32.43 30.05
C VAL A 452 15.01 32.67 30.67
N THR B 15 -51.52 -5.97 2.41
CA THR B 15 -52.35 -7.17 2.11
C THR B 15 -52.49 -8.15 3.29
N LEU B 16 -51.50 -8.17 4.21
CA LEU B 16 -51.39 -9.18 5.28
C LEU B 16 -51.57 -8.56 6.68
N THR B 17 -51.88 -9.40 7.66
CA THR B 17 -52.36 -8.96 8.98
C THR B 17 -51.20 -8.55 9.88
N GLN B 18 -51.40 -7.47 10.63
CA GLN B 18 -50.37 -6.90 11.50
C GLN B 18 -50.43 -7.57 12.85
N GLU B 19 -49.93 -8.81 12.85
CA GLU B 19 -50.10 -9.76 13.93
C GLU B 19 -48.89 -10.71 13.95
N ARG B 20 -48.34 -10.96 15.13
CA ARG B 20 -47.36 -12.04 15.28
C ARG B 20 -48.13 -13.37 15.23
N ARG B 21 -47.71 -14.32 14.39
CA ARG B 21 -48.23 -15.71 14.43
C ARG B 21 -47.09 -16.73 14.46
N LEU B 22 -47.20 -17.69 15.35
CA LEU B 22 -46.31 -18.83 15.35
C LEU B 22 -47.16 -20.07 15.04
N VAL B 23 -47.15 -20.49 13.79
CA VAL B 23 -47.86 -21.66 13.31
C VAL B 23 -46.98 -22.90 13.38
N THR B 24 -45.66 -22.71 13.31
CA THR B 24 -44.70 -23.81 13.45
C THR B 24 -43.60 -23.42 14.44
N ALA B 25 -42.79 -24.40 14.80
CA ALA B 25 -41.47 -24.12 15.35
C ALA B 25 -40.73 -23.15 14.40
N ILE B 26 -39.87 -22.33 14.96
CA ILE B 26 -39.00 -21.47 14.18
C ILE B 26 -37.60 -22.09 14.17
N PRO B 27 -37.05 -22.37 12.98
CA PRO B 27 -37.66 -22.30 11.65
C PRO B 27 -38.52 -23.51 11.38
N GLY B 28 -39.56 -23.31 10.57
CA GLY B 28 -40.44 -24.39 10.19
C GLY B 28 -39.81 -25.34 9.19
N PRO B 29 -40.57 -26.32 8.77
CA PRO B 29 -40.00 -27.31 7.85
C PRO B 29 -39.65 -26.81 6.44
N ILE B 30 -40.44 -25.89 5.87
CA ILE B 30 -40.16 -25.40 4.49
C ILE B 30 -38.89 -24.54 4.54
N SER B 31 -38.78 -23.67 5.57
CA SER B 31 -37.55 -22.87 5.77
C SER B 31 -36.32 -23.75 5.92
N GLN B 32 -36.45 -24.89 6.60
CA GLN B 32 -35.33 -25.80 6.79
C GLN B 32 -34.94 -26.50 5.49
N GLU B 33 -35.92 -26.89 4.68
CA GLU B 33 -35.64 -27.37 3.30
C GLU B 33 -34.94 -26.27 2.45
N LEU B 34 -35.38 -25.03 2.60
CA LEU B 34 -34.76 -23.95 1.86
C LEU B 34 -33.34 -23.67 2.34
N GLN B 35 -33.11 -23.78 3.65
CA GLN B 35 -31.77 -23.55 4.19
C GLN B 35 -30.79 -24.65 3.74
N ALA B 36 -31.25 -25.91 3.64
CA ALA B 36 -30.39 -26.97 3.09
C ALA B 36 -30.03 -26.60 1.65
N ARG B 37 -31.02 -26.14 0.89
CA ARG B 37 -30.73 -25.63 -0.46
C ARG B 37 -29.74 -24.45 -0.49
N LYS B 38 -29.84 -23.55 0.47
CA LYS B 38 -28.87 -22.46 0.54
C LYS B 38 -27.46 -23.01 0.79
N GLN B 39 -27.32 -24.00 1.67
CA GLN B 39 -25.98 -24.46 2.04
C GLN B 39 -25.34 -25.28 0.90
N SER B 40 -26.14 -25.96 0.08
CA SER B 40 -25.62 -26.57 -1.15
C SER B 40 -25.30 -25.62 -2.30
N ALA B 41 -25.77 -24.37 -2.25
CA ALA B 41 -25.65 -23.45 -3.44
C ALA B 41 -24.90 -22.14 -3.23
N VAL B 42 -24.96 -21.60 -2.01
CA VAL B 42 -24.44 -20.28 -1.66
C VAL B 42 -23.18 -20.48 -0.82
N ALA B 43 -22.19 -19.61 -1.06
CA ALA B 43 -20.92 -19.63 -0.36
C ALA B 43 -21.14 -19.58 1.14
N ALA B 44 -20.36 -20.36 1.91
CA ALA B 44 -20.50 -20.37 3.37
C ALA B 44 -20.23 -18.98 3.96
N GLY B 45 -19.47 -18.15 3.29
CA GLY B 45 -19.18 -16.80 3.79
C GLY B 45 -20.40 -15.90 4.02
N VAL B 46 -21.47 -16.17 3.27
CA VAL B 46 -22.70 -15.43 3.37
C VAL B 46 -23.47 -16.07 4.51
N GLY B 47 -23.25 -15.57 5.72
CA GLY B 47 -23.85 -16.19 6.91
C GLY B 47 -25.25 -15.68 7.12
N VAL B 48 -26.15 -16.55 7.56
CA VAL B 48 -27.54 -16.20 7.77
C VAL B 48 -27.84 -16.20 9.28
N THR B 49 -28.24 -15.05 9.82
CA THR B 49 -28.59 -14.89 11.25
C THR B 49 -29.85 -15.64 11.68
N LEU B 50 -30.93 -15.51 10.92
CA LEU B 50 -32.18 -16.18 11.24
C LEU B 50 -32.80 -16.84 10.01
N PRO B 51 -32.61 -18.15 9.85
CA PRO B 51 -33.00 -18.82 8.61
C PRO B 51 -34.51 -19.12 8.47
N VAL B 52 -35.33 -18.09 8.52
CA VAL B 52 -36.73 -18.18 8.16
C VAL B 52 -36.80 -17.49 6.79
N TYR B 53 -37.36 -18.23 5.84
CA TYR B 53 -37.46 -17.78 4.46
C TYR B 53 -38.69 -16.91 4.28
N VAL B 54 -38.43 -15.66 3.89
CA VAL B 54 -39.45 -14.62 3.79
C VAL B 54 -40.19 -14.76 2.45
N VAL B 55 -41.53 -14.70 2.47
CA VAL B 55 -42.30 -14.61 1.21
C VAL B 55 -43.14 -13.35 1.08
N ALA B 56 -43.32 -12.58 2.15
CA ALA B 56 -44.02 -11.30 2.08
C ALA B 56 -43.66 -10.47 3.29
N ALA B 57 -43.78 -9.15 3.17
CA ALA B 57 -43.47 -8.26 4.30
C ALA B 57 -44.19 -6.92 4.17
N GLY B 58 -44.54 -6.33 5.31
CA GLY B 58 -45.39 -5.12 5.32
C GLY B 58 -45.62 -4.64 6.72
N GLY B 59 -45.61 -3.32 6.92
CA GLY B 59 -45.91 -2.74 8.21
C GLY B 59 -44.84 -3.02 9.23
N GLY B 60 -45.12 -3.96 10.14
CA GLY B 60 -44.11 -4.36 11.12
C GLY B 60 -43.84 -5.85 11.09
N VAL B 61 -44.27 -6.48 10.00
CA VAL B 61 -44.31 -7.93 9.96
C VAL B 61 -43.53 -8.53 8.80
N LEU B 62 -42.90 -9.67 9.06
CA LEU B 62 -42.31 -10.53 8.02
C LEU B 62 -43.05 -11.87 8.00
N ALA B 63 -43.61 -12.26 6.85
CA ALA B 63 -44.30 -13.55 6.70
C ALA B 63 -43.34 -14.55 6.09
N ASP B 64 -43.25 -15.78 6.65
CA ASP B 64 -42.32 -16.78 6.14
C ASP B 64 -42.97 -17.89 5.32
N ALA B 65 -42.17 -18.79 4.79
CA ALA B 65 -42.67 -19.84 3.90
C ALA B 65 -43.51 -20.86 4.64
N ASP B 66 -43.50 -20.84 5.98
CA ASP B 66 -44.30 -21.80 6.76
C ASP B 66 -45.59 -21.21 7.33
N GLY B 67 -45.84 -19.94 7.04
CA GLY B 67 -47.01 -19.21 7.54
C GLY B 67 -46.79 -18.46 8.84
N ASN B 68 -45.55 -18.42 9.36
CA ASN B 68 -45.26 -17.66 10.58
C ASN B 68 -45.19 -16.20 10.21
N GLN B 69 -45.57 -15.33 11.14
CA GLN B 69 -45.37 -13.87 11.00
C GLN B 69 -44.59 -13.38 12.22
N LEU B 70 -43.41 -12.82 11.94
CA LEU B 70 -42.48 -12.40 12.95
C LEU B 70 -42.49 -10.88 13.01
N ILE B 71 -42.20 -10.33 14.16
CA ILE B 71 -42.18 -8.88 14.33
C ILE B 71 -40.78 -8.42 13.93
N ASP B 72 -40.73 -7.39 13.09
CA ASP B 72 -39.44 -6.96 12.52
C ASP B 72 -38.83 -5.78 13.28
N PHE B 73 -37.85 -6.05 14.15
CA PHE B 73 -37.12 -5.01 14.86
C PHE B 73 -35.74 -4.73 14.24
N GLY B 74 -35.52 -5.25 13.02
CA GLY B 74 -34.26 -5.02 12.27
C GLY B 74 -34.31 -4.15 10.99
N SER B 75 -35.50 -3.99 10.39
CA SER B 75 -35.61 -3.25 9.10
C SER B 75 -34.63 -3.71 8.03
N GLY B 76 -34.29 -4.99 8.00
CA GLY B 76 -33.19 -5.45 7.15
C GLY B 76 -31.91 -4.65 7.27
N ILE B 77 -31.61 -4.30 8.53
CA ILE B 77 -30.47 -3.45 8.92
CA ILE B 77 -30.46 -3.45 8.89
C ILE B 77 -30.68 -1.98 8.50
N ALA B 78 -31.84 -1.43 8.88
CA ALA B 78 -32.13 0.00 8.78
C ALA B 78 -32.34 0.47 7.36
N VAL B 79 -32.87 -0.42 6.55
CA VAL B 79 -33.13 -0.14 5.14
C VAL B 79 -34.59 0.14 4.92
N THR B 80 -35.48 -0.69 5.48
CA THR B 80 -36.92 -0.53 5.24
C THR B 80 -37.60 0.38 6.27
N THR B 81 -36.97 1.53 6.48
CA THR B 81 -37.47 2.57 7.33
C THR B 81 -38.91 3.01 7.05
N VAL B 82 -39.29 3.13 5.76
CA VAL B 82 -40.65 3.52 5.41
C VAL B 82 -41.60 2.31 5.41
N GLY B 83 -41.03 1.13 5.65
CA GLY B 83 -41.76 -0.10 5.65
C GLY B 83 -41.42 -0.92 4.42
N ASN B 84 -41.64 -2.21 4.53
CA ASN B 84 -41.39 -3.11 3.42
C ASN B 84 -42.51 -2.95 2.40
N SER B 85 -42.14 -2.92 1.12
CA SER B 85 -43.13 -2.72 0.06
C SER B 85 -44.11 -1.63 0.45
N ALA B 86 -43.56 -0.48 0.82
CA ALA B 86 -44.37 0.68 1.15
C ALA B 86 -45.18 1.06 -0.09
N PRO B 87 -46.45 1.39 0.09
CA PRO B 87 -47.35 1.48 -1.07
C PRO B 87 -46.94 2.51 -2.15
N ALA B 88 -46.39 3.64 -1.72
CA ALA B 88 -45.90 4.65 -2.64
C ALA B 88 -44.69 4.12 -3.45
N VAL B 89 -43.84 3.35 -2.76
CA VAL B 89 -42.66 2.74 -3.38
C VAL B 89 -43.08 1.69 -4.42
N VAL B 90 -44.05 0.86 -4.04
CA VAL B 90 -44.62 -0.13 -4.93
C VAL B 90 -45.22 0.55 -6.18
N ASP B 91 -46.06 1.57 -6.00
CA ASP B 91 -46.64 2.25 -7.18
CA ASP B 91 -46.65 2.25 -7.15
C ASP B 91 -45.52 2.78 -8.05
N ALA B 92 -44.56 3.45 -7.42
CA ALA B 92 -43.53 4.15 -8.18
C ALA B 92 -42.74 3.17 -9.03
N VAL B 93 -42.45 2.01 -8.48
CA VAL B 93 -41.55 1.02 -9.09
C VAL B 93 -42.27 0.30 -10.22
N THR B 94 -43.55 -0.01 -10.01
CA THR B 94 -44.31 -0.75 -10.98
C THR B 94 -44.54 0.15 -12.24
N GLN B 95 -44.66 1.46 -12.05
CA GLN B 95 -44.73 2.38 -13.20
C GLN B 95 -43.39 2.41 -13.91
N GLN B 96 -42.30 2.60 -13.18
CA GLN B 96 -40.98 2.72 -13.84
C GLN B 96 -40.56 1.48 -14.61
N VAL B 97 -40.69 0.32 -13.98
CA VAL B 97 -40.21 -0.89 -14.59
C VAL B 97 -40.80 -1.10 -15.97
N ALA B 98 -42.03 -0.65 -16.18
CA ALA B 98 -42.66 -0.78 -17.49
C ALA B 98 -42.17 0.28 -18.51
N ALA B 99 -41.59 1.37 -18.03
CA ALA B 99 -41.02 2.38 -18.92
C ALA B 99 -39.62 1.98 -19.41
N PHE B 100 -38.71 1.83 -18.46
CA PHE B 100 -37.34 1.37 -18.74
C PHE B 100 -36.65 0.88 -17.46
N THR B 101 -35.77 -0.12 -17.58
CA THR B 101 -35.07 -0.73 -16.45
C THR B 101 -33.70 -0.13 -16.22
N HIS B 102 -33.05 0.33 -17.29
CA HIS B 102 -31.64 0.79 -17.23
C HIS B 102 -31.16 1.43 -18.52
N THR B 103 -30.58 2.62 -18.44
CA THR B 103 -29.91 3.20 -19.62
C THR B 103 -28.40 3.35 -19.41
N CYS B 104 -27.96 3.31 -18.15
CA CYS B 104 -26.70 3.86 -17.68
C CYS B 104 -26.71 5.37 -17.85
N PHE B 105 -26.83 6.07 -16.72
CA PHE B 105 -27.04 7.52 -16.73
C PHE B 105 -25.95 8.25 -17.50
N MET B 106 -24.72 7.72 -17.46
CA MET B 106 -23.57 8.35 -18.14
C MET B 106 -23.52 8.12 -19.64
N VAL B 107 -24.36 7.21 -20.14
CA VAL B 107 -24.54 7.01 -21.59
C VAL B 107 -25.69 7.93 -22.03
N THR B 108 -26.94 7.56 -21.71
CA THR B 108 -28.06 8.45 -21.94
C THR B 108 -28.81 8.65 -20.62
N PRO B 109 -29.00 9.92 -20.17
CA PRO B 109 -29.51 10.13 -18.80
C PRO B 109 -31.02 10.09 -18.71
N TYR B 110 -31.55 10.40 -17.54
CA TYR B 110 -32.97 10.37 -17.31
C TYR B 110 -33.29 11.27 -16.12
N GLU B 111 -34.52 11.71 -16.06
CA GLU B 111 -34.89 12.77 -15.11
C GLU B 111 -34.94 12.30 -13.66
N GLY B 112 -35.25 11.03 -13.42
CA GLY B 112 -35.33 10.52 -12.07
C GLY B 112 -34.07 10.71 -11.24
N TYR B 113 -32.91 10.54 -11.88
CA TYR B 113 -31.63 10.68 -11.20
C TYR B 113 -31.39 12.15 -10.85
N VAL B 114 -31.70 13.03 -11.79
CA VAL B 114 -31.54 14.45 -11.59
C VAL B 114 -32.47 14.92 -10.46
N LYS B 115 -33.69 14.39 -10.43
CA LYS B 115 -34.64 14.78 -9.38
C LYS B 115 -34.17 14.33 -8.00
N VAL B 116 -33.71 13.08 -7.88
CA VAL B 116 -33.14 12.65 -6.60
C VAL B 116 -31.99 13.55 -6.14
N ALA B 117 -31.12 13.92 -7.08
CA ALA B 117 -30.00 14.81 -6.77
C ALA B 117 -30.50 16.16 -6.25
N GLU B 118 -31.50 16.72 -6.93
CA GLU B 118 -32.06 17.99 -6.48
C GLU B 118 -32.58 17.93 -5.04
N HIS B 119 -33.26 16.85 -4.68
CA HIS B 119 -33.85 16.75 -3.34
C HIS B 119 -32.82 16.59 -2.26
N LEU B 120 -31.82 15.73 -2.53
CA LEU B 120 -30.72 15.53 -1.61
C LEU B 120 -29.96 16.83 -1.38
N ASN B 121 -29.67 17.55 -2.45
CA ASN B 121 -29.09 18.91 -2.37
C ASN B 121 -29.92 19.84 -1.46
N ARG B 122 -31.24 19.76 -1.61
CA ARG B 122 -32.17 20.54 -0.78
C ARG B 122 -32.25 20.10 0.68
N LEU B 123 -32.39 18.79 0.92
CA LEU B 123 -32.80 18.30 2.22
C LEU B 123 -31.66 18.07 3.20
N THR B 124 -30.43 17.99 2.69
CA THR B 124 -29.26 17.74 3.56
C THR B 124 -28.89 19.02 4.28
N PRO B 125 -28.14 18.89 5.39
CA PRO B 125 -27.79 20.08 6.14
C PRO B 125 -27.10 21.15 5.30
N GLY B 126 -27.20 22.40 5.75
CA GLY B 126 -26.51 23.52 5.14
C GLY B 126 -27.31 24.23 4.06
N ASP B 127 -27.18 25.57 4.01
CA ASP B 127 -27.82 26.39 2.98
C ASP B 127 -26.96 26.62 1.71
N HIS B 128 -25.72 26.16 1.69
CA HIS B 128 -24.79 26.49 0.60
C HIS B 128 -25.10 25.70 -0.68
N GLU B 129 -24.40 26.04 -1.75
CA GLU B 129 -24.61 25.33 -3.02
C GLU B 129 -24.03 23.89 -2.98
N LYS B 130 -24.85 22.90 -3.33
CA LYS B 130 -24.48 21.49 -3.22
C LYS B 130 -24.58 20.74 -4.56
N ARG B 131 -23.80 19.66 -4.70
CA ARG B 131 -23.99 18.70 -5.79
C ARG B 131 -24.07 17.27 -5.25
N THR B 132 -24.58 16.36 -6.08
CA THR B 132 -24.83 14.96 -5.68
C THR B 132 -24.41 13.99 -6.80
N ALA B 133 -23.97 12.81 -6.40
CA ALA B 133 -23.73 11.71 -7.33
C ALA B 133 -24.36 10.45 -6.72
N LEU B 134 -24.93 9.60 -7.57
CA LEU B 134 -25.63 8.37 -7.13
C LEU B 134 -24.83 7.09 -7.45
N PHE B 135 -24.86 6.12 -6.52
CA PHE B 135 -24.27 4.82 -6.72
C PHE B 135 -25.24 3.73 -6.27
N ASN B 136 -24.74 2.50 -6.06
CA ASN B 136 -25.60 1.39 -5.68
C ASN B 136 -25.54 1.06 -4.16
N SER B 137 -24.34 0.76 -3.64
CA SER B 137 -24.21 0.40 -2.21
C SER B 137 -23.59 1.50 -1.36
N GLY B 138 -23.77 1.38 -0.04
CA GLY B 138 -23.14 2.28 0.91
C GLY B 138 -21.62 2.33 0.75
N ALA B 139 -21.00 1.16 0.59
CA ALA B 139 -19.54 1.01 0.44
C ALA B 139 -19.06 1.81 -0.74
N GLU B 140 -19.76 1.69 -1.86
CA GLU B 140 -19.42 2.44 -3.09
C GLU B 140 -19.50 3.97 -2.92
N ALA B 141 -20.52 4.42 -2.19
CA ALA B 141 -20.68 5.84 -1.85
C ALA B 141 -19.55 6.35 -0.99
N VAL B 142 -19.19 5.57 0.02
CA VAL B 142 -18.05 5.95 0.88
C VAL B 142 -16.76 5.99 0.06
N GLU B 143 -16.57 5.01 -0.81
CA GLU B 143 -15.42 4.99 -1.74
C GLU B 143 -15.33 6.28 -2.54
N ASN B 144 -16.49 6.71 -3.01
CA ASN B 144 -16.65 7.88 -3.86
C ASN B 144 -16.47 9.16 -3.06
N ALA B 145 -16.81 9.16 -1.79
CA ALA B 145 -16.50 10.32 -0.95
C ALA B 145 -14.99 10.50 -0.80
N VAL B 146 -14.30 9.40 -0.55
CA VAL B 146 -12.82 9.42 -0.49
C VAL B 146 -12.21 9.91 -1.82
N LYS B 147 -12.67 9.33 -2.94
CA LYS B 147 -12.25 9.78 -4.25
C LYS B 147 -12.52 11.25 -4.47
N ILE B 148 -13.70 11.72 -4.07
CA ILE B 148 -14.01 13.15 -4.24
C ILE B 148 -13.10 14.02 -3.41
N ALA B 149 -12.82 13.62 -2.15
CA ALA B 149 -11.99 14.42 -1.24
C ALA B 149 -10.53 14.51 -1.69
N ARG B 150 -9.97 13.36 -2.06
CA ARG B 150 -8.61 13.29 -2.63
C ARG B 150 -8.43 14.07 -3.95
N ALA B 151 -9.47 14.18 -4.74
CA ALA B 151 -9.36 14.82 -6.05
C ALA B 151 -9.42 16.33 -5.80
N TYR B 152 -10.29 16.74 -4.88
CA TYR B 152 -10.42 18.15 -4.57
C TYR B 152 -9.22 18.71 -3.82
N THR B 153 -8.80 18.06 -2.76
CA THR B 153 -7.72 18.57 -1.93
C THR B 153 -6.33 18.30 -2.54
N ARG B 154 -6.24 17.30 -3.42
CA ARG B 154 -4.93 16.75 -3.83
C ARG B 154 -4.13 16.18 -2.66
N ARG B 155 -4.81 15.80 -1.58
CA ARG B 155 -4.15 15.11 -0.49
C ARG B 155 -4.48 13.61 -0.50
N GLN B 156 -3.63 12.83 0.19
CA GLN B 156 -3.77 11.37 0.28
C GLN B 156 -4.53 10.84 1.49
N ALA B 157 -4.32 11.42 2.68
CA ALA B 157 -4.64 10.69 3.91
C ALA B 157 -6.14 10.77 4.27
N VAL B 158 -6.65 9.68 4.84
CA VAL B 158 -8.03 9.50 5.19
C VAL B 158 -8.09 9.12 6.66
N VAL B 159 -8.69 9.99 7.51
CA VAL B 159 -8.82 9.71 8.92
C VAL B 159 -10.16 9.01 9.28
N VAL B 160 -10.04 7.85 9.94
CA VAL B 160 -11.18 7.08 10.40
C VAL B 160 -11.06 6.91 11.91
N PHE B 161 -12.06 6.27 12.52
CA PHE B 161 -12.16 6.19 13.97
C PHE B 161 -12.29 4.76 14.51
N ASP B 162 -11.95 4.57 15.78
CA ASP B 162 -12.26 3.35 16.48
C ASP B 162 -13.77 3.11 16.38
N HIS B 163 -14.14 1.82 16.38
CA HIS B 163 -15.55 1.36 16.31
C HIS B 163 -16.23 1.67 14.99
N ALA B 164 -15.45 2.07 14.01
CA ALA B 164 -16.02 2.47 12.73
C ALA B 164 -16.34 1.25 11.89
N TYR B 165 -17.40 1.36 11.09
CA TYR B 165 -17.75 0.37 10.08
C TYR B 165 -18.21 1.16 8.87
N HIS B 166 -17.60 0.84 7.72
CA HIS B 166 -17.93 1.51 6.44
C HIS B 166 -18.23 0.60 5.25
N GLY B 167 -18.02 -0.70 5.36
CA GLY B 167 -18.23 -1.57 4.21
C GLY B 167 -17.25 -2.69 4.00
N ARG B 168 -17.41 -3.39 2.87
CA ARG B 168 -16.73 -4.68 2.61
C ARG B 168 -15.80 -4.67 1.41
N THR B 169 -15.59 -3.51 0.78
CA THR B 169 -14.64 -3.36 -0.32
C THR B 169 -13.30 -3.19 0.33
N ASN B 170 -12.22 -3.29 -0.43
CA ASN B 170 -10.89 -3.22 0.16
C ASN B 170 -10.68 -1.94 0.95
N LEU B 171 -10.94 -0.77 0.34
CA LEU B 171 -10.73 0.48 1.04
C LEU B 171 -11.69 0.62 2.22
N THR B 172 -12.96 0.27 2.03
CA THR B 172 -13.90 0.37 3.17
C THR B 172 -13.57 -0.67 4.27
N MET B 173 -12.96 -1.81 3.92
CA MET B 173 -12.42 -2.72 4.93
C MET B 173 -11.24 -2.02 5.65
N ALA B 174 -10.37 -1.36 4.88
CA ALA B 174 -9.26 -0.60 5.50
C ALA B 174 -9.81 0.38 6.54
N MET B 175 -10.90 1.06 6.18
CA MET B 175 -11.49 2.10 7.01
C MET B 175 -12.27 1.56 8.22
N THR B 176 -12.73 0.32 8.09
CA THR B 176 -13.48 -0.36 9.14
C THR B 176 -12.50 -0.78 10.22
N ALA B 177 -12.94 -0.67 11.47
CA ALA B 177 -12.08 -0.97 12.61
C ALA B 177 -11.93 -2.45 12.94
N LYS B 178 -13.04 -3.15 13.05
CA LYS B 178 -13.00 -4.51 13.58
C LYS B 178 -12.53 -5.57 12.58
N ASN B 179 -11.47 -6.28 12.93
CA ASN B 179 -10.90 -7.35 12.08
C ASN B 179 -11.84 -8.56 11.83
N GLN B 180 -12.51 -9.05 12.89
CA GLN B 180 -13.28 -10.29 12.75
C GLN B 180 -14.76 -9.99 12.72
N PRO B 181 -15.45 -10.46 11.66
CA PRO B 181 -14.94 -11.19 10.48
C PRO B 181 -14.76 -10.30 9.22
N TYR B 182 -14.82 -8.99 9.38
CA TYR B 182 -14.95 -8.07 8.24
C TYR B 182 -13.70 -8.01 7.38
N LYS B 183 -12.54 -8.11 8.01
CA LYS B 183 -11.27 -7.85 7.39
C LYS B 183 -10.36 -9.09 7.31
N HIS B 184 -10.57 -10.03 8.23
CA HIS B 184 -9.63 -11.12 8.44
C HIS B 184 -9.42 -11.98 7.18
N GLY B 185 -8.17 -12.03 6.73
CA GLY B 185 -7.78 -12.82 5.57
C GLY B 185 -7.85 -12.14 4.20
N PHE B 186 -8.32 -10.88 4.15
CA PHE B 186 -8.68 -10.25 2.87
C PHE B 186 -7.71 -9.19 2.37
N GLY B 187 -6.70 -8.85 3.18
CA GLY B 187 -5.72 -7.82 2.82
C GLY B 187 -4.63 -8.32 1.89
N PRO B 188 -3.62 -7.49 1.61
CA PRO B 188 -3.42 -6.17 2.20
C PRO B 188 -4.39 -5.09 1.71
N PHE B 189 -4.46 -4.06 2.52
CA PHE B 189 -5.51 -3.09 2.41
C PHE B 189 -4.96 -1.79 1.92
N ALA B 190 -5.81 -1.07 1.18
CA ALA B 190 -5.59 0.30 0.75
C ALA B 190 -4.97 1.18 1.86
N ASN B 191 -3.91 1.89 1.54
CA ASN B 191 -3.14 2.63 2.54
C ASN B 191 -3.42 4.13 2.62
N GLU B 192 -2.64 4.78 3.47
CA GLU B 192 -2.84 6.19 3.84
C GLU B 192 -4.22 6.40 4.50
N VAL B 193 -4.61 5.40 5.29
CA VAL B 193 -5.79 5.40 6.15
C VAL B 193 -5.25 5.32 7.58
N TYR B 194 -5.66 6.26 8.41
CA TYR B 194 -5.18 6.38 9.78
C TYR B 194 -6.36 6.47 10.68
N ARG B 195 -6.30 5.73 11.79
CA ARG B 195 -7.37 5.63 12.74
C ARG B 195 -6.99 6.37 14.02
N VAL B 196 -7.99 6.95 14.67
CA VAL B 196 -7.82 7.63 15.95
C VAL B 196 -9.04 7.35 16.83
N PRO B 197 -8.97 7.65 18.14
CA PRO B 197 -10.08 7.38 19.05
C PRO B 197 -11.36 8.18 18.77
N THR B 198 -12.51 7.53 19.02
CA THR B 198 -13.82 8.18 18.91
C THR B 198 -14.24 8.55 20.32
N SER B 199 -15.51 8.87 20.53
CA SER B 199 -15.99 9.25 21.83
C SER B 199 -17.08 8.23 22.18
N TYR B 200 -16.87 7.56 23.32
CA TYR B 200 -17.67 6.43 23.77
C TYR B 200 -17.75 6.55 25.32
N PRO B 201 -18.60 7.48 25.81
CA PRO B 201 -18.66 7.86 27.23
C PRO B 201 -18.79 6.67 28.20
N PHE B 202 -19.60 5.69 27.84
CA PHE B 202 -19.72 4.48 28.64
C PHE B 202 -18.37 3.82 28.98
N ARG B 203 -17.44 3.79 28.03
CA ARG B 203 -16.12 3.21 28.25
C ARG B 203 -14.98 4.18 28.35
N ASP B 204 -15.16 5.48 28.05
CA ASP B 204 -14.04 6.45 28.21
C ASP B 204 -14.24 7.47 29.34
N GLY B 205 -15.38 7.40 30.01
CA GLY B 205 -15.71 8.29 31.14
C GLY B 205 -15.90 9.78 30.85
N GLU B 206 -15.99 10.17 29.57
CA GLU B 206 -15.89 11.59 29.18
C GLU B 206 -17.09 12.09 28.39
N THR B 207 -18.01 12.81 29.04
CA THR B 207 -19.20 13.33 28.35
C THR B 207 -19.02 14.72 27.75
N ASP B 208 -17.79 15.24 27.78
CA ASP B 208 -17.46 16.42 26.97
C ASP B 208 -16.83 15.96 25.66
N GLY B 209 -17.62 16.01 24.59
CA GLY B 209 -17.15 15.69 23.24
C GLY B 209 -15.98 16.54 22.81
N ALA B 210 -16.03 17.82 23.14
CA ALA B 210 -14.91 18.75 22.86
C ALA B 210 -13.58 18.25 23.41
N ALA B 211 -13.56 17.80 24.67
CA ALA B 211 -12.33 17.23 25.26
C ALA B 211 -11.93 15.96 24.52
N ALA B 212 -12.90 15.09 24.26
CA ALA B 212 -12.65 13.84 23.51
C ALA B 212 -12.09 14.17 22.13
N ALA B 213 -12.58 15.23 21.50
CA ALA B 213 -12.08 15.56 20.14
C ALA B 213 -10.64 16.05 20.20
N ALA B 214 -10.24 16.63 21.31
CA ALA B 214 -8.93 17.26 21.39
C ALA B 214 -7.84 16.20 21.30
N HIS B 215 -8.08 15.01 21.87
CA HIS B 215 -7.07 13.95 21.82
C HIS B 215 -6.97 13.39 20.39
N ALA B 216 -8.10 13.18 19.73
CA ALA B 216 -8.06 12.67 18.37
C ALA B 216 -7.41 13.66 17.41
N LEU B 217 -7.70 14.95 17.57
CA LEU B 217 -7.14 15.96 16.64
C LEU B 217 -5.64 16.14 16.90
N ASP B 218 -5.22 15.96 18.14
CA ASP B 218 -3.79 16.01 18.45
C ASP B 218 -3.03 14.84 17.80
N LEU B 219 -3.63 13.66 17.81
CA LEU B 219 -3.07 12.52 17.04
C LEU B 219 -3.01 12.82 15.54
N ILE B 220 -4.10 13.38 14.97
CA ILE B 220 -4.08 13.76 13.54
C ILE B 220 -2.96 14.77 13.29
N ASN B 221 -2.92 15.86 14.07
CA ASN B 221 -1.90 16.89 13.84
C ASN B 221 -0.47 16.31 13.88
N LYS B 222 -0.18 15.45 14.85
CA LYS B 222 1.20 14.96 15.05
C LYS B 222 1.57 13.79 14.17
N GLN B 223 0.66 12.84 14.03
CA GLN B 223 0.98 11.59 13.34
C GLN B 223 0.68 11.63 11.84
N VAL B 224 -0.37 12.33 11.42
CA VAL B 224 -0.73 12.35 9.99
C VAL B 224 -0.26 13.65 9.35
N GLY B 225 -0.51 14.78 10.03
CA GLY B 225 -0.17 16.11 9.53
C GLY B 225 -1.39 16.79 8.96
N ALA B 226 -1.71 17.98 9.46
CA ALA B 226 -2.93 18.69 9.05
C ALA B 226 -3.05 18.86 7.56
N ASP B 227 -1.92 19.11 6.88
CA ASP B 227 -1.93 19.47 5.46
C ASP B 227 -1.98 18.26 4.54
N ASN B 228 -1.91 17.07 5.12
CA ASN B 228 -1.97 15.81 4.37
C ASN B 228 -3.34 15.15 4.42
N VAL B 229 -4.25 15.66 5.25
CA VAL B 229 -5.54 15.00 5.44
C VAL B 229 -6.52 15.45 4.37
N ALA B 230 -6.87 14.54 3.46
CA ALA B 230 -7.93 14.75 2.44
C ALA B 230 -9.34 14.70 3.06
N ALA B 231 -9.58 13.72 3.93
CA ALA B 231 -10.89 13.45 4.49
C ALA B 231 -10.82 12.99 5.95
N VAL B 232 -11.78 13.43 6.75
CA VAL B 232 -12.06 12.86 8.04
C VAL B 232 -13.45 12.28 7.91
N VAL B 233 -13.57 10.99 8.14
CA VAL B 233 -14.82 10.28 7.88
C VAL B 233 -15.31 9.71 9.16
N ILE B 234 -16.57 10.02 9.51
CA ILE B 234 -17.18 9.48 10.69
C ILE B 234 -18.69 9.31 10.59
N GLU B 235 -19.18 8.23 11.19
CA GLU B 235 -20.61 7.97 11.37
C GLU B 235 -21.08 8.83 12.52
N PRO B 236 -22.20 9.53 12.35
CA PRO B 236 -22.67 10.29 13.53
C PRO B 236 -23.10 9.42 14.68
N VAL B 237 -23.52 8.19 14.38
CA VAL B 237 -23.71 7.16 15.37
C VAL B 237 -23.05 5.94 14.80
N HIS B 238 -22.12 5.36 15.56
CA HIS B 238 -21.41 4.18 15.09
C HIS B 238 -22.34 2.96 15.16
N GLY B 239 -22.74 2.46 14.00
CA GLY B 239 -23.75 1.42 13.88
C GLY B 239 -23.28 0.03 14.26
N GLU B 240 -22.64 -0.67 13.33
CA GLU B 240 -22.06 -1.98 13.62
C GLU B 240 -21.15 -1.96 14.87
N GLY B 241 -20.48 -0.84 15.12
CA GLY B 241 -19.61 -0.75 16.29
C GLY B 241 -20.29 -0.74 17.65
N GLY B 242 -21.62 -0.71 17.68
CA GLY B 242 -22.36 -0.78 18.93
C GLY B 242 -23.40 0.29 19.18
N PHE B 243 -23.89 0.94 18.12
CA PHE B 243 -24.73 2.14 18.29
C PHE B 243 -24.09 3.11 19.32
N VAL B 244 -22.79 3.33 19.16
CA VAL B 244 -22.05 4.25 20.02
C VAL B 244 -22.32 5.69 19.49
N VAL B 245 -22.81 6.54 20.39
CA VAL B 245 -23.10 7.93 20.11
C VAL B 245 -22.03 8.84 20.75
N PRO B 246 -21.31 9.65 19.94
CA PRO B 246 -20.26 10.50 20.53
C PRO B 246 -20.86 11.48 21.49
N ALA B 247 -20.09 11.87 22.50
CA ALA B 247 -20.52 12.91 23.44
C ALA B 247 -20.84 14.20 22.67
N PRO B 248 -21.74 15.04 23.21
CA PRO B 248 -22.01 16.28 22.47
C PRO B 248 -20.79 17.16 22.27
N GLY B 249 -20.68 17.74 21.06
CA GLY B 249 -19.52 18.58 20.70
C GLY B 249 -18.33 17.81 20.12
N PHE B 250 -18.42 16.48 20.04
CA PHE B 250 -17.40 15.71 19.36
C PHE B 250 -17.41 15.98 17.85
N LEU B 251 -18.58 15.83 17.21
CA LEU B 251 -18.67 16.01 15.75
C LEU B 251 -18.41 17.49 15.32
N GLY B 252 -18.84 18.45 16.14
CA GLY B 252 -18.65 19.87 15.86
C GLY B 252 -17.17 20.21 15.79
N ALA B 253 -16.40 19.67 16.73
CA ALA B 253 -14.97 19.92 16.80
C ALA B 253 -14.24 19.40 15.58
N LEU B 254 -14.65 18.23 15.07
CA LEU B 254 -14.06 17.67 13.87
C LEU B 254 -14.37 18.55 12.64
N GLN B 255 -15.61 19.03 12.56
CA GLN B 255 -16.04 19.88 11.47
C GLN B 255 -15.16 21.14 11.43
N LYS B 256 -15.01 21.79 12.59
CA LYS B 256 -14.23 23.02 12.70
C LYS B 256 -12.79 22.80 12.26
N TRP B 257 -12.18 21.72 12.75
CA TRP B 257 -10.77 21.40 12.42
C TRP B 257 -10.62 21.23 10.89
N CYS B 258 -11.57 20.54 10.27
CA CYS B 258 -11.50 20.30 8.82
C CYS B 258 -11.59 21.62 8.03
N THR B 259 -12.49 22.51 8.44
CA THR B 259 -12.65 23.83 7.82
C THR B 259 -11.36 24.63 7.97
N ASP B 260 -10.86 24.70 9.20
CA ASP B 260 -9.63 25.41 9.51
C ASP B 260 -8.41 24.87 8.77
N ASN B 261 -8.39 23.57 8.47
CA ASN B 261 -7.16 22.88 8.02
C ASN B 261 -7.23 22.38 6.58
N GLY B 262 -8.36 22.65 5.92
CA GLY B 262 -8.52 22.44 4.49
C GLY B 262 -8.92 21.00 4.16
N ALA B 263 -9.33 20.22 5.15
CA ALA B 263 -9.75 18.86 4.93
C ALA B 263 -11.27 18.73 4.74
N VAL B 264 -11.68 17.68 4.03
CA VAL B 264 -13.13 17.38 3.83
C VAL B 264 -13.67 16.54 4.98
N PHE B 265 -14.54 17.15 5.78
CA PHE B 265 -15.24 16.44 6.83
C PHE B 265 -16.37 15.70 6.17
N VAL B 266 -16.36 14.37 6.28
CA VAL B 266 -17.36 13.51 5.63
C VAL B 266 -18.19 12.82 6.70
N ALA B 267 -19.50 13.07 6.72
CA ALA B 267 -20.44 12.30 7.54
C ALA B 267 -20.95 11.05 6.80
N ASP B 268 -20.65 9.87 7.34
CA ASP B 268 -21.23 8.63 6.81
C ASP B 268 -22.59 8.41 7.49
N GLU B 269 -23.66 8.83 6.82
CA GLU B 269 -25.01 8.70 7.36
C GLU B 269 -25.72 7.54 6.64
N VAL B 270 -24.93 6.59 6.16
CA VAL B 270 -25.48 5.43 5.46
C VAL B 270 -26.55 4.70 6.31
N GLN B 271 -26.32 4.61 7.62
CA GLN B 271 -27.22 3.94 8.51
C GLN B 271 -28.14 4.94 9.24
N THR B 272 -27.58 6.10 9.60
CA THR B 272 -28.29 7.13 10.33
C THR B 272 -29.20 8.06 9.55
N GLY B 273 -29.10 8.09 8.23
CA GLY B 273 -29.90 9.03 7.45
C GLY B 273 -31.35 8.64 7.19
N PHE B 274 -32.10 9.57 6.61
CA PHE B 274 -33.49 9.36 6.19
C PHE B 274 -34.39 8.97 7.37
N ALA B 275 -34.45 9.91 8.31
CA ALA B 275 -35.44 9.93 9.39
C ALA B 275 -35.18 8.95 10.54
N ARG B 276 -34.13 8.13 10.43
CA ARG B 276 -33.87 7.01 11.36
C ARG B 276 -33.70 7.43 12.85
N THR B 277 -33.06 8.58 13.07
CA THR B 277 -32.68 9.01 14.42
C THR B 277 -33.64 10.02 15.01
N GLY B 278 -34.77 10.25 14.36
CA GLY B 278 -35.72 11.28 14.80
C GLY B 278 -35.37 12.65 14.26
N ALA B 279 -34.38 12.73 13.36
CA ALA B 279 -34.24 13.93 12.53
C ALA B 279 -34.01 13.43 11.12
N LEU B 280 -34.11 14.29 10.11
CA LEU B 280 -34.04 13.72 8.76
C LEU B 280 -32.61 13.19 8.54
N PHE B 281 -31.61 13.93 9.00
CA PHE B 281 -30.24 13.43 9.08
C PHE B 281 -29.68 13.62 10.53
N ALA B 282 -28.79 12.73 10.95
CA ALA B 282 -28.24 12.74 12.31
C ALA B 282 -27.39 13.96 12.61
N CYS B 283 -26.77 14.56 11.61
CA CYS B 283 -26.01 15.80 11.88
C CYS B 283 -26.88 16.93 12.43
N GLU B 284 -28.18 16.92 12.13
CA GLU B 284 -29.09 17.97 12.63
C GLU B 284 -29.15 18.10 14.14
N HIS B 285 -29.01 16.98 14.84
CA HIS B 285 -29.16 16.95 16.30
CA HIS B 285 -29.19 17.00 16.29
C HIS B 285 -28.23 17.97 17.00
N GLU B 286 -27.01 18.07 16.51
CA GLU B 286 -26.06 19.04 17.04
C GLU B 286 -25.70 20.15 16.02
N ASN B 287 -26.60 20.41 15.08
CA ASN B 287 -26.41 21.44 14.04
C ASN B 287 -25.01 21.33 13.38
N VAL B 288 -24.62 20.11 13.06
CA VAL B 288 -23.41 19.87 12.30
C VAL B 288 -23.78 19.94 10.79
N VAL B 289 -22.99 20.71 10.06
CA VAL B 289 -23.08 20.80 8.59
C VAL B 289 -21.81 20.17 8.05
N PRO B 290 -21.87 18.95 7.53
CA PRO B 290 -20.62 18.36 7.03
C PRO B 290 -20.30 18.90 5.63
N ASP B 291 -19.06 18.77 5.21
CA ASP B 291 -18.67 19.15 3.87
C ASP B 291 -19.31 18.22 2.83
N LEU B 292 -19.27 16.91 3.13
CA LEU B 292 -19.92 15.86 2.35
C LEU B 292 -20.75 14.95 3.26
N ILE B 293 -21.85 14.45 2.73
CA ILE B 293 -22.65 13.49 3.45
C ILE B 293 -22.95 12.29 2.54
N VAL B 294 -22.82 11.11 3.11
CA VAL B 294 -23.02 9.85 2.43
C VAL B 294 -24.33 9.18 2.93
N THR B 295 -25.17 8.77 1.99
CA THR B 295 -26.46 8.15 2.30
C THR B 295 -26.67 6.86 1.48
N ALA B 296 -27.52 5.98 2.01
CA ALA B 296 -27.83 4.70 1.37
C ALA B 296 -29.01 4.15 2.16
N LYS B 297 -29.23 2.83 2.10
CA LYS B 297 -30.11 2.14 3.06
C LYS B 297 -31.52 2.69 3.01
N GLY B 298 -31.90 3.58 3.92
CA GLY B 298 -33.27 4.10 3.94
C GLY B 298 -33.72 4.87 2.71
N ILE B 299 -32.75 5.24 1.86
CA ILE B 299 -32.95 6.21 0.78
C ILE B 299 -34.00 5.71 -0.19
N ALA B 300 -33.96 4.41 -0.54
CA ALA B 300 -34.78 3.87 -1.64
C ALA B 300 -35.69 2.67 -1.21
N GLY B 301 -35.96 2.59 0.08
CA GLY B 301 -37.02 1.72 0.60
C GLY B 301 -36.85 0.24 0.32
N GLY B 302 -35.59 -0.17 0.16
CA GLY B 302 -35.24 -1.53 -0.16
C GLY B 302 -34.44 -1.68 -1.45
N LEU B 303 -34.61 -0.78 -2.41
CA LEU B 303 -33.91 -0.93 -3.66
C LEU B 303 -32.47 -0.40 -3.49
N PRO B 304 -31.50 -0.96 -4.22
CA PRO B 304 -30.07 -0.55 -4.09
C PRO B 304 -29.80 0.85 -4.64
N LEU B 305 -29.49 1.77 -3.74
CA LEU B 305 -29.18 3.16 -4.11
C LEU B 305 -28.34 3.73 -2.99
N SER B 306 -27.32 4.46 -3.37
CA SER B 306 -26.52 5.22 -2.43
C SER B 306 -26.23 6.58 -3.04
N ALA B 307 -25.68 7.48 -2.23
CA ALA B 307 -25.37 8.83 -2.66
C ALA B 307 -24.24 9.48 -1.83
N VAL B 308 -23.55 10.39 -2.50
CA VAL B 308 -22.67 11.40 -1.88
C VAL B 308 -23.19 12.74 -2.33
N THR B 309 -23.42 13.63 -1.36
CA THR B 309 -23.93 14.99 -1.52
C THR B 309 -23.03 15.93 -0.72
N GLY B 310 -22.66 17.09 -1.27
CA GLY B 310 -21.80 17.99 -0.52
C GLY B 310 -21.54 19.27 -1.24
N ARG B 311 -20.64 20.08 -0.64
CA ARG B 311 -20.36 21.40 -1.15
C ARG B 311 -20.03 21.28 -2.63
N ALA B 312 -20.65 22.12 -3.46
CA ALA B 312 -20.55 22.00 -4.92
C ALA B 312 -19.10 21.99 -5.43
N GLU B 313 -18.28 22.83 -4.83
CA GLU B 313 -16.91 23.01 -5.24
C GLU B 313 -16.13 21.70 -4.97
N ILE B 314 -16.42 21.08 -3.83
CA ILE B 314 -15.73 19.87 -3.46
C ILE B 314 -16.20 18.75 -4.39
N MET B 315 -17.51 18.61 -4.55
CA MET B 315 -18.08 17.61 -5.40
C MET B 315 -17.60 17.69 -6.83
N ASP B 316 -17.30 18.90 -7.34
CA ASP B 316 -16.83 19.07 -8.75
C ASP B 316 -15.32 18.87 -8.91
N GLY B 317 -14.68 18.38 -7.84
CA GLY B 317 -13.27 18.11 -7.81
C GLY B 317 -12.90 17.11 -8.88
N PRO B 318 -13.49 15.91 -8.84
CA PRO B 318 -13.11 14.97 -9.90
C PRO B 318 -13.50 15.43 -11.32
N GLN B 319 -12.65 15.11 -12.30
CA GLN B 319 -12.95 15.44 -13.69
C GLN B 319 -14.07 14.57 -14.27
N SER B 320 -14.68 15.09 -15.33
CA SER B 320 -15.75 14.45 -16.08
C SER B 320 -15.32 13.04 -16.49
N GLY B 321 -16.19 12.08 -16.20
CA GLY B 321 -15.89 10.66 -16.40
C GLY B 321 -15.10 9.99 -15.28
N GLY B 322 -14.71 10.77 -14.27
CA GLY B 322 -13.97 10.23 -13.12
C GLY B 322 -14.83 9.49 -12.12
N LEU B 323 -16.11 9.83 -12.06
CA LEU B 323 -17.03 9.18 -11.16
C LEU B 323 -18.01 8.36 -11.97
N GLY B 324 -18.35 7.17 -11.50
CA GLY B 324 -19.21 6.33 -12.34
C GLY B 324 -19.55 4.97 -11.82
N GLY B 325 -19.84 4.09 -12.76
CA GLY B 325 -20.41 2.79 -12.43
C GLY B 325 -21.55 2.60 -13.42
N THR B 326 -21.81 1.36 -13.77
CA THR B 326 -22.86 1.10 -14.74
C THR B 326 -24.24 1.30 -14.14
N TYR B 327 -24.49 0.70 -12.99
CA TYR B 327 -25.85 0.61 -12.48
C TYR B 327 -26.33 1.86 -11.74
N GLY B 328 -25.37 2.67 -11.29
CA GLY B 328 -25.63 3.73 -10.27
C GLY B 328 -26.79 4.67 -10.57
N GLY B 329 -27.60 4.96 -9.56
CA GLY B 329 -28.74 5.80 -9.75
C GLY B 329 -29.70 5.08 -10.67
N ASN B 330 -29.91 3.80 -10.41
CA ASN B 330 -30.82 3.00 -11.21
C ASN B 330 -32.24 3.61 -11.20
N PRO B 331 -32.92 3.63 -12.37
CA PRO B 331 -34.23 4.26 -12.55
C PRO B 331 -35.35 3.79 -11.66
N LEU B 332 -35.41 2.48 -11.39
CA LEU B 332 -36.38 1.98 -10.43
C LEU B 332 -36.00 2.48 -9.02
N ALA B 333 -34.70 2.50 -8.72
CA ALA B 333 -34.20 2.91 -7.41
C ALA B 333 -34.49 4.40 -7.21
N CYS B 334 -34.38 5.16 -8.29
CA CYS B 334 -34.65 6.59 -8.18
C CYS B 334 -36.15 6.81 -7.94
N ALA B 335 -37.00 6.12 -8.70
CA ALA B 335 -38.46 6.25 -8.52
C ALA B 335 -38.82 5.95 -7.07
N ALA B 336 -38.20 4.90 -6.54
CA ALA B 336 -38.42 4.48 -5.17
C ALA B 336 -37.94 5.53 -4.21
N ALA B 337 -36.75 6.09 -4.41
CA ALA B 337 -36.26 7.19 -3.56
C ALA B 337 -37.22 8.41 -3.50
N LEU B 338 -37.67 8.84 -4.66
CA LEU B 338 -38.62 9.92 -4.75
C LEU B 338 -39.86 9.58 -3.94
N ALA B 339 -40.32 8.32 -4.00
CA ALA B 339 -41.47 7.84 -3.22
C ALA B 339 -41.20 7.86 -1.72
N VAL B 340 -40.02 7.39 -1.30
CA VAL B 340 -39.57 7.49 0.08
C VAL B 340 -39.49 8.93 0.60
N ILE B 341 -38.91 9.83 -0.19
CA ILE B 341 -38.83 11.22 0.23
C ILE B 341 -40.25 11.81 0.41
N ASP B 342 -41.16 11.48 -0.51
CA ASP B 342 -42.56 11.93 -0.40
C ASP B 342 -43.31 11.28 0.77
N THR B 343 -43.02 10.00 1.09
CA THR B 343 -43.70 9.34 2.19
C THR B 343 -43.30 9.93 3.55
N ILE B 344 -42.01 10.20 3.69
CA ILE B 344 -41.47 10.83 4.89
C ILE B 344 -42.14 12.18 5.13
N GLU B 345 -42.29 13.00 4.10
CA GLU B 345 -42.91 14.31 4.26
C GLU B 345 -44.40 14.15 4.57
N ARG B 346 -45.10 13.35 3.77
CA ARG B 346 -46.55 13.17 3.91
C ARG B 346 -46.99 12.57 5.25
N GLU B 347 -46.22 11.62 5.78
CA GLU B 347 -46.63 10.90 6.97
C GLU B 347 -45.92 11.36 8.24
N ASN B 348 -45.26 12.51 8.15
CA ASN B 348 -44.33 13.04 9.21
CA ASN B 348 -44.51 13.02 9.30
C ASN B 348 -43.63 11.91 9.95
N LEU B 349 -42.79 11.20 9.18
CA LEU B 349 -42.10 10.08 9.77
C LEU B 349 -40.91 10.50 10.64
N VAL B 350 -40.42 11.73 10.49
CA VAL B 350 -39.39 12.21 11.40
C VAL B 350 -40.00 12.27 12.80
N ALA B 351 -41.16 12.88 12.91
CA ALA B 351 -41.94 12.92 14.16
C ALA B 351 -42.13 11.49 14.65
N ARG B 352 -42.54 10.60 13.74
CA ARG B 352 -42.87 9.22 14.04
C ARG B 352 -41.68 8.49 14.65
N ALA B 353 -40.50 8.63 14.02
CA ALA B 353 -39.27 8.10 14.61
C ALA B 353 -39.01 8.57 16.06
N ARG B 354 -39.25 9.86 16.32
CA ARG B 354 -39.13 10.42 17.68
C ARG B 354 -40.09 9.77 18.64
N ALA B 355 -41.32 9.54 18.19
CA ALA B 355 -42.34 8.92 19.05
C ALA B 355 -41.95 7.44 19.33
N ILE B 356 -41.40 6.76 18.32
CA ILE B 356 -40.88 5.40 18.48
C ILE B 356 -39.76 5.36 19.54
N GLY B 357 -38.81 6.28 19.43
CA GLY B 357 -37.75 6.42 20.40
C GLY B 357 -38.22 6.67 21.82
N GLU B 358 -39.21 7.54 22.01
CA GLU B 358 -39.68 7.84 23.37
C GLU B 358 -40.19 6.57 24.04
N THR B 359 -40.95 5.75 23.29
CA THR B 359 -41.47 4.47 23.81
C THR B 359 -40.35 3.45 24.10
N MET B 360 -39.44 3.28 23.16
CA MET B 360 -38.37 2.32 23.33
C MET B 360 -37.45 2.75 24.49
N LEU B 361 -37.08 4.02 24.55
CA LEU B 361 -36.20 4.51 25.60
C LEU B 361 -36.85 4.41 26.98
N SER B 362 -38.15 4.68 27.02
CA SER B 362 -38.94 4.54 28.24
C SER B 362 -39.00 3.07 28.71
N ARG B 363 -39.35 2.15 27.81
CA ARG B 363 -39.45 0.74 28.20
C ARG B 363 -38.07 0.19 28.55
N LEU B 364 -37.08 0.43 27.69
CA LEU B 364 -35.80 -0.19 27.93
C LEU B 364 -35.15 0.38 29.17
N GLY B 365 -35.37 1.67 29.43
CA GLY B 365 -34.93 2.28 30.67
C GLY B 365 -35.46 1.54 31.88
N ALA B 366 -36.75 1.27 31.87
CA ALA B 366 -37.43 0.59 33.00
C ALA B 366 -36.89 -0.82 33.20
N LEU B 367 -36.57 -1.48 32.10
CA LEU B 367 -35.90 -2.77 32.14
C LEU B 367 -34.52 -2.64 32.78
N ALA B 368 -33.74 -1.65 32.35
CA ALA B 368 -32.41 -1.39 32.92
C ALA B 368 -32.45 -1.12 34.44
N ALA B 369 -33.48 -0.40 34.92
CA ALA B 369 -33.63 -0.14 36.37
C ALA B 369 -33.84 -1.42 37.18
N ALA B 370 -34.49 -2.40 36.58
CA ALA B 370 -34.77 -3.69 37.24
C ALA B 370 -33.67 -4.73 36.99
N ASP B 371 -32.89 -4.56 35.91
CA ASP B 371 -31.91 -5.57 35.48
C ASP B 371 -30.47 -5.03 35.25
N PRO B 372 -29.58 -5.23 36.21
CA PRO B 372 -28.28 -4.59 36.08
C PRO B 372 -27.35 -5.25 35.05
N ARG B 373 -27.84 -6.27 34.37
CA ARG B 373 -27.08 -6.81 33.23
C ARG B 373 -27.07 -5.79 32.06
N ILE B 374 -28.03 -4.86 32.06
CA ILE B 374 -28.08 -3.77 31.09
C ILE B 374 -27.22 -2.64 31.61
N GLY B 375 -26.03 -2.52 31.04
CA GLY B 375 -25.09 -1.48 31.46
C GLY B 375 -25.50 -0.10 30.96
N GLU B 376 -26.00 0.02 29.74
CA GLU B 376 -26.47 1.32 29.24
C GLU B 376 -27.52 1.13 28.15
N VAL B 377 -28.41 2.13 28.04
CA VAL B 377 -29.39 2.24 26.98
C VAL B 377 -29.07 3.53 26.23
N ARG B 378 -28.87 3.47 24.92
CA ARG B 378 -28.46 4.65 24.17
C ARG B 378 -29.04 4.67 22.76
N GLY B 379 -28.87 5.81 22.10
CA GLY B 379 -29.28 6.00 20.71
C GLY B 379 -30.49 6.90 20.68
N ARG B 380 -31.03 7.15 19.49
CA ARG B 380 -32.12 8.11 19.36
C ARG B 380 -33.09 7.63 18.32
N GLY B 381 -34.36 7.99 18.48
CA GLY B 381 -35.35 7.73 17.46
C GLY B 381 -35.60 6.25 17.33
N ALA B 382 -35.56 5.74 16.09
CA ALA B 382 -35.68 4.32 15.86
C ALA B 382 -34.31 3.67 15.67
N MET B 383 -33.29 4.22 16.32
CA MET B 383 -31.96 3.61 16.39
C MET B 383 -31.51 3.49 17.83
N ILE B 384 -31.98 2.45 18.51
CA ILE B 384 -31.78 2.32 19.96
C ILE B 384 -31.07 1.00 20.25
N ALA B 385 -30.25 0.98 21.31
CA ALA B 385 -29.47 -0.21 21.63
C ALA B 385 -29.31 -0.40 23.12
N VAL B 386 -29.13 -1.64 23.55
CA VAL B 386 -28.74 -1.86 24.95
C VAL B 386 -27.40 -2.56 24.96
N GLU B 387 -26.50 -2.11 25.83
CA GLU B 387 -25.21 -2.77 25.95
C GLU B 387 -25.25 -3.66 27.18
N LEU B 388 -24.99 -4.95 27.01
CA LEU B 388 -25.05 -5.94 28.10
C LEU B 388 -23.71 -6.23 28.77
N VAL B 389 -23.69 -6.18 30.09
CA VAL B 389 -22.45 -6.34 30.88
C VAL B 389 -22.64 -7.22 32.09
N LYS B 390 -21.53 -7.64 32.69
CA LYS B 390 -21.60 -8.28 34.01
C LYS B 390 -22.01 -7.19 35.01
N PRO B 391 -23.01 -7.45 35.89
CA PRO B 391 -23.55 -6.40 36.78
C PRO B 391 -22.53 -5.64 37.61
N GLY B 392 -22.69 -4.32 37.69
CA GLY B 392 -21.77 -3.48 38.44
C GLY B 392 -20.40 -3.28 37.79
N THR B 393 -20.29 -3.52 36.47
CA THR B 393 -19.00 -3.38 35.75
C THR B 393 -19.24 -2.98 34.30
N THR B 394 -18.15 -2.79 33.55
CA THR B 394 -18.23 -2.53 32.11
C THR B 394 -17.72 -3.73 31.34
N GLU B 395 -17.52 -4.87 32.02
CA GLU B 395 -17.06 -6.10 31.37
C GLU B 395 -18.15 -6.63 30.42
N PRO B 396 -17.82 -6.85 29.15
CA PRO B 396 -18.85 -7.28 28.21
C PRO B 396 -19.38 -8.69 28.46
N ASP B 397 -20.66 -8.89 28.17
CA ASP B 397 -21.29 -10.22 28.18
C ASP B 397 -21.92 -10.55 26.82
N ALA B 398 -21.05 -10.89 25.88
CA ALA B 398 -21.46 -11.31 24.54
C ALA B 398 -22.19 -12.64 24.60
N ASP B 399 -21.78 -13.55 25.50
CA ASP B 399 -22.52 -14.81 25.63
C ASP B 399 -24.00 -14.52 26.01
N LEU B 400 -24.25 -13.66 26.99
CA LEU B 400 -25.64 -13.35 27.34
C LEU B 400 -26.38 -12.79 26.10
N THR B 401 -25.70 -11.95 25.33
CA THR B 401 -26.35 -11.27 24.20
C THR B 401 -26.85 -12.26 23.13
N LYS B 402 -26.00 -13.23 22.80
CA LYS B 402 -26.39 -14.31 21.89
C LYS B 402 -27.57 -15.13 22.44
N ARG B 403 -27.60 -15.34 23.76
CA ARG B 403 -28.67 -16.11 24.39
C ARG B 403 -29.99 -15.40 24.29
N VAL B 404 -30.00 -14.12 24.63
CA VAL B 404 -31.20 -13.26 24.50
C VAL B 404 -31.65 -13.23 23.04
N ALA B 405 -30.69 -13.07 22.12
CA ALA B 405 -31.02 -12.99 20.68
C ALA B 405 -31.65 -14.31 20.19
N ALA B 406 -31.15 -15.43 20.67
CA ALA B 406 -31.68 -16.71 20.25
C ALA B 406 -33.10 -16.95 20.79
N ALA B 407 -33.35 -16.53 22.02
CA ALA B 407 -34.64 -16.68 22.68
C ALA B 407 -35.67 -15.80 22.04
N ALA B 408 -35.27 -14.57 21.73
CA ALA B 408 -36.14 -13.61 21.04
C ALA B 408 -36.49 -14.10 19.65
N HIS B 409 -35.53 -14.57 18.89
CA HIS B 409 -35.82 -15.12 17.55
C HIS B 409 -36.77 -16.28 17.64
N ALA B 410 -36.58 -17.12 18.66
CA ALA B 410 -37.44 -18.31 18.88
C ALA B 410 -38.89 -17.91 19.15
N GLN B 411 -39.08 -16.73 19.73
CA GLN B 411 -40.44 -16.17 20.00
C GLN B 411 -40.98 -15.23 18.89
N GLY B 412 -40.39 -15.26 17.70
CA GLY B 412 -40.93 -14.48 16.57
C GLY B 412 -40.58 -12.98 16.58
N LEU B 413 -39.46 -12.59 17.18
CA LEU B 413 -38.99 -11.20 17.14
C LEU B 413 -37.62 -11.18 16.47
N VAL B 414 -37.52 -10.48 15.33
CA VAL B 414 -36.23 -10.35 14.61
C VAL B 414 -35.45 -9.20 15.24
N VAL B 415 -34.54 -9.53 16.15
CA VAL B 415 -33.72 -8.53 16.79
C VAL B 415 -32.29 -8.88 16.42
N LEU B 416 -31.50 -7.84 16.17
CA LEU B 416 -30.11 -8.02 15.74
C LEU B 416 -29.15 -7.64 16.85
N THR B 417 -27.92 -8.13 16.71
CA THR B 417 -26.84 -7.80 17.63
C THR B 417 -25.70 -7.09 16.88
N CYS B 418 -24.82 -6.45 17.63
CA CYS B 418 -23.66 -5.79 17.08
C CYS B 418 -22.63 -5.51 18.18
N GLY B 419 -21.66 -4.68 17.86
CA GLY B 419 -20.76 -4.19 18.88
C GLY B 419 -19.41 -4.76 18.66
N THR B 420 -18.41 -3.92 18.90
CA THR B 420 -17.02 -4.31 18.88
C THR B 420 -16.74 -5.51 19.81
N TYR B 421 -17.40 -5.58 20.99
CA TYR B 421 -17.26 -6.72 21.91
C TYR B 421 -18.45 -7.72 21.86
N GLY B 422 -19.24 -7.65 20.77
CA GLY B 422 -20.35 -8.59 20.49
C GLY B 422 -21.51 -8.56 21.52
N ASN B 423 -21.57 -7.49 22.32
CA ASN B 423 -22.47 -7.42 23.46
C ASN B 423 -23.53 -6.33 23.36
N VAL B 424 -23.98 -6.00 22.16
CA VAL B 424 -25.00 -4.98 22.01
C VAL B 424 -26.19 -5.51 21.28
N LEU B 425 -27.37 -5.33 21.87
CA LEU B 425 -28.66 -5.61 21.20
C LEU B 425 -29.15 -4.33 20.58
N ARG B 426 -29.39 -4.32 19.29
CA ARG B 426 -29.79 -3.10 18.60
C ARG B 426 -31.21 -3.20 18.06
N PHE B 427 -31.91 -2.07 18.07
CA PHE B 427 -33.30 -2.09 17.67
C PHE B 427 -33.49 -1.05 16.57
N LEU B 428 -33.93 -1.54 15.42
CA LEU B 428 -34.13 -0.75 14.21
C LEU B 428 -35.48 -1.11 13.65
N PRO B 429 -36.54 -0.79 14.39
CA PRO B 429 -37.84 -1.09 13.82
C PRO B 429 -38.15 -0.21 12.61
N PRO B 430 -38.99 -0.70 11.68
CA PRO B 430 -39.50 0.19 10.66
C PRO B 430 -40.39 1.25 11.30
N LEU B 431 -40.44 2.43 10.68
CA LEU B 431 -41.28 3.52 11.18
C LEU B 431 -42.76 3.26 10.85
N SER B 432 -43.02 2.34 9.94
CA SER B 432 -44.37 1.79 9.71
C SER B 432 -44.78 0.69 10.72
N MET B 433 -43.99 0.46 11.76
CA MET B 433 -44.32 -0.53 12.79
C MET B 433 -45.58 -0.03 13.45
N PRO B 434 -46.64 -0.84 13.50
CA PRO B 434 -47.82 -0.32 14.24
C PRO B 434 -47.52 -0.22 15.75
N ASP B 435 -48.25 0.62 16.47
CA ASP B 435 -48.03 0.77 17.93
C ASP B 435 -48.17 -0.52 18.73
N HIS B 436 -49.15 -1.35 18.41
CA HIS B 436 -49.40 -2.56 19.22
C HIS B 436 -48.27 -3.59 19.02
N LEU B 437 -47.64 -3.58 17.85
CA LEU B 437 -46.57 -4.52 17.58
C LEU B 437 -45.24 -4.06 18.20
N LEU B 438 -45.04 -2.75 18.24
CA LEU B 438 -43.90 -2.15 18.91
C LEU B 438 -43.99 -2.55 20.39
N ASP B 439 -45.21 -2.46 20.96
CA ASP B 439 -45.47 -2.75 22.38
C ASP B 439 -45.19 -4.22 22.65
N GLU B 440 -45.72 -5.06 21.77
CA GLU B 440 -45.62 -6.48 21.91
C GLU B 440 -44.15 -6.89 21.73
N GLY B 441 -43.43 -6.25 20.81
CA GLY B 441 -42.02 -6.55 20.63
C GLY B 441 -41.21 -6.35 21.92
N LEU B 442 -41.41 -5.19 22.54
CA LEU B 442 -40.76 -4.87 23.81
C LEU B 442 -41.17 -5.86 24.92
N ASP B 443 -42.45 -6.27 24.93
CA ASP B 443 -42.97 -7.27 25.89
C ASP B 443 -42.23 -8.57 25.73
N ILE B 444 -41.99 -8.97 24.49
CA ILE B 444 -41.24 -10.20 24.20
C ILE B 444 -39.81 -10.11 24.75
N LEU B 445 -39.16 -8.95 24.57
CA LEU B 445 -37.82 -8.72 25.13
C LEU B 445 -37.75 -8.86 26.65
N ALA B 446 -38.66 -8.17 27.35
CA ALA B 446 -38.77 -8.28 28.79
C ALA B 446 -38.95 -9.73 29.19
N ALA B 447 -39.76 -10.49 28.45
CA ALA B 447 -39.99 -11.88 28.82
C ALA B 447 -38.68 -12.66 28.69
N VAL B 448 -37.96 -12.44 27.57
CA VAL B 448 -36.68 -13.09 27.33
C VAL B 448 -35.68 -12.72 28.44
N PHE B 449 -35.57 -11.45 28.82
CA PHE B 449 -34.66 -11.11 29.93
C PHE B 449 -35.08 -11.79 31.24
N ALA B 450 -36.37 -11.97 31.45
CA ALA B 450 -36.88 -12.71 32.59
C ALA B 450 -36.58 -14.22 32.47
N GLU B 451 -36.61 -14.74 31.26
CA GLU B 451 -36.35 -16.15 30.97
C GLU B 451 -34.87 -16.52 31.14
N VAL B 452 -33.98 -15.72 30.53
CA VAL B 452 -32.57 -16.12 30.32
C VAL B 452 -31.67 -15.87 31.53
N THR C 15 53.23 -6.86 2.24
CA THR C 15 53.24 -8.35 2.37
C THR C 15 52.90 -9.12 1.08
N LEU C 16 51.99 -8.61 0.25
CA LEU C 16 51.21 -9.48 -0.66
C LEU C 16 51.74 -9.59 -2.09
N THR C 17 52.16 -10.78 -2.47
CA THR C 17 52.68 -11.01 -3.82
C THR C 17 51.52 -11.13 -4.81
N GLN C 18 51.63 -10.45 -5.94
CA GLN C 18 50.58 -10.48 -6.97
C GLN C 18 50.70 -11.74 -7.80
N GLU C 19 50.27 -12.85 -7.22
CA GLU C 19 50.32 -14.14 -7.90
C GLU C 19 49.24 -15.06 -7.33
N ARG C 20 48.72 -15.94 -8.17
CA ARG C 20 47.74 -16.91 -7.75
C ARG C 20 48.46 -18.00 -6.98
N ARG C 21 47.86 -18.52 -5.93
CA ARG C 21 48.53 -19.50 -5.11
C ARG C 21 47.51 -20.46 -4.52
N LEU C 22 47.57 -21.72 -4.95
CA LEU C 22 46.70 -22.79 -4.46
C LEU C 22 47.55 -23.76 -3.66
N VAL C 23 47.41 -23.62 -2.34
CA VAL C 23 48.14 -24.33 -1.33
C VAL C 23 47.25 -25.45 -0.75
N THR C 24 45.93 -25.24 -0.73
CA THR C 24 44.99 -26.27 -0.29
C THR C 24 43.84 -26.35 -1.31
N ALA C 25 42.97 -27.35 -1.17
CA ALA C 25 41.71 -27.36 -1.88
C ALA C 25 40.94 -26.06 -1.54
N ILE C 26 40.08 -25.60 -2.44
CA ILE C 26 39.23 -24.42 -2.20
C ILE C 26 37.83 -24.83 -1.84
N PRO C 27 37.37 -24.59 -0.61
CA PRO C 27 38.01 -23.96 0.54
C PRO C 27 38.86 -24.92 1.37
N GLY C 28 39.87 -24.40 2.04
CA GLY C 28 40.81 -25.23 2.81
C GLY C 28 40.30 -25.57 4.20
N PRO C 29 41.15 -26.20 5.04
CA PRO C 29 40.67 -26.64 6.38
C PRO C 29 40.34 -25.51 7.41
N ILE C 30 41.13 -24.45 7.41
CA ILE C 30 40.91 -23.32 8.32
C ILE C 30 39.61 -22.59 7.95
N SER C 31 39.44 -22.31 6.67
CA SER C 31 38.16 -21.81 6.18
C SER C 31 36.96 -22.69 6.52
N GLN C 32 37.13 -24.01 6.45
CA GLN C 32 36.03 -24.95 6.75
C GLN C 32 35.63 -24.87 8.22
N GLU C 33 36.58 -24.71 9.13
CA GLU C 33 36.21 -24.55 10.54
C GLU C 33 35.54 -23.17 10.78
N LEU C 34 35.96 -22.14 10.04
CA LEU C 34 35.35 -20.81 10.15
C LEU C 34 33.91 -20.85 9.63
N GLN C 35 33.69 -21.51 8.49
CA GLN C 35 32.34 -21.70 7.98
C GLN C 35 31.42 -22.45 8.97
N ALA C 36 31.92 -23.47 9.67
CA ALA C 36 31.09 -24.13 10.69
C ALA C 36 30.77 -23.12 11.81
N ARG C 37 31.73 -22.26 12.18
CA ARG C 37 31.42 -21.20 13.15
C ARG C 37 30.31 -20.22 12.62
N LYS C 38 30.37 -19.91 11.33
CA LYS C 38 29.38 -19.00 10.71
C LYS C 38 28.00 -19.61 10.79
N GLN C 39 27.92 -20.91 10.42
CA GLN C 39 26.66 -21.65 10.49
C GLN C 39 26.06 -21.74 11.90
N SER C 40 26.89 -21.79 12.92
CA SER C 40 26.39 -21.78 14.31
C SER C 40 26.01 -20.38 14.83
N ALA C 41 26.50 -19.33 14.17
CA ALA C 41 26.40 -17.96 14.72
C ALA C 41 25.62 -16.97 13.87
N VAL C 42 25.76 -17.05 12.56
CA VAL C 42 25.12 -16.14 11.59
C VAL C 42 23.82 -16.74 11.01
N ALA C 43 22.85 -15.88 10.75
CA ALA C 43 21.56 -16.30 10.24
C ALA C 43 21.70 -16.97 8.87
N ALA C 44 20.94 -18.05 8.65
CA ALA C 44 21.04 -18.84 7.40
C ALA C 44 20.78 -17.97 6.17
N GLY C 45 19.96 -16.93 6.33
CA GLY C 45 19.65 -16.02 5.21
C GLY C 45 20.84 -15.30 4.57
N VAL C 46 21.91 -15.11 5.32
CA VAL C 46 23.09 -14.47 4.79
C VAL C 46 23.86 -15.60 4.16
N GLY C 47 23.54 -15.88 2.90
CA GLY C 47 24.18 -16.98 2.15
C GLY C 47 25.54 -16.52 1.67
N VAL C 48 26.49 -17.45 1.59
CA VAL C 48 27.88 -17.16 1.20
C VAL C 48 28.21 -17.89 -0.11
N THR C 49 28.56 -17.15 -1.15
CA THR C 49 28.90 -17.72 -2.45
C THR C 49 30.16 -18.61 -2.45
N LEU C 50 31.26 -18.11 -1.88
CA LEU C 50 32.55 -18.82 -1.89
C LEU C 50 33.19 -18.75 -0.49
N PRO C 51 33.11 -19.85 0.27
CA PRO C 51 33.46 -19.76 1.69
C PRO C 51 34.96 -19.91 1.98
N VAL C 52 35.73 -19.03 1.36
CA VAL C 52 37.15 -18.86 1.68
C VAL C 52 37.23 -17.62 2.56
N TYR C 53 37.85 -17.75 3.74
CA TYR C 53 37.87 -16.64 4.68
C TYR C 53 39.10 -15.76 4.44
N VAL C 54 38.83 -14.50 4.09
CA VAL C 54 39.84 -13.54 3.69
C VAL C 54 40.57 -12.95 4.90
N VAL C 55 41.90 -12.87 4.80
CA VAL C 55 42.78 -12.26 5.80
C VAL C 55 43.50 -10.99 5.27
N ALA C 56 43.74 -10.94 3.97
CA ALA C 56 44.41 -9.79 3.36
C ALA C 56 44.00 -9.69 1.90
N ALA C 57 44.11 -8.48 1.34
CA ALA C 57 43.76 -8.27 -0.08
C ALA C 57 44.45 -7.04 -0.60
N GLY C 58 44.76 -7.04 -1.90
CA GLY C 58 45.37 -5.88 -2.54
C GLY C 58 45.69 -6.21 -4.00
N GLY C 59 45.67 -5.16 -4.85
CA GLY C 59 45.99 -5.33 -6.27
C GLY C 59 44.91 -6.10 -6.98
N GLY C 60 45.23 -7.33 -7.39
CA GLY C 60 44.27 -8.22 -8.03
C GLY C 60 44.01 -9.50 -7.22
N VAL C 61 44.42 -9.52 -5.96
CA VAL C 61 44.48 -10.76 -5.21
C VAL C 61 43.75 -10.73 -3.85
N LEU C 62 43.05 -11.83 -3.55
CA LEU C 62 42.48 -12.09 -2.22
C LEU C 62 43.28 -13.21 -1.54
N ALA C 63 43.74 -12.98 -0.32
CA ALA C 63 44.50 -13.97 0.44
C ALA C 63 43.65 -14.55 1.55
N ASP C 64 43.55 -15.88 1.62
CA ASP C 64 42.64 -16.53 2.58
C ASP C 64 43.34 -17.13 3.81
N ALA C 65 42.53 -17.52 4.79
CA ALA C 65 43.06 -18.06 6.06
C ALA C 65 43.95 -19.32 5.92
N ASP C 66 43.85 -20.04 4.79
CA ASP C 66 44.69 -21.25 4.58
C ASP C 66 46.02 -20.98 3.84
N GLY C 67 46.27 -19.72 3.48
CA GLY C 67 47.46 -19.36 2.74
C GLY C 67 47.26 -19.28 1.22
N ASN C 68 46.05 -19.49 0.73
CA ASN C 68 45.76 -19.38 -0.71
C ASN C 68 45.72 -17.93 -1.17
N GLN C 69 46.00 -17.69 -2.44
CA GLN C 69 45.84 -16.35 -3.03
C GLN C 69 45.02 -16.52 -4.29
N LEU C 70 43.83 -15.92 -4.29
CA LEU C 70 42.89 -16.02 -5.41
C LEU C 70 42.87 -14.74 -6.22
N ILE C 71 42.66 -14.88 -7.52
CA ILE C 71 42.53 -13.75 -8.40
C ILE C 71 41.12 -13.24 -8.23
N ASP C 72 40.99 -11.93 -8.00
CA ASP C 72 39.66 -11.32 -7.74
C ASP C 72 39.01 -10.69 -9.00
N PHE C 73 38.07 -11.39 -9.63
CA PHE C 73 37.26 -10.84 -10.74
C PHE C 73 35.88 -10.38 -10.22
N GLY C 74 35.75 -10.08 -8.95
CA GLY C 74 34.46 -9.62 -8.41
C GLY C 74 34.45 -8.29 -7.68
N SER C 75 35.59 -7.82 -7.20
CA SER C 75 35.63 -6.48 -6.61
C SER C 75 34.70 -6.28 -5.42
N GLY C 76 34.28 -7.36 -4.78
CA GLY C 76 33.34 -7.27 -3.67
C GLY C 76 31.97 -6.82 -4.15
N ILE C 77 31.64 -7.24 -5.36
CA ILE C 77 30.54 -6.73 -6.17
C ILE C 77 30.68 -5.25 -6.60
N ALA C 78 31.79 -4.94 -7.27
CA ALA C 78 31.99 -3.64 -7.86
C ALA C 78 32.26 -2.54 -6.82
N VAL C 79 32.76 -2.93 -5.66
CA VAL C 79 33.10 -1.94 -4.61
C VAL C 79 34.59 -1.53 -4.60
N THR C 80 35.50 -2.50 -4.56
CA THR C 80 36.93 -2.15 -4.50
C THR C 80 37.56 -1.88 -5.87
N THR C 81 36.95 -0.97 -6.62
CA THR C 81 37.41 -0.56 -7.94
C THR C 81 38.83 -0.04 -7.93
N VAL C 82 39.20 0.71 -6.90
CA VAL C 82 40.57 1.24 -6.83
C VAL C 82 41.58 0.24 -6.20
N GLY C 83 41.11 -0.96 -5.91
CA GLY C 83 41.88 -1.97 -5.20
C GLY C 83 41.45 -2.03 -3.73
N ASN C 84 41.53 -3.23 -3.17
CA ASN C 84 41.33 -3.39 -1.74
C ASN C 84 42.46 -2.73 -1.01
N SER C 85 42.13 -2.00 0.04
CA SER C 85 43.13 -1.31 0.82
C SER C 85 44.09 -0.55 -0.05
N ALA C 86 43.53 0.31 -0.89
CA ALA C 86 44.36 1.13 -1.77
C ALA C 86 45.20 2.07 -0.91
N PRO C 87 46.47 2.26 -1.25
CA PRO C 87 47.33 3.01 -0.35
C PRO C 87 46.83 4.42 0.07
N ALA C 88 46.19 5.17 -0.82
CA ALA C 88 45.69 6.51 -0.48
C ALA C 88 44.51 6.40 0.49
N VAL C 89 43.73 5.35 0.35
CA VAL C 89 42.60 5.08 1.24
C VAL C 89 43.08 4.72 2.64
N VAL C 90 44.04 3.80 2.67
CA VAL C 90 44.65 3.35 3.91
C VAL C 90 45.21 4.57 4.66
N ASP C 91 45.93 5.40 3.94
CA ASP C 91 46.48 6.61 4.56
C ASP C 91 45.40 7.59 5.06
N ALA C 92 44.43 7.88 4.20
CA ALA C 92 43.35 8.81 4.57
C ALA C 92 42.54 8.31 5.78
N VAL C 93 42.29 7.00 5.82
CA VAL C 93 41.45 6.43 6.86
C VAL C 93 42.21 6.37 8.15
N THR C 94 43.51 6.08 8.06
CA THR C 94 44.37 5.98 9.20
C THR C 94 44.47 7.34 9.88
N GLN C 95 44.60 8.41 9.10
CA GLN C 95 44.67 9.76 9.69
C GLN C 95 43.32 10.15 10.29
N GLN C 96 42.23 9.92 9.57
CA GLN C 96 40.92 10.30 10.09
C GLN C 96 40.56 9.62 11.41
N VAL C 97 40.73 8.29 11.50
CA VAL C 97 40.23 7.56 12.67
C VAL C 97 40.83 8.05 13.99
N ALA C 98 42.08 8.52 13.94
CA ALA C 98 42.75 9.08 15.08
C ALA C 98 42.20 10.46 15.47
N ALA C 99 41.56 11.14 14.52
CA ALA C 99 41.01 12.47 14.76
C ALA C 99 39.57 12.47 15.37
N PHE C 100 38.61 11.87 14.63
CA PHE C 100 37.27 11.49 15.14
C PHE C 100 36.65 10.42 14.25
N THR C 101 35.74 9.63 14.85
CA THR C 101 35.13 8.49 14.18
C THR C 101 33.75 8.85 13.67
N HIS C 102 33.07 9.72 14.39
CA HIS C 102 31.68 10.05 14.11
C HIS C 102 31.21 11.24 14.97
N THR C 103 30.53 12.19 14.35
CA THR C 103 29.83 13.22 15.11
C THR C 103 28.32 13.25 14.84
N CYS C 104 27.91 12.62 13.74
CA CYS C 104 26.60 12.85 13.09
C CYS C 104 26.58 14.24 12.47
N PHE C 105 26.65 14.29 11.14
CA PHE C 105 26.82 15.54 10.42
C PHE C 105 25.72 16.54 10.76
N MET C 106 24.53 16.04 10.96
CA MET C 106 23.38 16.88 11.25
C MET C 106 23.42 17.46 12.66
N VAL C 107 24.28 16.96 13.54
CA VAL C 107 24.46 17.58 14.88
C VAL C 107 25.57 18.65 14.84
N THR C 108 26.83 18.21 14.65
CA THR C 108 27.96 19.11 14.39
C THR C 108 28.67 18.60 13.16
N PRO C 109 28.76 19.43 12.10
CA PRO C 109 29.24 18.94 10.81
C PRO C 109 30.78 18.87 10.76
N TYR C 110 31.33 18.54 9.60
CA TYR C 110 32.77 18.42 9.43
C TYR C 110 33.07 18.57 7.93
N GLU C 111 34.29 18.99 7.64
CA GLU C 111 34.61 19.44 6.30
C GLU C 111 34.58 18.31 5.28
N GLY C 112 34.87 17.08 5.71
CA GLY C 112 34.94 15.95 4.79
C GLY C 112 33.66 15.68 4.03
N TYR C 113 32.53 15.77 4.70
CA TYR C 113 31.24 15.63 4.06
C TYR C 113 31.02 16.69 2.98
N VAL C 114 31.30 17.96 3.32
CA VAL C 114 31.11 19.07 2.39
C VAL C 114 32.02 18.96 1.17
N LYS C 115 33.28 18.57 1.40
CA LYS C 115 34.21 18.38 0.30
C LYS C 115 33.73 17.29 -0.69
N VAL C 116 33.25 16.18 -0.14
CA VAL C 116 32.74 15.09 -0.98
C VAL C 116 31.54 15.53 -1.79
N ALA C 117 30.65 16.30 -1.15
CA ALA C 117 29.51 16.85 -1.87
C ALA C 117 29.99 17.78 -3.00
N GLU C 118 30.91 18.68 -2.71
CA GLU C 118 31.43 19.58 -3.76
C GLU C 118 32.04 18.82 -4.96
N HIS C 119 32.70 17.69 -4.67
CA HIS C 119 33.40 16.94 -5.70
C HIS C 119 32.42 16.17 -6.53
N LEU C 120 31.42 15.56 -5.88
CA LEU C 120 30.32 14.96 -6.63
C LEU C 120 29.58 15.99 -7.48
N ASN C 121 29.30 17.16 -6.92
CA ASN C 121 28.62 18.18 -7.71
C ASN C 121 29.43 18.49 -8.95
N ARG C 122 30.72 18.67 -8.80
CA ARG C 122 31.60 18.99 -9.92
C ARG C 122 31.74 17.87 -10.97
N LEU C 123 31.83 16.62 -10.52
CA LEU C 123 32.25 15.53 -11.38
C LEU C 123 31.10 14.82 -12.11
N THR C 124 29.89 14.89 -11.57
CA THR C 124 28.74 14.23 -12.18
C THR C 124 28.38 14.92 -13.51
N PRO C 125 27.59 14.25 -14.37
CA PRO C 125 27.25 14.91 -15.63
C PRO C 125 26.53 16.24 -15.46
N GLY C 126 26.71 17.10 -16.46
CA GLY C 126 25.99 18.37 -16.58
C GLY C 126 26.70 19.52 -15.92
N ASP C 127 26.39 20.72 -16.42
CA ASP C 127 27.03 21.95 -15.99
C ASP C 127 26.22 22.78 -15.00
N HIS C 128 24.98 22.42 -14.80
CA HIS C 128 24.06 23.18 -14.00
C HIS C 128 24.43 23.10 -12.50
N GLU C 129 23.78 23.89 -11.68
CA GLU C 129 24.08 23.87 -10.27
C GLU C 129 23.49 22.61 -9.62
N LYS C 130 24.25 21.99 -8.72
CA LYS C 130 23.82 20.74 -8.07
C LYS C 130 23.99 20.80 -6.58
N ARG C 131 23.30 19.88 -5.89
CA ARG C 131 23.51 19.63 -4.46
C ARG C 131 23.62 18.14 -4.28
N THR C 132 24.18 17.73 -3.14
CA THR C 132 24.41 16.33 -2.80
C THR C 132 24.06 16.07 -1.35
N ALA C 133 23.59 14.86 -1.08
CA ALA C 133 23.40 14.36 0.28
C ALA C 133 23.99 12.96 0.43
N LEU C 134 24.50 12.66 1.61
CA LEU C 134 25.27 11.43 1.77
C LEU C 134 24.60 10.47 2.73
N PHE C 135 24.67 9.18 2.39
CA PHE C 135 24.17 8.09 3.21
C PHE C 135 25.18 6.97 3.32
N ASN C 136 24.73 5.79 3.73
CA ASN C 136 25.60 4.67 4.01
C ASN C 136 25.56 3.61 2.92
N SER C 137 24.38 3.16 2.54
CA SER C 137 24.25 2.07 1.54
C SER C 137 23.57 2.53 0.26
N GLY C 138 23.76 1.76 -0.83
CA GLY C 138 23.06 2.00 -2.08
C GLY C 138 21.54 2.08 -1.92
N ALA C 139 20.94 1.11 -1.21
CA ALA C 139 19.49 1.11 -0.92
C ALA C 139 19.07 2.43 -0.29
N GLU C 140 19.84 2.86 0.72
CA GLU C 140 19.54 4.12 1.37
C GLU C 140 19.56 5.27 0.38
N ALA C 141 20.63 5.37 -0.41
CA ALA C 141 20.68 6.45 -1.40
C ALA C 141 19.50 6.39 -2.35
N VAL C 142 19.16 5.22 -2.91
CA VAL C 142 18.00 5.15 -3.82
C VAL C 142 16.65 5.56 -3.16
N GLU C 143 16.36 5.01 -1.97
CA GLU C 143 15.26 5.52 -1.09
C GLU C 143 15.21 7.04 -1.04
N ASN C 144 16.38 7.66 -0.93
CA ASN C 144 16.46 9.10 -0.75
C ASN C 144 16.24 9.84 -2.11
N ALA C 145 16.67 9.25 -3.22
CA ALA C 145 16.37 9.81 -4.52
C ALA C 145 14.83 9.86 -4.69
N VAL C 146 14.12 8.81 -4.22
CA VAL C 146 12.63 8.76 -4.28
C VAL C 146 12.00 9.77 -3.35
N LYS C 147 12.51 9.86 -2.14
CA LYS C 147 12.00 10.89 -1.22
C LYS C 147 12.17 12.27 -1.82
N ILE C 148 13.35 12.52 -2.39
CA ILE C 148 13.64 13.82 -2.91
C ILE C 148 12.72 14.11 -4.10
N ALA C 149 12.55 13.14 -5.01
CA ALA C 149 11.69 13.35 -6.20
C ALA C 149 10.23 13.60 -5.82
N ARG C 150 9.75 12.82 -4.84
CA ARG C 150 8.40 12.97 -4.35
C ARG C 150 8.15 14.33 -3.70
N ALA C 151 9.12 14.81 -2.90
CA ALA C 151 8.97 16.07 -2.19
C ALA C 151 8.99 17.24 -3.17
N TYR C 152 9.88 17.21 -4.17
CA TYR C 152 9.93 18.29 -5.14
C TYR C 152 8.70 18.30 -6.03
N THR C 153 8.34 17.17 -6.63
CA THR C 153 7.25 17.14 -7.58
C THR C 153 5.90 17.19 -6.93
N ARG C 154 5.82 16.79 -5.66
CA ARG C 154 4.52 16.50 -5.03
C ARG C 154 3.72 15.45 -5.81
N ARG C 155 4.40 14.58 -6.55
CA ARG C 155 3.75 13.47 -7.18
C ARG C 155 4.10 12.17 -6.42
N GLN C 156 3.33 11.10 -6.66
CA GLN C 156 3.49 9.82 -5.93
C GLN C 156 4.23 8.71 -6.69
N ALA C 157 4.00 8.57 -8.00
CA ALA C 157 4.41 7.35 -8.70
C ALA C 157 5.91 7.31 -9.03
N VAL C 158 6.48 6.10 -8.95
CA VAL C 158 7.87 5.81 -9.25
C VAL C 158 7.87 4.76 -10.35
N VAL C 159 8.53 5.02 -11.47
CA VAL C 159 8.63 4.04 -12.57
C VAL C 159 9.95 3.29 -12.53
N VAL C 160 9.86 1.96 -12.48
CA VAL C 160 11.06 1.14 -12.52
C VAL C 160 10.96 0.18 -13.71
N PHE C 161 11.99 -0.65 -13.90
CA PHE C 161 12.08 -1.42 -15.15
C PHE C 161 12.20 -2.92 -14.90
N ASP C 162 11.89 -3.71 -15.93
CA ASP C 162 12.27 -5.11 -15.98
C ASP C 162 13.79 -5.25 -15.81
N HIS C 163 14.22 -6.33 -15.15
CA HIS C 163 15.64 -6.58 -14.88
C HIS C 163 16.34 -5.64 -13.90
N ALA C 164 15.55 -4.80 -13.20
CA ALA C 164 16.10 -3.86 -12.21
C ALA C 164 16.42 -4.53 -10.90
N TYR C 165 17.43 -3.96 -10.23
CA TYR C 165 17.76 -4.26 -8.87
C TYR C 165 18.17 -2.93 -8.23
N HIS C 166 17.54 -2.61 -7.08
CA HIS C 166 17.83 -1.37 -6.34
C HIS C 166 18.17 -1.54 -4.85
N GLY C 167 18.04 -2.75 -4.31
CA GLY C 167 18.36 -3.02 -2.90
C GLY C 167 17.38 -3.86 -2.11
N ARG C 168 17.63 -3.98 -0.80
CA ARG C 168 16.97 -4.96 0.08
C ARG C 168 15.99 -4.40 1.12
N THR C 169 15.74 -3.07 1.06
CA THR C 169 14.78 -2.40 1.97
C THR C 169 13.43 -2.59 1.38
N ASN C 170 12.36 -2.28 2.12
CA ASN C 170 11.01 -2.56 1.61
C ASN C 170 10.73 -1.83 0.27
N LEU C 171 11.01 -0.52 0.18
CA LEU C 171 10.82 0.21 -1.05
C LEU C 171 11.77 -0.26 -2.16
N THR C 172 13.04 -0.49 -1.86
CA THR C 172 13.97 -0.92 -2.91
C THR C 172 13.69 -2.39 -3.33
N MET C 173 13.19 -3.23 -2.42
CA MET C 173 12.57 -4.50 -2.84
C MET C 173 11.42 -4.25 -3.83
N ALA C 174 10.51 -3.33 -3.53
CA ALA C 174 9.42 -3.02 -4.45
C ALA C 174 9.97 -2.68 -5.85
N MET C 175 11.06 -1.93 -5.89
CA MET C 175 11.58 -1.42 -7.12
C MET C 175 12.40 -2.49 -7.85
N THR C 176 12.83 -3.51 -7.12
CA THR C 176 13.56 -4.63 -7.69
C THR C 176 12.61 -5.58 -8.43
N ALA C 177 13.02 -6.02 -9.62
CA ALA C 177 12.19 -6.88 -10.43
C ALA C 177 12.10 -8.33 -9.90
N LYS C 178 13.23 -8.98 -9.65
CA LYS C 178 13.20 -10.45 -9.41
C LYS C 178 12.77 -10.84 -8.00
N ASN C 179 11.74 -11.67 -7.91
CA ASN C 179 11.17 -12.09 -6.63
C ASN C 179 12.13 -13.00 -5.84
N GLN C 180 12.84 -13.88 -6.54
CA GLN C 180 13.60 -14.95 -5.91
C GLN C 180 15.10 -14.67 -5.97
N PRO C 181 15.73 -14.55 -4.79
CA PRO C 181 15.32 -14.55 -3.39
C PRO C 181 15.20 -13.17 -2.76
N TYR C 182 15.25 -12.12 -3.57
CA TYR C 182 15.29 -10.76 -3.04
C TYR C 182 14.00 -10.37 -2.32
N LYS C 183 12.85 -10.81 -2.83
CA LYS C 183 11.55 -10.28 -2.35
C LYS C 183 10.64 -11.27 -1.64
N HIS C 184 10.70 -12.53 -2.05
CA HIS C 184 9.85 -13.62 -1.57
C HIS C 184 9.72 -13.69 -0.04
N GLY C 185 8.48 -13.50 0.43
CA GLY C 185 8.14 -13.58 1.84
C GLY C 185 8.27 -12.30 2.64
N PHE C 186 8.70 -11.22 2.00
CA PHE C 186 9.02 -10.01 2.74
C PHE C 186 8.00 -8.87 2.64
N GLY C 187 6.94 -9.09 1.88
CA GLY C 187 5.96 -8.08 1.56
C GLY C 187 4.93 -8.02 2.69
N PRO C 188 3.89 -7.18 2.52
CA PRO C 188 3.63 -6.35 1.35
C PRO C 188 4.56 -5.16 1.25
N PHE C 189 4.59 -4.63 0.03
CA PHE C 189 5.59 -3.65 -0.39
C PHE C 189 4.98 -2.28 -0.61
N ALA C 190 5.82 -1.26 -0.41
CA ALA C 190 5.51 0.12 -0.69
C ALA C 190 4.96 0.25 -2.11
N ASN C 191 3.84 0.96 -2.24
CA ASN C 191 3.05 0.97 -3.45
C ASN C 191 3.23 2.26 -4.28
N GLU C 192 2.40 2.42 -5.30
CA GLU C 192 2.62 3.41 -6.36
C GLU C 192 4.02 3.23 -6.95
N VAL C 193 4.42 1.97 -7.09
CA VAL C 193 5.60 1.59 -7.86
C VAL C 193 5.11 0.85 -9.09
N TYR C 194 5.58 1.26 -10.27
CA TYR C 194 5.05 0.70 -11.53
C TYR C 194 6.19 0.31 -12.45
N ARG C 195 6.10 -0.86 -13.10
CA ARG C 195 7.23 -1.37 -13.85
C ARG C 195 6.92 -1.46 -15.34
N VAL C 196 7.90 -1.18 -16.17
CA VAL C 196 7.75 -1.25 -17.59
C VAL C 196 8.98 -1.94 -18.15
N PRO C 197 8.90 -2.44 -19.38
CA PRO C 197 10.04 -3.12 -19.98
C PRO C 197 11.21 -2.21 -20.25
N THR C 198 12.39 -2.83 -20.28
CA THR C 198 13.62 -2.14 -20.59
C THR C 198 14.03 -2.49 -22.01
N SER C 199 15.29 -2.22 -22.35
CA SER C 199 15.86 -2.53 -23.65
C SER C 199 16.88 -3.60 -23.37
N TYR C 200 16.68 -4.76 -24.00
CA TYR C 200 17.51 -5.94 -23.82
C TYR C 200 17.62 -6.62 -25.22
N PRO C 201 18.52 -6.09 -26.08
CA PRO C 201 18.62 -6.49 -27.50
C PRO C 201 18.80 -7.99 -27.77
N PHE C 202 19.56 -8.68 -26.93
CA PHE C 202 19.71 -10.12 -27.09
C PHE C 202 18.38 -10.87 -26.98
N ARG C 203 17.45 -10.35 -26.19
CA ARG C 203 16.15 -11.01 -26.03
C ARG C 203 14.99 -10.33 -26.71
N ASP C 204 15.08 -9.03 -27.01
CA ASP C 204 13.94 -8.35 -27.65
C ASP C 204 14.11 -8.02 -29.14
N GLY C 205 15.28 -8.31 -29.70
CA GLY C 205 15.57 -8.09 -31.11
C GLY C 205 15.74 -6.66 -31.60
N GLU C 206 15.76 -5.68 -30.68
CA GLU C 206 15.65 -4.27 -31.09
C GLU C 206 16.90 -3.49 -30.72
N THR C 207 17.75 -3.25 -31.72
CA THR C 207 18.99 -2.48 -31.51
C THR C 207 18.78 -0.96 -31.54
N ASP C 208 17.55 -0.52 -31.76
CA ASP C 208 17.20 0.90 -31.74
C ASP C 208 16.61 1.23 -30.35
N GLY C 209 17.44 1.83 -29.50
CA GLY C 209 17.06 2.19 -28.15
C GLY C 209 15.87 3.12 -28.11
N ALA C 210 15.80 4.06 -29.06
CA ALA C 210 14.70 5.02 -29.10
C ALA C 210 13.33 4.33 -29.31
N ALA C 211 13.25 3.33 -30.18
CA ALA C 211 12.04 2.52 -30.34
C ALA C 211 11.69 1.66 -29.10
N ALA C 212 12.68 1.09 -28.43
CA ALA C 212 12.40 0.40 -27.15
C ALA C 212 11.79 1.39 -26.16
N ALA C 213 12.26 2.62 -26.16
CA ALA C 213 11.78 3.61 -25.19
C ALA C 213 10.31 3.98 -25.45
N ALA C 214 9.93 4.02 -26.72
CA ALA C 214 8.59 4.48 -27.08
C ALA C 214 7.52 3.60 -26.47
N HIS C 215 7.80 2.30 -26.37
CA HIS C 215 6.82 1.39 -25.82
C HIS C 215 6.76 1.52 -24.30
N ALA C 216 7.90 1.68 -23.66
CA ALA C 216 7.95 1.93 -22.22
C ALA C 216 7.21 3.20 -21.84
N LEU C 217 7.42 4.25 -22.62
CA LEU C 217 6.85 5.58 -22.33
C LEU C 217 5.36 5.58 -22.62
N ASP C 218 4.94 4.79 -23.59
CA ASP C 218 3.53 4.71 -23.89
C ASP C 218 2.80 4.01 -22.77
N LEU C 219 3.45 3.02 -22.15
CA LEU C 219 2.94 2.37 -20.92
C LEU C 219 2.89 3.37 -19.74
N ILE C 220 3.96 4.13 -19.52
CA ILE C 220 3.91 5.16 -18.46
CA ILE C 220 3.90 5.15 -18.46
C ILE C 220 2.74 6.11 -18.71
N ASN C 221 2.65 6.64 -19.95
CA ASN C 221 1.58 7.60 -20.30
C ASN C 221 0.19 7.08 -20.03
N LYS C 222 -0.08 5.87 -20.49
CA LYS C 222 -1.42 5.32 -20.39
C LYS C 222 -1.75 4.70 -19.04
N GLN C 223 -0.79 4.02 -18.40
CA GLN C 223 -1.11 3.31 -17.16
C GLN C 223 -0.80 4.06 -15.84
N VAL C 224 0.16 4.98 -15.87
CA VAL C 224 0.51 5.78 -14.69
C VAL C 224 -0.01 7.20 -14.82
N GLY C 225 0.17 7.80 -15.98
CA GLY C 225 -0.25 9.19 -16.25
C GLY C 225 0.92 10.11 -15.98
N ALA C 226 1.28 10.89 -17.00
CA ALA C 226 2.56 11.60 -17.01
C ALA C 226 2.70 12.52 -15.82
N ASP C 227 1.59 13.15 -15.40
CA ASP C 227 1.65 14.14 -14.34
C ASP C 227 1.52 13.53 -12.94
N ASN C 228 1.45 12.20 -12.88
CA ASN C 228 1.56 11.47 -11.62
C ASN C 228 2.96 10.89 -11.36
N VAL C 229 3.88 11.06 -12.30
CA VAL C 229 5.15 10.36 -12.20
C VAL C 229 6.16 11.24 -11.53
N ALA C 230 6.55 10.87 -10.31
CA ALA C 230 7.57 11.64 -9.54
C ALA C 230 8.99 11.35 -10.03
N ALA C 231 9.26 10.07 -10.28
CA ALA C 231 10.60 9.60 -10.67
C ALA C 231 10.53 8.44 -11.68
N VAL C 232 11.49 8.41 -12.62
CA VAL C 232 11.75 7.29 -13.45
C VAL C 232 13.16 6.85 -13.07
N VAL C 233 13.29 5.63 -12.52
CA VAL C 233 14.56 5.17 -11.95
C VAL C 233 15.10 4.01 -12.75
N ILE C 234 16.33 4.16 -13.27
CA ILE C 234 17.00 3.12 -14.02
C ILE C 234 18.53 3.11 -13.83
N GLU C 235 19.08 1.89 -13.82
CA GLU C 235 20.53 1.69 -13.85
C GLU C 235 20.97 1.81 -15.32
N PRO C 236 22.07 2.52 -15.60
CA PRO C 236 22.48 2.59 -17.01
C PRO C 236 22.96 1.27 -17.60
N VAL C 237 23.44 0.37 -16.75
CA VAL C 237 23.63 -1.05 -17.06
C VAL C 237 22.92 -1.82 -15.98
N HIS C 238 22.05 -2.78 -16.30
CA HIS C 238 21.37 -3.51 -15.24
C HIS C 238 22.36 -4.54 -14.68
N GLY C 239 22.79 -4.36 -13.44
CA GLY C 239 23.85 -5.18 -12.88
C GLY C 239 23.38 -6.58 -12.51
N GLU C 240 22.67 -6.68 -11.39
CA GLU C 240 22.21 -7.97 -10.90
C GLU C 240 21.35 -8.64 -11.94
N GLY C 241 20.68 -7.84 -12.78
CA GLY C 241 19.79 -8.36 -13.82
C GLY C 241 20.47 -9.05 -14.99
N GLY C 242 21.81 -9.06 -15.02
CA GLY C 242 22.56 -9.69 -16.09
C GLY C 242 23.50 -8.82 -16.92
N PHE C 243 23.94 -7.68 -16.35
CA PHE C 243 24.75 -6.70 -17.10
C PHE C 243 24.06 -6.39 -18.44
N VAL C 244 22.74 -6.21 -18.38
CA VAL C 244 21.98 -5.87 -19.57
C VAL C 244 22.19 -4.38 -19.89
N VAL C 245 22.66 -4.09 -21.09
CA VAL C 245 22.97 -2.73 -21.52
C VAL C 245 21.90 -2.33 -22.51
N PRO C 246 21.08 -1.32 -22.18
CA PRO C 246 20.06 -0.84 -23.15
C PRO C 246 20.69 -0.42 -24.45
N ALA C 247 20.01 -0.70 -25.56
CA ALA C 247 20.40 -0.22 -26.87
C ALA C 247 20.58 1.30 -26.87
N PRO C 248 21.50 1.80 -27.72
CA PRO C 248 21.68 3.25 -27.83
C PRO C 248 20.40 4.03 -28.07
N GLY C 249 20.23 5.09 -27.29
CA GLY C 249 19.06 5.98 -27.40
C GLY C 249 17.99 5.71 -26.33
N PHE C 250 18.09 4.60 -25.62
CA PHE C 250 17.07 4.28 -24.61
C PHE C 250 17.08 5.33 -23.50
N LEU C 251 18.23 5.52 -22.86
CA LEU C 251 18.32 6.41 -21.69
C LEU C 251 18.04 7.87 -22.08
N GLY C 252 18.50 8.27 -23.27
CA GLY C 252 18.27 9.61 -23.82
C GLY C 252 16.77 9.88 -23.93
N ALA C 253 16.03 8.91 -24.47
CA ALA C 253 14.61 9.10 -24.66
C ALA C 253 13.87 9.25 -23.30
N LEU C 254 14.29 8.47 -22.30
CA LEU C 254 13.74 8.57 -20.96
C LEU C 254 13.99 9.95 -20.30
N GLN C 255 15.22 10.45 -20.45
CA GLN C 255 15.60 11.74 -19.88
C GLN C 255 14.70 12.83 -20.51
N LYS C 256 14.70 12.89 -21.84
CA LYS C 256 13.86 13.85 -22.52
C LYS C 256 12.40 13.80 -22.05
N TRP C 257 11.79 12.61 -22.05
CA TRP C 257 10.38 12.46 -21.64
C TRP C 257 10.21 13.02 -20.22
N CYS C 258 11.18 12.83 -19.34
CA CYS C 258 11.08 13.28 -17.96
C CYS C 258 11.10 14.83 -17.88
N THR C 259 12.09 15.41 -18.55
CA THR C 259 12.18 16.86 -18.69
C THR C 259 10.88 17.48 -19.23
N ASP C 260 10.26 16.85 -20.22
CA ASP C 260 9.10 17.45 -20.86
C ASP C 260 7.87 17.31 -19.97
N ASN C 261 7.85 16.31 -19.08
CA ASN C 261 6.66 15.99 -18.30
C ASN C 261 6.80 16.31 -16.82
N GLY C 262 7.88 16.96 -16.42
CA GLY C 262 8.10 17.35 -15.02
C GLY C 262 8.43 16.22 -14.06
N ALA C 263 8.93 15.08 -14.57
CA ALA C 263 9.36 13.96 -13.73
C ALA C 263 10.87 14.00 -13.50
N VAL C 264 11.34 13.41 -12.40
CA VAL C 264 12.76 13.38 -12.08
C VAL C 264 13.39 12.12 -12.66
N PHE C 265 14.31 12.28 -13.60
CA PHE C 265 14.99 11.14 -14.15
C PHE C 265 16.12 10.82 -13.21
N VAL C 266 16.08 9.62 -12.63
CA VAL C 266 17.11 9.15 -11.69
C VAL C 266 17.96 8.07 -12.31
N ALA C 267 19.24 8.36 -12.51
CA ALA C 267 20.23 7.35 -12.89
C ALA C 267 20.75 6.67 -11.64
N ASP C 268 20.47 5.38 -11.51
CA ASP C 268 21.03 4.53 -10.44
C ASP C 268 22.39 3.99 -10.87
N GLU C 269 23.46 4.67 -10.50
CA GLU C 269 24.85 4.31 -10.86
C GLU C 269 25.62 3.74 -9.66
N VAL C 270 24.89 3.19 -8.69
CA VAL C 270 25.46 2.46 -7.56
C VAL C 270 26.54 1.48 -8.04
N GLN C 271 26.25 0.63 -9.05
CA GLN C 271 27.27 -0.30 -9.58
C GLN C 271 28.14 0.33 -10.68
N THR C 272 27.51 1.11 -11.55
CA THR C 272 28.20 1.64 -12.72
C THR C 272 29.08 2.85 -12.49
N GLY C 273 28.99 3.49 -11.34
CA GLY C 273 29.69 4.74 -11.13
C GLY C 273 31.17 4.55 -10.82
N PHE C 274 31.87 5.68 -10.79
CA PHE C 274 33.30 5.73 -10.43
C PHE C 274 34.19 4.82 -11.27
N ALA C 275 34.27 5.14 -12.56
CA ALA C 275 35.28 4.59 -13.46
C ALA C 275 35.00 3.18 -13.98
N ARG C 276 34.09 2.47 -13.33
CA ARG C 276 33.80 1.05 -13.63
C ARG C 276 33.57 0.72 -15.12
N THR C 277 32.87 1.59 -15.85
CA THR C 277 32.47 1.28 -17.21
C THR C 277 33.35 1.93 -18.30
N GLY C 278 34.46 2.54 -17.90
CA GLY C 278 35.38 3.17 -18.86
C GLY C 278 35.04 4.62 -19.15
N ALA C 279 34.16 5.17 -18.31
CA ALA C 279 33.97 6.60 -18.16
C ALA C 279 33.65 6.81 -16.69
N LEU C 280 33.74 8.05 -16.21
CA LEU C 280 33.69 8.27 -14.76
C LEU C 280 32.28 7.86 -14.29
N PHE C 281 31.27 8.22 -15.09
CA PHE C 281 29.92 7.74 -14.91
C PHE C 281 29.38 7.24 -16.24
N ALA C 282 28.73 6.09 -16.20
CA ALA C 282 28.27 5.40 -17.41
C ALA C 282 27.29 6.24 -18.18
N CYS C 283 26.61 7.18 -17.52
CA CYS C 283 25.76 8.15 -18.25
C CYS C 283 26.50 8.92 -19.38
N GLU C 284 27.81 9.11 -19.22
CA GLU C 284 28.62 9.83 -20.20
C GLU C 284 28.71 9.14 -21.56
N HIS C 285 28.65 7.80 -21.57
CA HIS C 285 28.80 7.02 -22.82
C HIS C 285 27.82 7.54 -23.91
N GLU C 286 26.60 7.91 -23.52
CA GLU C 286 25.62 8.48 -24.47
C GLU C 286 25.28 9.96 -24.23
N ASN C 287 26.15 10.66 -23.52
CA ASN C 287 25.96 12.08 -23.14
C ASN C 287 24.59 12.29 -22.50
N VAL C 288 24.23 11.37 -21.61
CA VAL C 288 23.00 11.47 -20.82
C VAL C 288 23.32 12.35 -19.62
N VAL C 289 22.50 13.38 -19.41
CA VAL C 289 22.55 14.18 -18.18
C VAL C 289 21.28 13.96 -17.34
N PRO C 290 21.38 13.15 -16.28
CA PRO C 290 20.20 12.86 -15.48
C PRO C 290 19.88 13.97 -14.49
N ASP C 291 18.62 14.01 -14.05
CA ASP C 291 18.17 14.95 -13.05
C ASP C 291 18.84 14.70 -11.67
N LEU C 292 18.91 13.42 -11.30
CA LEU C 292 19.59 12.95 -10.08
C LEU C 292 20.44 11.73 -10.44
N ILE C 293 21.58 11.58 -9.79
CA ILE C 293 22.40 10.39 -9.97
C ILE C 293 22.65 9.79 -8.58
N VAL C 294 22.51 8.46 -8.45
CA VAL C 294 22.75 7.76 -7.18
C VAL C 294 24.09 7.04 -7.29
N THR C 295 24.94 7.18 -6.27
CA THR C 295 26.27 6.58 -6.31
C THR C 295 26.55 5.88 -4.99
N ALA C 296 27.48 4.92 -5.06
CA ALA C 296 27.81 4.11 -3.90
C ALA C 296 28.96 3.20 -4.29
N LYS C 297 29.10 2.11 -3.55
CA LYS C 297 30.04 1.03 -3.85
C LYS C 297 31.46 1.53 -4.04
N GLY C 298 31.85 1.86 -5.27
CA GLY C 298 33.23 2.21 -5.55
C GLY C 298 33.67 3.55 -5.00
N ILE C 299 32.69 4.35 -4.56
CA ILE C 299 32.93 5.72 -4.13
C ILE C 299 33.95 5.84 -3.02
N ALA C 300 34.00 4.87 -2.10
CA ALA C 300 34.77 5.01 -0.88
C ALA C 300 35.71 3.83 -0.66
N GLY C 301 36.01 3.11 -1.76
CA GLY C 301 37.07 2.08 -1.74
C GLY C 301 36.92 0.98 -0.69
N GLY C 302 35.67 0.66 -0.36
CA GLY C 302 35.37 -0.36 0.62
C GLY C 302 34.54 0.09 1.80
N LEU C 303 34.68 1.35 2.22
CA LEU C 303 33.98 1.86 3.38
C LEU C 303 32.51 2.19 3.03
N PRO C 304 31.60 2.03 4.02
CA PRO C 304 30.17 2.25 3.68
C PRO C 304 29.80 3.73 3.45
N LEU C 305 29.52 4.08 2.18
CA LEU C 305 29.10 5.43 1.75
C LEU C 305 28.21 5.36 0.50
N SER C 306 27.21 6.21 0.46
CA SER C 306 26.36 6.37 -0.70
C SER C 306 25.99 7.86 -0.86
N ALA C 307 25.51 8.20 -2.05
CA ALA C 307 25.16 9.58 -2.32
C ALA C 307 24.05 9.67 -3.33
N VAL C 308 23.34 10.80 -3.23
CA VAL C 308 22.43 11.27 -4.25
C VAL C 308 22.93 12.65 -4.60
N THR C 309 23.10 12.91 -5.89
CA THR C 309 23.49 14.23 -6.40
C THR C 309 22.56 14.63 -7.54
N GLY C 310 22.18 15.90 -7.61
CA GLY C 310 21.37 16.32 -8.74
C GLY C 310 21.08 17.80 -8.75
N ARG C 311 20.20 18.20 -9.69
CA ARG C 311 19.84 19.60 -9.89
C ARG C 311 19.48 20.24 -8.56
N ALA C 312 20.00 21.43 -8.31
CA ALA C 312 19.85 22.07 -7.00
C ALA C 312 18.38 22.21 -6.54
N GLU C 313 17.53 22.73 -7.40
CA GLU C 313 16.13 22.94 -7.10
C GLU C 313 15.48 21.63 -6.66
N ILE C 314 15.72 20.56 -7.44
CA ILE C 314 15.11 19.28 -7.13
C ILE C 314 15.67 18.79 -5.80
N MET C 315 16.97 18.84 -5.61
CA MET C 315 17.56 18.35 -4.37
C MET C 315 17.09 19.12 -3.15
N ASP C 316 16.80 20.41 -3.31
CA ASP C 316 16.31 21.22 -2.21
C ASP C 316 14.81 21.07 -2.00
N GLY C 317 14.16 20.17 -2.73
CA GLY C 317 12.71 19.91 -2.48
C GLY C 317 12.37 19.58 -1.03
N PRO C 318 13.08 18.62 -0.42
CA PRO C 318 12.71 18.26 0.95
C PRO C 318 13.07 19.31 1.95
N GLN C 319 12.19 19.54 2.93
CA GLN C 319 12.43 20.56 3.96
C GLN C 319 13.61 20.21 4.86
N SER C 320 14.23 21.23 5.45
CA SER C 320 15.22 21.06 6.50
C SER C 320 14.79 20.02 7.57
N GLY C 321 15.68 19.08 7.88
CA GLY C 321 15.38 17.95 8.77
C GLY C 321 14.72 16.74 8.09
N GLY C 322 14.29 16.88 6.84
CA GLY C 322 13.64 15.76 6.12
C GLY C 322 14.56 14.65 5.60
N LEU C 323 15.84 14.94 5.45
CA LEU C 323 16.80 13.97 4.98
C LEU C 323 17.77 13.67 6.11
N GLY C 324 18.07 12.41 6.37
CA GLY C 324 18.91 12.15 7.54
C GLY C 324 19.37 10.74 7.66
N GLY C 325 19.81 10.37 8.86
CA GLY C 325 20.33 9.05 9.10
C GLY C 325 21.56 9.31 9.92
N THR C 326 21.72 8.57 11.02
CA THR C 326 22.70 8.92 12.00
C THR C 326 24.13 8.90 11.44
N TYR C 327 24.45 7.84 10.71
CA TYR C 327 25.83 7.53 10.31
C TYR C 327 26.24 8.18 9.01
N GLY C 328 25.27 8.61 8.23
CA GLY C 328 25.53 8.99 6.82
C GLY C 328 26.64 9.99 6.63
N GLY C 329 27.48 9.75 5.62
CA GLY C 329 28.63 10.59 5.37
C GLY C 329 29.65 10.45 6.48
N ASN C 330 29.86 9.22 6.94
CA ASN C 330 30.75 9.01 8.05
C ASN C 330 32.15 9.59 7.71
N PRO C 331 32.79 10.23 8.68
CA PRO C 331 34.11 10.85 8.54
C PRO C 331 35.19 9.99 7.92
N LEU C 332 35.30 8.73 8.36
CA LEU C 332 36.23 7.80 7.73
C LEU C 332 35.84 7.54 6.26
N ALA C 333 34.57 7.28 6.00
CA ALA C 333 34.11 7.02 4.65
C ALA C 333 34.39 8.21 3.72
N CYS C 334 34.22 9.44 4.24
CA CYS C 334 34.45 10.64 3.44
C CYS C 334 35.93 10.78 3.12
N ALA C 335 36.79 10.48 4.09
CA ALA C 335 38.22 10.54 3.90
C ALA C 335 38.60 9.60 2.80
N ALA C 336 38.04 8.40 2.87
CA ALA C 336 38.24 7.37 1.86
C ALA C 336 37.83 7.82 0.47
N ALA C 337 36.58 8.26 0.36
CA ALA C 337 36.04 8.86 -0.89
C ALA C 337 36.96 9.92 -1.50
N LEU C 338 37.50 10.82 -0.67
CA LEU C 338 38.39 11.86 -1.21
C LEU C 338 39.65 11.22 -1.76
N ALA C 339 40.10 10.15 -1.09
CA ALA C 339 41.25 9.42 -1.58
C ALA C 339 40.99 8.69 -2.92
N VAL C 340 39.80 8.09 -3.06
CA VAL C 340 39.36 7.38 -4.24
C VAL C 340 39.36 8.31 -5.44
N ILE C 341 38.70 9.46 -5.29
CA ILE C 341 38.61 10.46 -6.35
C ILE C 341 40.00 10.90 -6.79
N ASP C 342 40.85 11.24 -5.84
CA ASP C 342 42.23 11.63 -6.15
C ASP C 342 42.99 10.48 -6.83
N THR C 343 42.87 9.26 -6.33
CA THR C 343 43.45 8.10 -7.02
C THR C 343 42.97 7.90 -8.48
N ILE C 344 41.68 7.96 -8.74
CA ILE C 344 41.17 7.80 -10.10
C ILE C 344 41.83 8.79 -11.04
N GLU C 345 41.92 10.04 -10.58
CA GLU C 345 42.50 11.12 -11.38
C GLU C 345 44.00 10.90 -11.59
N ARG C 346 44.69 10.59 -10.51
CA ARG C 346 46.14 10.48 -10.50
C ARG C 346 46.63 9.29 -11.28
N GLU C 347 45.99 8.14 -11.07
CA GLU C 347 46.36 6.88 -11.72
C GLU C 347 45.60 6.65 -13.04
N ASN C 348 44.86 7.65 -13.48
CA ASN C 348 44.20 7.56 -14.78
C ASN C 348 43.30 6.34 -14.88
N LEU C 349 42.56 6.05 -13.82
CA LEU C 349 41.80 4.82 -13.78
C LEU C 349 40.64 4.74 -14.79
N VAL C 350 40.11 5.86 -15.26
CA VAL C 350 39.07 5.78 -16.31
C VAL C 350 39.65 5.16 -17.59
N ALA C 351 40.79 5.70 -18.04
CA ALA C 351 41.55 5.10 -19.14
C ALA C 351 41.87 3.64 -18.86
N ARG C 352 42.26 3.33 -17.62
CA ARG C 352 42.66 1.96 -17.28
C ARG C 352 41.47 1.00 -17.43
N ALA C 353 40.29 1.48 -17.05
CA ALA C 353 39.07 0.69 -17.19
C ALA C 353 38.80 0.37 -18.67
N ARG C 354 39.10 1.31 -19.56
CA ARG C 354 38.91 1.11 -21.00
C ARG C 354 39.87 0.05 -21.51
N ALA C 355 41.13 0.15 -21.10
CA ALA C 355 42.12 -0.84 -21.51
C ALA C 355 41.71 -2.26 -21.04
N ILE C 356 41.25 -2.39 -19.80
CA ILE C 356 40.80 -3.70 -19.31
C ILE C 356 39.61 -4.24 -20.14
N GLY C 357 38.69 -3.37 -20.48
CA GLY C 357 37.49 -3.76 -21.25
C GLY C 357 37.90 -4.26 -22.61
N GLU C 358 38.93 -3.63 -23.18
CA GLU C 358 39.47 -3.97 -24.50
C GLU C 358 40.05 -5.38 -24.50
N THR C 359 40.88 -5.68 -23.49
CA THR C 359 41.43 -7.03 -23.29
C THR C 359 40.31 -8.05 -23.06
N MET C 360 39.42 -7.78 -22.10
CA MET C 360 38.34 -8.73 -21.79
C MET C 360 37.38 -8.93 -22.97
N LEU C 361 37.05 -7.88 -23.70
CA LEU C 361 36.14 -8.05 -24.85
C LEU C 361 36.77 -8.85 -26.00
N SER C 362 38.07 -8.69 -26.21
CA SER C 362 38.73 -9.43 -27.28
C SER C 362 38.93 -10.90 -26.91
N ARG C 363 39.40 -11.19 -25.70
CA ARG C 363 39.60 -12.58 -25.27
C ARG C 363 38.28 -13.34 -25.18
N LEU C 364 37.29 -12.75 -24.52
CA LEU C 364 35.97 -13.36 -24.46
C LEU C 364 35.32 -13.50 -25.84
N GLY C 365 35.54 -12.52 -26.71
CA GLY C 365 35.06 -12.61 -28.12
C GLY C 365 35.60 -13.82 -28.88
N ALA C 366 36.93 -13.97 -28.85
CA ALA C 366 37.60 -15.14 -29.37
C ALA C 366 37.01 -16.43 -28.76
N LEU C 367 36.78 -16.46 -27.46
CA LEU C 367 36.15 -17.63 -26.81
C LEU C 367 34.73 -17.89 -27.33
N ALA C 368 33.94 -16.82 -27.52
CA ALA C 368 32.60 -16.94 -28.13
C ALA C 368 32.66 -17.40 -29.59
N ALA C 369 33.71 -17.09 -30.32
CA ALA C 369 33.76 -17.53 -31.74
C ALA C 369 33.97 -19.05 -31.85
N ALA C 370 34.49 -19.66 -30.79
CA ALA C 370 34.79 -21.08 -30.79
C ALA C 370 33.77 -21.90 -29.99
N ASP C 371 32.93 -21.24 -29.19
CA ASP C 371 32.05 -21.94 -28.24
C ASP C 371 30.63 -21.35 -28.26
N PRO C 372 29.71 -22.01 -28.97
CA PRO C 372 28.35 -21.50 -29.15
C PRO C 372 27.44 -21.62 -27.91
N ARG C 373 27.97 -22.06 -26.78
CA ARG C 373 27.24 -21.93 -25.51
C ARG C 373 27.27 -20.50 -24.96
N ILE C 374 28.17 -19.69 -25.51
CA ILE C 374 28.18 -18.27 -25.23
C ILE C 374 27.28 -17.61 -26.24
N GLY C 375 26.15 -17.11 -25.77
CA GLY C 375 25.17 -16.48 -26.65
C GLY C 375 25.51 -15.04 -26.95
N GLU C 376 26.17 -14.38 -26.01
CA GLU C 376 26.55 -12.99 -26.17
C GLU C 376 27.65 -12.59 -25.18
N VAL C 377 28.51 -11.67 -25.61
CA VAL C 377 29.46 -11.00 -24.76
C VAL C 377 28.95 -9.59 -24.69
N ARG C 378 28.85 -9.03 -23.49
CA ARG C 378 28.36 -7.67 -23.40
C ARG C 378 28.97 -6.94 -22.22
N GLY C 379 28.80 -5.63 -22.23
CA GLY C 379 29.38 -4.78 -21.18
C GLY C 379 30.43 -3.82 -21.69
N ARG C 380 30.95 -2.99 -20.79
CA ARG C 380 31.92 -1.95 -21.11
C ARG C 380 32.90 -1.80 -19.97
N GLY C 381 34.12 -1.40 -20.27
CA GLY C 381 35.14 -1.19 -19.23
C GLY C 381 35.42 -2.44 -18.40
N ALA C 382 35.37 -2.32 -17.07
CA ALA C 382 35.53 -3.46 -16.18
C ALA C 382 34.17 -3.93 -15.65
N MET C 383 33.18 -3.93 -16.54
CA MET C 383 31.88 -4.47 -16.22
C MET C 383 31.46 -5.23 -17.47
N ILE C 384 31.90 -6.50 -17.55
CA ILE C 384 31.76 -7.27 -18.75
C ILE C 384 31.14 -8.57 -18.37
N ALA C 385 30.36 -9.16 -19.27
CA ALA C 385 29.61 -10.35 -18.94
C ALA C 385 29.47 -11.21 -20.14
N VAL C 386 29.27 -12.50 -19.89
CA VAL C 386 28.88 -13.45 -20.93
C VAL C 386 27.59 -14.15 -20.51
N GLU C 387 26.63 -14.20 -21.43
CA GLU C 387 25.37 -14.89 -21.19
C GLU C 387 25.40 -16.27 -21.86
N LEU C 388 25.09 -17.29 -21.08
CA LEU C 388 25.22 -18.67 -21.50
C LEU C 388 23.89 -19.26 -21.88
N VAL C 389 23.86 -19.93 -23.05
CA VAL C 389 22.63 -20.52 -23.58
C VAL C 389 22.83 -21.89 -24.22
N LYS C 390 21.71 -22.54 -24.53
CA LYS C 390 21.76 -23.78 -25.29
C LYS C 390 22.17 -23.36 -26.69
N PRO C 391 23.16 -24.07 -27.28
CA PRO C 391 23.78 -23.58 -28.52
C PRO C 391 22.81 -23.38 -29.68
N GLY C 392 22.86 -22.24 -30.34
CA GLY C 392 21.92 -21.93 -31.44
C GLY C 392 20.49 -21.45 -31.04
N THR C 393 20.31 -21.08 -29.77
CA THR C 393 19.02 -20.62 -29.24
C THR C 393 19.29 -19.50 -28.24
N THR C 394 18.21 -18.97 -27.65
CA THR C 394 18.29 -18.02 -26.55
C THR C 394 17.80 -18.65 -25.25
N GLU C 395 17.65 -19.97 -25.23
CA GLU C 395 17.23 -20.68 -24.02
C GLU C 395 18.34 -20.57 -22.94
N PRO C 396 18.00 -20.07 -21.75
CA PRO C 396 19.05 -19.83 -20.76
C PRO C 396 19.70 -21.14 -20.30
N ASP C 397 21.01 -21.12 -20.03
CA ASP C 397 21.67 -22.27 -19.41
C ASP C 397 22.29 -21.96 -18.04
N ALA C 398 21.42 -21.94 -17.03
CA ALA C 398 21.83 -21.63 -15.66
C ALA C 398 22.70 -22.72 -15.06
N ASP C 399 22.39 -23.98 -15.34
CA ASP C 399 23.19 -25.10 -14.82
C ASP C 399 24.67 -24.99 -15.23
N LEU C 400 24.92 -24.75 -16.51
CA LEU C 400 26.30 -24.62 -17.01
C LEU C 400 26.97 -23.42 -16.33
N THR C 401 26.20 -22.35 -16.09
CA THR C 401 26.76 -21.16 -15.49
C THR C 401 27.21 -21.43 -14.06
N LYS C 402 26.41 -22.17 -13.29
CA LYS C 402 26.80 -22.54 -11.92
C LYS C 402 28.10 -23.38 -11.95
N ARG C 403 28.12 -24.40 -12.81
CA ARG C 403 29.28 -25.33 -12.92
C ARG C 403 30.57 -24.64 -13.40
N VAL C 404 30.48 -23.77 -14.40
CA VAL C 404 31.67 -23.01 -14.83
C VAL C 404 32.16 -22.15 -13.66
N ALA C 405 31.24 -21.51 -12.95
CA ALA C 405 31.59 -20.66 -11.80
C ALA C 405 32.28 -21.47 -10.69
N ALA C 406 31.70 -22.63 -10.36
CA ALA C 406 32.29 -23.53 -9.36
C ALA C 406 33.68 -23.99 -9.76
N ALA C 407 33.87 -24.27 -11.04
CA ALA C 407 35.16 -24.78 -11.53
C ALA C 407 36.21 -23.69 -11.50
N ALA C 408 35.83 -22.48 -11.91
CA ALA C 408 36.69 -21.29 -11.76
C ALA C 408 37.14 -21.10 -10.30
N HIS C 409 36.19 -21.19 -9.37
CA HIS C 409 36.52 -21.00 -7.95
C HIS C 409 37.50 -22.06 -7.49
N ALA C 410 37.30 -23.32 -7.90
CA ALA C 410 38.24 -24.44 -7.59
C ALA C 410 39.67 -24.20 -8.07
N GLN C 411 39.83 -23.40 -9.13
CA GLN C 411 41.13 -23.01 -9.61
C GLN C 411 41.53 -21.62 -9.12
N GLY C 412 40.81 -21.08 -8.15
CA GLY C 412 41.26 -19.84 -7.49
C GLY C 412 40.95 -18.56 -8.24
N LEU C 413 39.84 -18.51 -8.97
CA LEU C 413 39.38 -17.28 -9.65
C LEU C 413 37.99 -16.97 -9.11
N VAL C 414 37.83 -15.82 -8.47
CA VAL C 414 36.54 -15.44 -7.88
C VAL C 414 35.71 -14.76 -8.95
N VAL C 415 34.90 -15.55 -9.65
CA VAL C 415 33.96 -15.04 -10.62
C VAL C 415 32.60 -15.16 -10.00
N LEU C 416 31.73 -14.23 -10.34
CA LEU C 416 30.39 -14.12 -9.79
C LEU C 416 29.37 -14.39 -10.88
N THR C 417 28.13 -14.64 -10.48
CA THR C 417 27.08 -14.90 -11.45
C THR C 417 25.91 -13.99 -11.14
N CYS C 418 25.06 -13.82 -12.13
CA CYS C 418 23.90 -12.98 -11.99
C CYS C 418 22.91 -13.32 -13.10
N GLY C 419 21.86 -12.50 -13.20
CA GLY C 419 20.91 -12.60 -14.28
C GLY C 419 19.56 -13.04 -13.81
N THR C 420 18.54 -12.47 -14.44
CA THR C 420 17.18 -12.86 -14.19
C THR C 420 16.97 -14.36 -14.40
N TYR C 421 17.62 -14.96 -15.40
CA TYR C 421 17.54 -16.41 -15.64
C TYR C 421 18.69 -17.25 -15.03
N GLY C 422 19.52 -16.61 -14.24
CA GLY C 422 20.60 -17.29 -13.57
C GLY C 422 21.76 -17.64 -14.49
N ASN C 423 21.76 -17.09 -15.70
CA ASN C 423 22.65 -17.63 -16.73
C ASN C 423 23.74 -16.66 -17.14
N VAL C 424 24.09 -15.72 -16.27
CA VAL C 424 25.11 -14.74 -16.64
C VAL C 424 26.31 -14.80 -15.75
N LEU C 425 27.48 -14.92 -16.41
CA LEU C 425 28.79 -14.86 -15.77
C LEU C 425 29.34 -13.42 -15.88
N ARG C 426 29.56 -12.77 -14.75
CA ARG C 426 29.94 -11.36 -14.77
C ARG C 426 31.40 -11.15 -14.35
N PHE C 427 32.04 -10.12 -14.88
CA PHE C 427 33.43 -9.89 -14.51
C PHE C 427 33.58 -8.48 -14.02
N LEU C 428 33.98 -8.34 -12.77
CA LEU C 428 34.18 -7.03 -12.15
C LEU C 428 35.54 -7.01 -11.49
N PRO C 429 36.63 -7.06 -12.31
CA PRO C 429 37.95 -6.99 -11.75
C PRO C 429 38.20 -5.61 -11.16
N PRO C 430 39.06 -5.51 -10.12
CA PRO C 430 39.43 -4.18 -9.71
C PRO C 430 40.29 -3.53 -10.77
N LEU C 431 40.34 -2.19 -10.84
CA LEU C 431 41.18 -1.50 -11.83
C LEU C 431 42.68 -1.56 -11.47
N SER C 432 42.96 -1.89 -10.22
CA SER C 432 44.31 -2.27 -9.76
C SER C 432 44.74 -3.70 -10.13
N MET C 433 43.94 -4.43 -10.91
CA MET C 433 44.31 -5.79 -11.40
C MET C 433 45.55 -5.68 -12.30
N PRO C 434 46.67 -6.30 -11.90
CA PRO C 434 47.87 -6.27 -12.77
C PRO C 434 47.56 -6.98 -14.10
N ASP C 435 48.14 -6.51 -15.22
CA ASP C 435 47.83 -7.07 -16.55
C ASP C 435 48.05 -8.58 -16.59
N HIS C 436 49.08 -9.06 -15.90
CA HIS C 436 49.47 -10.45 -16.02
C HIS C 436 48.42 -11.36 -15.33
N LEU C 437 47.82 -10.87 -14.24
CA LEU C 437 46.75 -11.60 -13.58
C LEU C 437 45.38 -11.46 -14.28
N LEU C 438 45.10 -10.33 -14.92
CA LEU C 438 43.95 -10.28 -15.83
C LEU C 438 44.05 -11.38 -16.88
N ASP C 439 45.23 -11.53 -17.49
CA ASP C 439 45.48 -12.55 -18.51
C ASP C 439 45.30 -13.97 -18.00
N GLU C 440 45.86 -14.25 -16.83
CA GLU C 440 45.72 -15.57 -16.21
C GLU C 440 44.26 -15.89 -15.80
N GLY C 441 43.53 -14.91 -15.31
CA GLY C 441 42.12 -15.14 -15.05
C GLY C 441 41.34 -15.51 -16.31
N LEU C 442 41.59 -14.78 -17.39
CA LEU C 442 40.97 -15.12 -18.67
C LEU C 442 41.46 -16.50 -19.17
N ASP C 443 42.75 -16.78 -19.03
CA ASP C 443 43.29 -18.14 -19.29
C ASP C 443 42.55 -19.22 -18.47
N ILE C 444 42.24 -18.92 -17.21
CA ILE C 444 41.51 -19.85 -16.35
C ILE C 444 40.09 -20.06 -16.88
N LEU C 445 39.43 -18.98 -17.32
CA LEU C 445 38.08 -19.10 -17.88
C LEU C 445 38.12 -19.97 -19.14
N ALA C 446 39.05 -19.68 -20.04
CA ALA C 446 39.15 -20.43 -21.28
C ALA C 446 39.31 -21.92 -21.01
N ALA C 447 40.21 -22.28 -20.10
CA ALA C 447 40.43 -23.69 -19.78
C ALA C 447 39.22 -24.31 -19.08
N VAL C 448 38.49 -23.52 -18.27
CA VAL C 448 37.28 -24.03 -17.63
C VAL C 448 36.19 -24.32 -18.66
N PHE C 449 36.00 -23.44 -19.63
CA PHE C 449 35.06 -23.72 -20.73
C PHE C 449 35.42 -24.96 -21.56
N ALA C 450 36.71 -25.13 -21.84
CA ALA C 450 37.22 -26.34 -22.48
C ALA C 450 36.96 -27.58 -21.62
N GLU C 451 37.10 -27.46 -20.30
CA GLU C 451 36.94 -28.62 -19.37
C GLU C 451 35.44 -28.98 -19.12
N VAL C 452 34.59 -27.99 -18.88
CA VAL C 452 33.21 -28.22 -18.40
C VAL C 452 32.25 -28.26 -19.57
N LYS C 453 31.56 -29.40 -19.75
CA LYS C 453 30.72 -29.66 -20.93
C LYS C 453 29.25 -29.30 -20.70
N THR D 15 -45.56 -0.76 -25.69
CA THR D 15 -46.32 0.18 -26.58
C THR D 15 -45.41 1.30 -27.09
N LEU D 16 -44.30 0.89 -27.71
CA LEU D 16 -43.42 1.79 -28.47
C LEU D 16 -43.31 1.22 -29.88
N THR D 17 -43.31 2.09 -30.89
CA THR D 17 -43.13 1.62 -32.26
C THR D 17 -41.63 1.44 -32.52
N GLN D 18 -41.28 0.31 -33.16
CA GLN D 18 -39.87 -0.03 -33.39
C GLN D 18 -39.39 0.64 -34.66
N GLU D 19 -39.30 1.95 -34.59
CA GLU D 19 -38.78 2.73 -35.69
C GLU D 19 -38.00 3.89 -35.11
N ARG D 20 -37.04 4.35 -35.90
CA ARG D 20 -36.28 5.53 -35.59
C ARG D 20 -37.13 6.75 -35.91
N ARG D 21 -37.11 7.75 -35.01
CA ARG D 21 -37.81 9.01 -35.25
C ARG D 21 -36.93 10.19 -34.86
N LEU D 22 -36.67 11.06 -35.85
CA LEU D 22 -36.01 12.33 -35.62
C LEU D 22 -37.04 13.45 -35.70
N VAL D 23 -37.58 13.83 -34.55
CA VAL D 23 -38.59 14.87 -34.45
C VAL D 23 -37.90 16.22 -34.32
N THR D 24 -36.89 16.32 -33.47
CA THR D 24 -36.12 17.55 -33.28
C THR D 24 -34.63 17.27 -33.57
N ALA D 25 -33.80 18.29 -33.36
CA ALA D 25 -32.36 18.11 -33.26
C ALA D 25 -32.01 17.25 -32.02
N ILE D 26 -30.85 16.60 -32.06
CA ILE D 26 -30.44 15.67 -31.04
C ILE D 26 -29.21 16.29 -30.40
N PRO D 27 -29.31 16.68 -29.11
CA PRO D 27 -30.50 16.61 -28.26
C PRO D 27 -31.49 17.70 -28.53
N GLY D 28 -32.76 17.46 -28.21
CA GLY D 28 -33.81 18.47 -28.33
C GLY D 28 -33.99 19.36 -27.13
N PRO D 29 -34.93 20.34 -27.22
CA PRO D 29 -35.02 21.40 -26.22
C PRO D 29 -35.32 20.92 -24.81
N ILE D 30 -36.21 19.96 -24.66
CA ILE D 30 -36.54 19.45 -23.34
C ILE D 30 -35.33 18.74 -22.76
N SER D 31 -34.61 17.99 -23.56
CA SER D 31 -33.33 17.41 -23.11
C SER D 31 -32.31 18.46 -22.68
N GLN D 32 -32.31 19.61 -23.36
CA GLN D 32 -31.41 20.69 -23.00
C GLN D 32 -31.76 21.35 -21.68
N GLU D 33 -33.05 21.50 -21.42
CA GLU D 33 -33.54 21.99 -20.13
C GLU D 33 -33.18 20.98 -19.01
N LEU D 34 -33.38 19.69 -19.28
CA LEU D 34 -32.98 18.65 -18.33
C LEU D 34 -31.47 18.65 -18.08
N GLN D 35 -30.67 18.69 -19.15
CA GLN D 35 -29.21 18.78 -19.00
C GLN D 35 -28.78 19.99 -18.15
N ALA D 36 -29.42 21.14 -18.30
CA ALA D 36 -29.06 22.28 -17.46
C ALA D 36 -29.42 22.01 -16.00
N ARG D 37 -30.52 21.31 -15.74
CA ARG D 37 -30.83 20.89 -14.36
C ARG D 37 -29.74 19.94 -13.82
N LYS D 38 -29.29 19.03 -14.67
CA LYS D 38 -28.24 18.09 -14.30
C LYS D 38 -26.96 18.83 -13.91
N GLN D 39 -26.60 19.85 -14.70
CA GLN D 39 -25.38 20.61 -14.44
C GLN D 39 -25.45 21.41 -13.14
N SER D 40 -26.66 21.72 -12.70
CA SER D 40 -26.85 22.39 -11.45
C SER D 40 -26.98 21.47 -10.24
N ALA D 41 -27.19 20.18 -10.45
CA ALA D 41 -27.57 19.28 -9.36
C ALA D 41 -26.58 18.12 -9.14
N VAL D 42 -26.00 17.64 -10.23
CA VAL D 42 -25.19 16.45 -10.26
C VAL D 42 -23.70 16.86 -10.39
N ALA D 43 -22.85 16.20 -9.63
CA ALA D 43 -21.40 16.36 -9.71
C ALA D 43 -20.92 16.31 -11.14
N ALA D 44 -20.02 17.22 -11.49
CA ALA D 44 -19.38 17.27 -12.81
C ALA D 44 -18.72 15.92 -13.23
N GLY D 45 -18.13 15.22 -12.27
CA GLY D 45 -17.48 13.95 -12.50
C GLY D 45 -18.31 12.87 -13.17
N VAL D 46 -19.63 12.95 -12.97
CA VAL D 46 -20.58 12.12 -13.66
C VAL D 46 -20.84 12.71 -15.06
N GLY D 47 -20.00 12.33 -16.01
CA GLY D 47 -20.10 12.86 -17.39
C GLY D 47 -21.07 12.09 -18.24
N VAL D 48 -21.76 12.78 -19.12
CA VAL D 48 -22.82 12.14 -19.92
C VAL D 48 -22.41 12.11 -21.37
N THR D 49 -22.41 10.92 -21.98
CA THR D 49 -21.95 10.78 -23.36
C THR D 49 -22.93 11.44 -24.33
N LEU D 50 -24.22 11.17 -24.16
CA LEU D 50 -25.27 11.58 -25.08
C LEU D 50 -26.44 12.09 -24.26
N PRO D 51 -26.51 13.41 -24.04
CA PRO D 51 -27.50 13.99 -23.17
C PRO D 51 -28.93 14.07 -23.73
N VAL D 52 -29.48 12.94 -24.15
CA VAL D 52 -30.91 12.88 -24.48
C VAL D 52 -31.57 12.15 -23.33
N TYR D 53 -32.56 12.77 -22.70
CA TYR D 53 -33.18 12.23 -21.51
C TYR D 53 -34.25 11.19 -21.89
N VAL D 54 -34.06 9.95 -21.41
CA VAL D 54 -34.90 8.81 -21.81
C VAL D 54 -36.20 8.79 -21.02
N VAL D 55 -37.29 8.54 -21.71
CA VAL D 55 -38.59 8.39 -21.04
C VAL D 55 -39.15 6.98 -21.14
N ALA D 56 -38.75 6.22 -22.16
CA ALA D 56 -39.29 4.87 -22.41
C ALA D 56 -38.31 4.14 -23.30
N ALA D 57 -38.23 2.82 -23.16
CA ALA D 57 -37.31 2.05 -23.97
C ALA D 57 -37.75 0.60 -24.07
N GLY D 58 -37.40 -0.04 -25.17
CA GLY D 58 -37.75 -1.43 -25.42
C GLY D 58 -37.39 -1.82 -26.84
N GLY D 59 -37.25 -3.13 -27.08
CA GLY D 59 -36.97 -3.65 -28.41
C GLY D 59 -35.57 -3.19 -28.76
N GLY D 60 -35.47 -2.43 -29.86
CA GLY D 60 -34.21 -1.77 -30.27
C GLY D 60 -34.20 -0.25 -30.08
N VAL D 61 -35.17 0.31 -29.36
CA VAL D 61 -35.39 1.74 -29.36
C VAL D 61 -35.29 2.42 -27.97
N LEU D 62 -34.76 3.64 -27.97
CA LEU D 62 -34.78 4.55 -26.83
C LEU D 62 -35.59 5.80 -27.17
N ALA D 63 -36.63 6.07 -26.38
CA ALA D 63 -37.53 7.18 -26.61
C ALA D 63 -37.18 8.28 -25.64
N ASP D 64 -36.99 9.50 -26.16
CA ASP D 64 -36.51 10.61 -25.36
C ASP D 64 -37.60 11.62 -25.07
N ALA D 65 -37.23 12.63 -24.29
CA ALA D 65 -38.21 13.56 -23.76
C ALA D 65 -38.74 14.53 -24.82
N ASP D 66 -38.09 14.61 -25.98
CA ASP D 66 -38.60 15.42 -27.11
C ASP D 66 -39.37 14.63 -28.18
N GLY D 67 -39.63 13.34 -27.96
CA GLY D 67 -40.37 12.51 -28.93
C GLY D 67 -39.49 11.80 -29.97
N ASN D 68 -38.17 12.00 -29.91
CA ASN D 68 -37.25 11.21 -30.72
C ASN D 68 -37.20 9.76 -30.26
N GLN D 69 -36.93 8.87 -31.23
CA GLN D 69 -36.68 7.45 -30.95
C GLN D 69 -35.37 7.09 -31.64
N LEU D 70 -34.39 6.69 -30.83
CA LEU D 70 -33.05 6.42 -31.29
C LEU D 70 -32.81 4.91 -31.34
N ILE D 71 -31.96 4.46 -32.25
CA ILE D 71 -31.59 3.06 -32.33
C ILE D 71 -30.48 2.77 -31.32
N ASP D 72 -30.68 1.73 -30.49
CA ASP D 72 -29.81 1.54 -29.35
C ASP D 72 -28.73 0.51 -29.64
N PHE D 73 -27.54 0.96 -30.05
CA PHE D 73 -26.41 0.09 -30.24
C PHE D 73 -25.48 -0.02 -29.00
N GLY D 74 -25.99 0.35 -27.82
CA GLY D 74 -25.23 0.33 -26.58
C GLY D 74 -25.66 -0.63 -25.46
N SER D 75 -26.94 -0.98 -25.38
CA SER D 75 -27.45 -1.80 -24.27
C SER D 75 -27.19 -1.19 -22.89
N GLY D 76 -26.95 0.11 -22.75
CA GLY D 76 -26.61 0.65 -21.44
C GLY D 76 -25.27 0.13 -20.93
N ILE D 77 -24.34 -0.02 -21.88
CA ILE D 77 -23.05 -0.70 -21.76
C ILE D 77 -23.21 -2.20 -21.45
N ALA D 78 -23.83 -2.91 -22.38
CA ALA D 78 -23.94 -4.38 -22.35
C ALA D 78 -24.81 -4.96 -21.24
N VAL D 79 -25.86 -4.22 -20.86
CA VAL D 79 -26.69 -4.59 -19.69
C VAL D 79 -28.08 -5.06 -20.08
N THR D 80 -28.76 -4.31 -20.95
CA THR D 80 -30.13 -4.66 -21.32
C THR D 80 -30.16 -5.67 -22.50
N THR D 81 -29.32 -6.70 -22.37
CA THR D 81 -29.15 -7.76 -23.36
C THR D 81 -30.51 -8.39 -23.80
N VAL D 82 -31.35 -8.70 -22.82
CA VAL D 82 -32.69 -9.26 -23.12
C VAL D 82 -33.67 -8.22 -23.64
N GLY D 83 -33.30 -6.95 -23.56
CA GLY D 83 -34.19 -5.87 -23.94
C GLY D 83 -34.48 -5.03 -22.73
N ASN D 84 -34.61 -3.72 -22.95
CA ASN D 84 -35.05 -2.82 -21.91
C ASN D 84 -36.52 -3.16 -21.59
N SER D 85 -36.83 -3.21 -20.30
CA SER D 85 -38.17 -3.60 -19.89
C SER D 85 -38.66 -4.83 -20.65
N ALA D 86 -37.87 -5.90 -20.62
CA ALA D 86 -38.29 -7.16 -21.22
C ALA D 86 -39.58 -7.65 -20.52
N PRO D 87 -40.52 -8.14 -21.31
CA PRO D 87 -41.82 -8.51 -20.76
C PRO D 87 -41.72 -9.39 -19.49
N ALA D 88 -40.95 -10.48 -19.54
CA ALA D 88 -40.81 -11.35 -18.37
C ALA D 88 -40.18 -10.67 -17.16
N VAL D 89 -39.27 -9.72 -17.38
CA VAL D 89 -38.65 -8.99 -16.27
C VAL D 89 -39.67 -8.03 -15.65
N VAL D 90 -40.47 -7.39 -16.49
CA VAL D 90 -41.51 -6.51 -16.03
C VAL D 90 -42.50 -7.26 -15.15
N ASP D 91 -42.95 -8.44 -15.57
CA ASP D 91 -43.87 -9.27 -14.73
C ASP D 91 -43.26 -9.71 -13.39
N ALA D 92 -42.08 -10.28 -13.46
CA ALA D 92 -41.39 -10.77 -12.27
C ALA D 92 -41.12 -9.64 -11.29
N VAL D 93 -40.70 -8.48 -11.80
CA VAL D 93 -40.38 -7.39 -10.91
C VAL D 93 -41.67 -6.86 -10.31
N THR D 94 -42.71 -6.80 -11.14
CA THR D 94 -44.01 -6.30 -10.69
C THR D 94 -44.60 -7.14 -9.57
N GLN D 95 -44.62 -8.45 -9.71
CA GLN D 95 -45.08 -9.29 -8.62
C GLN D 95 -44.19 -9.17 -7.36
N GLN D 96 -42.87 -9.17 -7.52
CA GLN D 96 -41.98 -9.17 -6.36
C GLN D 96 -42.03 -7.90 -5.49
N VAL D 97 -42.07 -6.74 -6.12
CA VAL D 97 -42.09 -5.49 -5.40
C VAL D 97 -43.35 -5.38 -4.53
N ALA D 98 -44.46 -5.98 -4.97
CA ALA D 98 -45.67 -5.98 -4.13
C ALA D 98 -45.49 -6.96 -2.93
N ALA D 99 -44.53 -7.89 -2.99
CA ALA D 99 -44.37 -8.88 -1.91
C ALA D 99 -43.45 -8.37 -0.80
N PHE D 100 -42.24 -7.95 -1.18
CA PHE D 100 -41.26 -7.37 -0.27
C PHE D 100 -40.12 -6.82 -1.13
N THR D 101 -39.51 -5.73 -0.67
CA THR D 101 -38.46 -5.04 -1.41
C THR D 101 -37.04 -5.40 -0.95
N HIS D 102 -36.90 -5.75 0.33
CA HIS D 102 -35.61 -5.99 0.96
C HIS D 102 -35.81 -6.56 2.37
N THR D 103 -35.05 -7.61 2.65
CA THR D 103 -34.91 -8.14 4.03
C THR D 103 -33.43 -8.05 4.54
N CYS D 104 -32.48 -8.07 3.58
CA CYS D 104 -31.03 -8.35 3.81
C CYS D 104 -30.87 -9.85 3.98
N PHE D 105 -30.39 -10.52 2.93
CA PHE D 105 -30.40 -12.00 2.89
C PHE D 105 -29.75 -12.63 4.09
N MET D 106 -28.72 -11.97 4.59
CA MET D 106 -27.95 -12.39 5.75
C MET D 106 -28.67 -12.16 7.09
N VAL D 107 -29.82 -11.49 7.08
CA VAL D 107 -30.59 -11.33 8.28
C VAL D 107 -31.63 -12.43 8.19
N THR D 108 -32.62 -12.23 7.32
CA THR D 108 -33.59 -13.26 6.99
C THR D 108 -33.57 -13.51 5.48
N PRO D 109 -33.37 -14.77 5.09
CA PRO D 109 -33.20 -15.13 3.69
C PRO D 109 -34.52 -15.29 2.89
N TYR D 110 -34.40 -15.56 1.59
CA TYR D 110 -35.54 -15.68 0.69
C TYR D 110 -35.14 -16.57 -0.47
N GLU D 111 -36.12 -17.24 -1.04
CA GLU D 111 -35.85 -18.28 -2.03
C GLU D 111 -35.18 -17.78 -3.28
N GLY D 112 -35.57 -16.60 -3.75
CA GLY D 112 -35.05 -16.07 -5.02
C GLY D 112 -33.53 -16.04 -5.10
N TYR D 113 -32.86 -15.65 -4.01
CA TYR D 113 -31.39 -15.59 -3.94
C TYR D 113 -30.84 -17.00 -4.13
N VAL D 114 -31.44 -17.97 -3.45
CA VAL D 114 -31.01 -19.36 -3.54
C VAL D 114 -31.22 -19.90 -4.96
N LYS D 115 -32.34 -19.55 -5.59
CA LYS D 115 -32.62 -19.98 -6.97
C LYS D 115 -31.63 -19.40 -8.00
N VAL D 116 -31.32 -18.12 -7.88
CA VAL D 116 -30.30 -17.52 -8.72
C VAL D 116 -28.97 -18.25 -8.55
N ALA D 117 -28.55 -18.44 -7.32
CA ALA D 117 -27.37 -19.26 -6.99
C ALA D 117 -27.36 -20.62 -7.70
N GLU D 118 -28.47 -21.34 -7.56
CA GLU D 118 -28.61 -22.68 -8.13
C GLU D 118 -28.45 -22.63 -9.66
N HIS D 119 -29.01 -21.61 -10.30
CA HIS D 119 -28.92 -21.52 -11.78
C HIS D 119 -27.52 -21.17 -12.26
N LEU D 120 -26.87 -20.20 -11.61
CA LEU D 120 -25.49 -19.83 -11.94
C LEU D 120 -24.56 -21.03 -11.77
N ASN D 121 -24.71 -21.77 -10.68
CA ASN D 121 -23.91 -22.97 -10.50
C ASN D 121 -24.07 -23.94 -11.69
N ARG D 122 -25.30 -24.16 -12.15
CA ARG D 122 -25.54 -25.13 -13.21
C ARG D 122 -25.20 -24.63 -14.63
N LEU D 123 -25.32 -23.31 -14.87
CA LEU D 123 -25.15 -22.73 -16.20
C LEU D 123 -23.71 -22.31 -16.52
N THR D 124 -22.91 -22.02 -15.50
CA THR D 124 -21.52 -21.66 -15.73
C THR D 124 -20.67 -22.86 -16.15
N PRO D 125 -19.51 -22.59 -16.77
CA PRO D 125 -18.66 -23.67 -17.28
C PRO D 125 -18.19 -24.64 -16.23
N GLY D 126 -17.95 -25.87 -16.68
CA GLY D 126 -17.41 -26.93 -15.81
C GLY D 126 -18.46 -27.70 -15.05
N ASP D 127 -18.17 -28.98 -14.80
CA ASP D 127 -19.09 -29.96 -14.24
C ASP D 127 -18.88 -30.22 -12.73
N HIS D 128 -18.02 -29.44 -12.09
CA HIS D 128 -17.65 -29.69 -10.70
C HIS D 128 -18.63 -29.03 -9.74
N GLU D 129 -18.49 -29.31 -8.45
CA GLU D 129 -19.41 -28.72 -7.49
C GLU D 129 -19.06 -27.21 -7.34
N LYS D 130 -20.09 -26.36 -7.37
CA LYS D 130 -19.93 -24.91 -7.25
C LYS D 130 -20.80 -24.26 -6.17
N ARG D 131 -20.41 -23.04 -5.76
CA ARG D 131 -21.19 -22.19 -4.88
C ARG D 131 -21.17 -20.77 -5.46
N THR D 132 -22.18 -19.97 -5.15
CA THR D 132 -22.30 -18.62 -5.62
C THR D 132 -22.50 -17.66 -4.46
N ALA D 133 -22.14 -16.39 -4.69
CA ALA D 133 -22.57 -15.33 -3.77
C ALA D 133 -22.90 -14.09 -4.61
N LEU D 134 -23.91 -13.35 -4.18
CA LEU D 134 -24.45 -12.27 -4.95
C LEU D 134 -24.17 -10.90 -4.30
N PHE D 135 -24.00 -9.89 -5.14
CA PHE D 135 -23.75 -8.51 -4.75
C PHE D 135 -24.54 -7.56 -5.64
N ASN D 136 -24.19 -6.27 -5.64
CA ASN D 136 -24.91 -5.31 -6.47
C ASN D 136 -24.19 -5.00 -7.77
N SER D 137 -22.97 -4.50 -7.68
CA SER D 137 -22.26 -4.02 -8.88
C SER D 137 -21.20 -5.00 -9.34
N GLY D 138 -20.77 -4.86 -10.59
CA GLY D 138 -19.62 -5.58 -11.15
C GLY D 138 -18.37 -5.41 -10.29
N ALA D 139 -18.07 -4.18 -9.93
CA ALA D 139 -16.92 -3.87 -9.11
C ALA D 139 -16.96 -4.63 -7.81
N GLU D 140 -18.15 -4.72 -7.23
CA GLU D 140 -18.28 -5.44 -5.95
C GLU D 140 -17.96 -6.92 -6.12
N ALA D 141 -18.42 -7.48 -7.25
CA ALA D 141 -18.24 -8.88 -7.52
C ALA D 141 -16.74 -9.14 -7.68
N VAL D 142 -16.02 -8.25 -8.35
CA VAL D 142 -14.57 -8.46 -8.56
C VAL D 142 -13.87 -8.40 -7.23
N GLU D 143 -14.22 -7.39 -6.42
CA GLU D 143 -13.65 -7.27 -5.10
C GLU D 143 -13.83 -8.58 -4.33
N ASN D 144 -15.03 -9.12 -4.37
CA ASN D 144 -15.30 -10.38 -3.70
C ASN D 144 -14.54 -11.57 -4.28
N ALA D 145 -14.36 -11.61 -5.59
CA ALA D 145 -13.53 -12.65 -6.21
C ALA D 145 -12.14 -12.66 -5.62
N VAL D 146 -11.59 -11.46 -5.48
CA VAL D 146 -10.29 -11.27 -4.84
C VAL D 146 -10.32 -11.70 -3.39
N LYS D 147 -11.35 -11.32 -2.64
CA LYS D 147 -11.44 -11.76 -1.23
C LYS D 147 -11.46 -13.28 -1.13
N ILE D 148 -12.22 -13.91 -1.99
CA ILE D 148 -12.33 -15.37 -1.97
C ILE D 148 -10.96 -16.02 -2.30
N ALA D 149 -10.30 -15.52 -3.34
CA ALA D 149 -8.98 -16.07 -3.73
C ALA D 149 -7.93 -15.94 -2.61
N ARG D 150 -7.79 -14.74 -2.05
CA ARG D 150 -6.93 -14.52 -0.87
C ARG D 150 -7.26 -15.39 0.36
N ALA D 151 -8.53 -15.48 0.70
CA ALA D 151 -8.97 -16.28 1.84
C ALA D 151 -8.69 -17.76 1.63
N TYR D 152 -8.90 -18.25 0.41
CA TYR D 152 -8.75 -19.67 0.11
C TYR D 152 -7.27 -20.06 -0.03
N THR D 153 -6.48 -19.26 -0.74
CA THR D 153 -5.05 -19.60 -0.96
C THR D 153 -4.15 -19.11 0.17
N ARG D 154 -4.62 -18.12 0.92
CA ARG D 154 -3.78 -17.39 1.91
C ARG D 154 -2.54 -16.77 1.26
N ARG D 155 -2.69 -16.36 0.00
CA ARG D 155 -1.65 -15.64 -0.70
C ARG D 155 -2.14 -14.22 -0.95
N GLN D 156 -1.22 -13.34 -1.28
CA GLN D 156 -1.56 -11.92 -1.35
C GLN D 156 -1.77 -11.36 -2.77
N ALA D 157 -0.95 -11.80 -3.73
CA ALA D 157 -0.82 -11.09 -4.99
C ALA D 157 -1.93 -11.40 -5.97
N VAL D 158 -2.32 -10.35 -6.69
CA VAL D 158 -3.32 -10.45 -7.73
C VAL D 158 -2.70 -10.04 -9.04
N VAL D 159 -2.83 -10.89 -10.04
CA VAL D 159 -2.28 -10.61 -11.35
C VAL D 159 -3.40 -10.15 -12.29
N VAL D 160 -3.15 -9.03 -12.99
CA VAL D 160 -4.07 -8.45 -13.95
C VAL D 160 -3.33 -8.12 -15.25
N PHE D 161 -4.04 -7.61 -16.23
CA PHE D 161 -3.45 -7.48 -17.55
C PHE D 161 -3.50 -6.07 -18.12
N ASP D 162 -2.60 -5.78 -19.04
CA ASP D 162 -2.75 -4.63 -19.91
C ASP D 162 -4.17 -4.65 -20.53
N HIS D 163 -4.70 -3.46 -20.79
CA HIS D 163 -6.05 -3.23 -21.34
C HIS D 163 -7.18 -3.67 -20.45
N ALA D 164 -6.91 -3.93 -19.19
CA ALA D 164 -7.98 -4.41 -18.31
C ALA D 164 -8.84 -3.27 -17.80
N TYR D 165 -10.14 -3.56 -17.66
CA TYR D 165 -11.04 -2.75 -16.87
C TYR D 165 -11.81 -3.65 -15.89
N HIS D 166 -11.78 -3.30 -14.61
CA HIS D 166 -12.51 -4.07 -13.61
C HIS D 166 -13.42 -3.22 -12.69
N GLY D 167 -13.42 -1.90 -12.82
CA GLY D 167 -14.34 -1.09 -12.01
C GLY D 167 -13.73 0.10 -11.31
N ARG D 168 -14.53 0.78 -10.48
CA ARG D 168 -14.17 2.12 -9.95
C ARG D 168 -13.94 2.24 -8.45
N THR D 169 -13.90 1.10 -7.76
CA THR D 169 -13.54 1.10 -6.36
C THR D 169 -11.99 1.18 -6.29
N ASN D 170 -11.46 1.46 -5.11
CA ASN D 170 -10.04 1.49 -4.94
C ASN D 170 -9.32 0.27 -5.47
N LEU D 171 -9.65 -0.94 -4.99
CA LEU D 171 -8.99 -2.12 -5.50
C LEU D 171 -9.23 -2.30 -7.01
N THR D 172 -10.46 -2.10 -7.46
CA THR D 172 -10.72 -2.36 -8.90
C THR D 172 -10.09 -1.31 -9.79
N MET D 173 -9.92 -0.08 -9.30
CA MET D 173 -9.11 0.92 -10.01
C MET D 173 -7.65 0.43 -10.07
N ALA D 174 -7.15 -0.13 -8.98
CA ALA D 174 -5.79 -0.69 -8.98
C ALA D 174 -5.64 -1.73 -10.11
N MET D 175 -6.69 -2.51 -10.28
CA MET D 175 -6.66 -3.64 -11.19
C MET D 175 -6.88 -3.15 -12.62
N THR D 176 -7.61 -2.05 -12.78
CA THR D 176 -7.80 -1.41 -14.07
C THR D 176 -6.48 -0.80 -14.63
N ALA D 177 -6.27 -0.90 -15.94
CA ALA D 177 -5.03 -0.49 -16.58
C ALA D 177 -4.96 1.02 -16.91
N LYS D 178 -6.04 1.58 -17.43
CA LYS D 178 -6.01 2.95 -17.98
C LYS D 178 -6.17 4.03 -16.91
N ASN D 179 -5.17 4.88 -16.75
CA ASN D 179 -5.24 5.97 -15.76
C ASN D 179 -6.37 7.00 -16.02
N GLN D 180 -6.54 7.43 -17.28
CA GLN D 180 -7.45 8.54 -17.63
C GLN D 180 -8.76 8.01 -18.21
N PRO D 181 -9.91 8.36 -17.60
CA PRO D 181 -10.16 9.12 -16.38
C PRO D 181 -10.39 8.25 -15.11
N TYR D 182 -10.22 6.95 -15.20
CA TYR D 182 -10.71 6.02 -14.20
C TYR D 182 -9.97 6.10 -12.88
N LYS D 183 -8.66 6.40 -12.95
CA LYS D 183 -7.73 6.33 -11.80
C LYS D 183 -7.19 7.70 -11.32
N HIS D 184 -7.03 8.63 -12.27
CA HIS D 184 -6.30 9.89 -12.06
C HIS D 184 -6.75 10.65 -10.81
N GLY D 185 -5.83 10.88 -9.89
CA GLY D 185 -6.10 11.65 -8.68
C GLY D 185 -6.85 10.93 -7.56
N PHE D 186 -7.09 9.62 -7.70
CA PHE D 186 -7.86 8.85 -6.73
C PHE D 186 -7.04 7.94 -5.85
N GLY D 187 -5.71 7.94 -6.01
CA GLY D 187 -4.83 7.03 -5.26
C GLY D 187 -4.36 7.57 -3.91
N PRO D 188 -3.52 6.81 -3.19
CA PRO D 188 -2.87 5.54 -3.56
C PRO D 188 -3.80 4.35 -3.52
N PHE D 189 -3.36 3.30 -4.19
CA PHE D 189 -4.20 2.18 -4.54
C PHE D 189 -3.76 0.91 -3.84
N ALA D 190 -4.75 0.15 -3.44
CA ALA D 190 -4.58 -1.22 -2.92
C ALA D 190 -3.43 -1.89 -3.62
N ASN D 191 -2.50 -2.46 -2.86
CA ASN D 191 -1.26 -2.99 -3.42
C ASN D 191 -1.20 -4.56 -3.52
N GLU D 192 -0.01 -5.06 -3.86
CA GLU D 192 0.22 -6.45 -4.30
C GLU D 192 -0.68 -6.81 -5.51
N VAL D 193 -0.86 -5.82 -6.38
CA VAL D 193 -1.51 -6.01 -7.67
C VAL D 193 -0.41 -5.89 -8.71
N TYR D 194 -0.33 -6.86 -9.63
CA TYR D 194 0.75 -6.88 -10.63
C TYR D 194 0.20 -7.05 -12.00
N ARG D 195 0.72 -6.29 -12.96
CA ARG D 195 0.18 -6.29 -14.32
C ARG D 195 1.16 -6.91 -15.29
N VAL D 196 0.66 -7.74 -16.21
CA VAL D 196 1.49 -8.32 -17.28
C VAL D 196 0.79 -8.15 -18.62
N PRO D 197 1.51 -8.33 -19.72
CA PRO D 197 0.81 -8.15 -20.99
C PRO D 197 -0.27 -9.21 -21.35
N THR D 198 -1.21 -8.78 -22.17
CA THR D 198 -2.28 -9.64 -22.64
C THR D 198 -1.95 -10.02 -24.08
N SER D 199 -2.91 -10.63 -24.76
CA SER D 199 -2.78 -11.01 -26.16
C SER D 199 -3.64 -10.04 -26.93
N TYR D 200 -3.04 -9.36 -27.89
CA TYR D 200 -3.73 -8.32 -28.66
C TYR D 200 -3.14 -8.33 -30.09
N PRO D 201 -3.52 -9.31 -30.90
CA PRO D 201 -2.84 -9.59 -32.17
C PRO D 201 -2.61 -8.38 -33.11
N PHE D 202 -3.64 -7.57 -33.32
CA PHE D 202 -3.52 -6.36 -34.16
C PHE D 202 -2.29 -5.57 -33.79
N ARG D 203 -2.01 -5.45 -32.49
CA ARG D 203 -0.88 -4.65 -32.05
C ARG D 203 0.37 -5.41 -31.70
N ASP D 204 0.27 -6.69 -31.34
CA ASP D 204 1.48 -7.42 -30.99
C ASP D 204 1.97 -8.30 -32.13
N GLY D 205 1.18 -8.47 -33.19
CA GLY D 205 1.61 -9.28 -34.32
C GLY D 205 1.65 -10.79 -34.09
N GLU D 206 1.13 -11.24 -32.94
CA GLU D 206 1.25 -12.65 -32.51
C GLU D 206 -0.09 -13.38 -32.44
N THR D 207 -0.32 -14.27 -33.40
CA THR D 207 -1.59 -14.98 -33.55
C THR D 207 -1.66 -16.29 -32.73
N ASP D 208 -0.50 -16.79 -32.28
CA ASP D 208 -0.47 -17.91 -31.34
C ASP D 208 -0.68 -17.43 -29.88
N GLY D 209 -1.88 -17.66 -29.36
CA GLY D 209 -2.19 -17.37 -27.98
C GLY D 209 -1.29 -18.06 -26.99
N ALA D 210 -0.86 -19.29 -27.33
CA ALA D 210 -0.03 -20.09 -26.45
C ALA D 210 1.35 -19.43 -26.21
N ALA D 211 1.91 -18.78 -27.24
CA ALA D 211 3.17 -18.03 -27.11
C ALA D 211 2.98 -16.69 -26.39
N ALA D 212 1.90 -15.96 -26.69
CA ALA D 212 1.61 -14.75 -25.90
C ALA D 212 1.55 -15.08 -24.41
N ALA D 213 0.98 -16.23 -24.07
CA ALA D 213 0.86 -16.69 -22.66
C ALA D 213 2.20 -16.97 -22.00
N ALA D 214 3.07 -17.68 -22.70
CA ALA D 214 4.40 -18.01 -22.19
C ALA D 214 5.13 -16.79 -21.71
N HIS D 215 4.94 -15.65 -22.38
CA HIS D 215 5.64 -14.43 -22.00
C HIS D 215 5.06 -13.80 -20.71
N ALA D 216 3.74 -13.70 -20.66
CA ALA D 216 3.00 -13.26 -19.49
C ALA D 216 3.30 -14.11 -18.27
N LEU D 217 3.24 -15.43 -18.43
CA LEU D 217 3.49 -16.38 -17.34
C LEU D 217 4.91 -16.34 -16.84
N ASP D 218 5.86 -16.15 -17.75
CA ASP D 218 7.29 -15.98 -17.37
C ASP D 218 7.47 -14.71 -16.51
N LEU D 219 6.84 -13.61 -16.91
CA LEU D 219 6.85 -12.41 -16.06
C LEU D 219 6.29 -12.75 -14.67
N ILE D 220 5.19 -13.51 -14.62
CA ILE D 220 4.56 -13.81 -13.33
C ILE D 220 5.52 -14.63 -12.51
N ASN D 221 6.06 -15.71 -13.08
CA ASN D 221 7.02 -16.60 -12.37
C ASN D 221 8.19 -15.82 -11.75
N LYS D 222 8.75 -14.89 -12.52
CA LYS D 222 10.04 -14.24 -12.17
C LYS D 222 9.86 -13.02 -11.26
N GLN D 223 8.80 -12.23 -11.48
CA GLN D 223 8.56 -10.95 -10.84
C GLN D 223 7.58 -11.06 -9.63
N VAL D 224 6.66 -12.02 -9.69
CA VAL D 224 5.70 -12.19 -8.61
C VAL D 224 6.02 -13.42 -7.78
N GLY D 225 6.34 -14.53 -8.46
CA GLY D 225 6.58 -15.82 -7.79
C GLY D 225 5.28 -16.60 -7.73
N ALA D 226 5.23 -17.78 -8.33
CA ALA D 226 3.94 -18.49 -8.46
C ALA D 226 3.29 -18.89 -7.12
N ASP D 227 4.11 -19.20 -6.13
CA ASP D 227 3.58 -19.52 -4.79
C ASP D 227 3.03 -18.29 -4.06
N ASN D 228 3.15 -17.11 -4.66
CA ASN D 228 2.60 -15.86 -4.11
C ASN D 228 1.30 -15.43 -4.77
N VAL D 229 0.95 -16.02 -5.92
CA VAL D 229 -0.23 -15.55 -6.66
C VAL D 229 -1.57 -16.11 -6.10
N ALA D 230 -2.46 -15.22 -5.61
CA ALA D 230 -3.80 -15.63 -5.16
C ALA D 230 -4.68 -15.83 -6.35
N ALA D 231 -4.66 -14.85 -7.24
CA ALA D 231 -5.54 -14.87 -8.37
C ALA D 231 -4.89 -14.31 -9.63
N VAL D 232 -5.27 -14.89 -10.77
CA VAL D 232 -5.02 -14.34 -12.10
C VAL D 232 -6.43 -14.00 -12.60
N VAL D 233 -6.69 -12.72 -12.88
CA VAL D 233 -8.01 -12.18 -13.21
C VAL D 233 -7.97 -11.56 -14.61
N ILE D 234 -8.82 -12.06 -15.52
CA ILE D 234 -8.87 -11.58 -16.89
C ILE D 234 -10.27 -11.63 -17.47
N GLU D 235 -10.57 -10.62 -18.25
CA GLU D 235 -11.77 -10.58 -19.07
C GLU D 235 -11.54 -11.46 -20.28
N PRO D 236 -12.48 -12.36 -20.60
CA PRO D 236 -12.28 -13.15 -21.83
C PRO D 236 -12.23 -12.32 -23.13
N VAL D 237 -12.95 -11.19 -23.16
CA VAL D 237 -12.75 -10.12 -24.15
C VAL D 237 -12.62 -8.79 -23.35
N HIS D 238 -11.51 -8.07 -23.52
CA HIS D 238 -11.33 -6.81 -22.79
C HIS D 238 -12.34 -5.81 -23.32
N GLY D 239 -13.30 -5.42 -22.49
CA GLY D 239 -14.37 -4.56 -22.94
C GLY D 239 -13.94 -3.12 -23.08
N GLU D 240 -13.83 -2.41 -21.96
CA GLU D 240 -13.47 -1.00 -22.00
C GLU D 240 -12.12 -0.77 -22.65
N GLY D 241 -11.23 -1.75 -22.59
CA GLY D 241 -9.93 -1.64 -23.27
C GLY D 241 -9.90 -1.85 -24.80
N GLY D 242 -11.06 -2.05 -25.43
CA GLY D 242 -11.13 -2.01 -26.92
C GLY D 242 -11.75 -3.21 -27.60
N PHE D 243 -12.50 -3.99 -26.83
CA PHE D 243 -13.00 -5.29 -27.30
C PHE D 243 -11.84 -6.08 -27.87
N VAL D 244 -10.76 -6.19 -27.09
CA VAL D 244 -9.57 -6.94 -27.49
C VAL D 244 -9.80 -8.41 -27.17
N VAL D 245 -9.77 -9.24 -28.21
CA VAL D 245 -9.98 -10.68 -28.09
C VAL D 245 -8.62 -11.38 -28.13
N PRO D 246 -8.24 -12.01 -27.01
CA PRO D 246 -6.96 -12.70 -26.97
C PRO D 246 -6.94 -13.83 -28.02
N ALA D 247 -5.75 -14.15 -28.51
CA ALA D 247 -5.61 -15.11 -29.56
C ALA D 247 -5.94 -16.52 -29.01
N PRO D 248 -6.40 -17.42 -29.86
CA PRO D 248 -6.72 -18.77 -29.41
C PRO D 248 -5.60 -19.39 -28.59
N GLY D 249 -5.96 -19.87 -27.40
CA GLY D 249 -5.05 -20.61 -26.55
C GLY D 249 -4.53 -19.80 -25.38
N PHE D 250 -4.75 -18.48 -25.39
CA PHE D 250 -4.16 -17.65 -24.38
C PHE D 250 -4.82 -17.93 -23.03
N LEU D 251 -6.15 -17.96 -23.02
CA LEU D 251 -6.89 -18.12 -21.79
C LEU D 251 -6.69 -19.51 -21.20
N GLY D 252 -6.74 -20.54 -22.04
CA GLY D 252 -6.51 -21.92 -21.59
C GLY D 252 -5.11 -22.09 -21.02
N ALA D 253 -4.13 -21.37 -21.54
CA ALA D 253 -2.77 -21.50 -20.99
C ALA D 253 -2.67 -20.82 -19.59
N LEU D 254 -3.42 -19.72 -19.39
CA LEU D 254 -3.53 -19.13 -18.02
C LEU D 254 -4.22 -20.10 -17.05
N GLN D 255 -5.30 -20.74 -17.50
CA GLN D 255 -6.07 -21.71 -16.68
C GLN D 255 -5.15 -22.86 -16.20
N LYS D 256 -4.39 -23.43 -17.13
CA LYS D 256 -3.46 -24.49 -16.79
C LYS D 256 -2.41 -24.05 -15.78
N TRP D 257 -1.78 -22.89 -16.00
CA TRP D 257 -0.76 -22.38 -15.05
C TRP D 257 -1.35 -22.20 -13.66
N CYS D 258 -2.59 -21.80 -13.60
CA CYS D 258 -3.22 -21.60 -12.30
C CYS D 258 -3.44 -22.92 -11.53
N THR D 259 -4.07 -23.87 -12.17
CA THR D 259 -4.25 -25.18 -11.58
C THR D 259 -2.89 -25.77 -11.15
N ASP D 260 -1.90 -25.70 -12.04
CA ASP D 260 -0.57 -26.26 -11.74
C ASP D 260 0.13 -25.59 -10.56
N ASN D 261 -0.18 -24.31 -10.29
CA ASN D 261 0.54 -23.54 -9.27
C ASN D 261 -0.27 -23.14 -8.06
N GLY D 262 -1.52 -23.58 -8.00
CA GLY D 262 -2.39 -23.29 -6.85
C GLY D 262 -3.00 -21.88 -6.83
N ALA D 263 -2.99 -21.16 -7.96
CA ALA D 263 -3.55 -19.78 -8.02
C ALA D 263 -4.97 -19.92 -8.48
N VAL D 264 -5.83 -18.96 -8.15
CA VAL D 264 -7.20 -19.03 -8.63
C VAL D 264 -7.39 -18.24 -9.93
N PHE D 265 -7.79 -18.94 -10.99
CA PHE D 265 -8.10 -18.29 -12.24
C PHE D 265 -9.50 -17.68 -12.19
N VAL D 266 -9.57 -16.38 -12.35
CA VAL D 266 -10.84 -15.66 -12.31
C VAL D 266 -11.14 -15.07 -13.69
N ALA D 267 -12.20 -15.56 -14.34
CA ALA D 267 -12.70 -14.96 -15.55
C ALA D 267 -13.73 -13.93 -15.15
N ASP D 268 -13.43 -12.67 -15.48
CA ASP D 268 -14.32 -11.51 -15.31
C ASP D 268 -15.18 -11.47 -16.55
N GLU D 269 -16.39 -12.01 -16.43
CA GLU D 269 -17.39 -12.01 -17.49
C GLU D 269 -18.48 -10.99 -17.20
N VAL D 270 -18.12 -9.88 -16.58
CA VAL D 270 -19.11 -8.88 -16.25
C VAL D 270 -19.73 -8.37 -17.55
N GLN D 271 -18.93 -8.11 -18.57
CA GLN D 271 -19.47 -7.60 -19.84
C GLN D 271 -19.77 -8.71 -20.84
N THR D 272 -19.02 -9.80 -20.77
CA THR D 272 -19.12 -10.86 -21.78
C THR D 272 -20.16 -11.91 -21.44
N GLY D 273 -20.71 -11.88 -20.23
CA GLY D 273 -21.58 -12.95 -19.73
C GLY D 273 -23.04 -12.83 -20.18
N PHE D 274 -23.78 -13.93 -20.03
CA PHE D 274 -25.21 -14.02 -20.38
C PHE D 274 -25.53 -13.76 -21.86
N ALA D 275 -25.03 -14.63 -22.73
CA ALA D 275 -25.42 -14.73 -24.14
C ALA D 275 -24.80 -13.67 -25.04
N ARG D 276 -24.13 -12.69 -24.45
CA ARG D 276 -23.62 -11.52 -25.18
C ARG D 276 -22.72 -11.90 -26.36
N THR D 277 -21.91 -12.95 -26.20
CA THR D 277 -20.92 -13.26 -27.24
C THR D 277 -21.29 -14.41 -28.18
N GLY D 278 -22.54 -14.88 -28.17
CA GLY D 278 -22.89 -16.02 -29.01
C GLY D 278 -22.63 -17.37 -28.36
N ALA D 279 -22.27 -17.35 -27.08
CA ALA D 279 -22.32 -18.53 -26.19
C ALA D 279 -22.84 -17.97 -24.89
N LEU D 280 -23.33 -18.80 -23.97
CA LEU D 280 -23.88 -18.25 -22.72
C LEU D 280 -22.79 -17.53 -21.96
N PHE D 281 -21.58 -18.10 -21.98
CA PHE D 281 -20.40 -17.52 -21.34
C PHE D 281 -19.21 -17.54 -22.31
N ALA D 282 -18.45 -16.46 -22.36
CA ALA D 282 -17.43 -16.29 -23.40
C ALA D 282 -16.31 -17.33 -23.26
N CYS D 283 -16.12 -17.80 -22.04
CA CYS D 283 -15.24 -18.93 -21.75
C CYS D 283 -15.51 -20.19 -22.62
N GLU D 284 -16.78 -20.53 -22.86
CA GLU D 284 -17.11 -21.74 -23.68
C GLU D 284 -16.53 -21.69 -25.08
N HIS D 285 -16.30 -20.51 -25.65
CA HIS D 285 -15.82 -20.42 -27.05
C HIS D 285 -14.55 -21.27 -27.23
N GLU D 286 -13.65 -21.25 -26.24
CA GLU D 286 -12.48 -22.11 -26.25
C GLU D 286 -12.45 -23.21 -25.19
N ASN D 287 -13.61 -23.57 -24.66
CA ASN D 287 -13.73 -24.60 -23.59
C ASN D 287 -12.86 -24.28 -22.33
N VAL D 288 -12.79 -23.01 -21.97
CA VAL D 288 -12.08 -22.59 -20.77
C VAL D 288 -13.01 -22.84 -19.59
N VAL D 289 -12.48 -23.49 -18.56
CA VAL D 289 -13.18 -23.70 -17.30
C VAL D 289 -12.41 -22.92 -16.23
N PRO D 290 -12.95 -21.77 -15.79
CA PRO D 290 -12.20 -21.00 -14.79
C PRO D 290 -12.49 -21.48 -13.36
N ASP D 291 -11.63 -21.15 -12.43
CA ASP D 291 -11.88 -21.48 -11.04
C ASP D 291 -13.05 -20.65 -10.47
N LEU D 292 -13.06 -19.34 -10.75
CA LEU D 292 -14.19 -18.46 -10.39
C LEU D 292 -14.60 -17.69 -11.63
N ILE D 293 -15.89 -17.41 -11.74
CA ILE D 293 -16.42 -16.57 -12.80
C ILE D 293 -17.24 -15.45 -12.19
N VAL D 294 -16.93 -14.21 -12.58
CA VAL D 294 -17.63 -13.01 -12.16
C VAL D 294 -18.65 -12.58 -13.22
N THR D 295 -19.91 -12.38 -12.79
CA THR D 295 -20.96 -11.92 -13.70
C THR D 295 -21.69 -10.70 -13.11
N ALA D 296 -22.30 -9.94 -14.01
CA ALA D 296 -23.11 -8.79 -13.64
C ALA D 296 -23.87 -8.31 -14.88
N LYS D 297 -24.14 -7.00 -14.97
CA LYS D 297 -24.75 -6.38 -16.15
C LYS D 297 -25.98 -7.10 -16.69
N GLY D 298 -25.82 -7.93 -17.72
CA GLY D 298 -26.96 -8.61 -18.36
C GLY D 298 -27.75 -9.57 -17.48
N ILE D 299 -27.16 -9.93 -16.34
CA ILE D 299 -27.73 -10.96 -15.46
C ILE D 299 -29.18 -10.64 -15.06
N ALA D 300 -29.48 -9.37 -14.79
CA ALA D 300 -30.77 -9.00 -14.22
C ALA D 300 -31.55 -7.95 -15.04
N GLY D 301 -31.28 -7.89 -16.33
CA GLY D 301 -32.14 -7.15 -17.24
C GLY D 301 -32.18 -5.66 -17.02
N GLY D 302 -31.20 -5.12 -16.28
CA GLY D 302 -31.17 -3.69 -15.96
C GLY D 302 -31.15 -3.39 -14.47
N LEU D 303 -31.56 -4.33 -13.64
CA LEU D 303 -31.56 -4.14 -12.17
C LEU D 303 -30.17 -4.43 -11.61
N PRO D 304 -29.80 -3.77 -10.49
CA PRO D 304 -28.44 -3.95 -9.94
C PRO D 304 -28.27 -5.33 -9.28
N LEU D 305 -27.53 -6.20 -9.96
CA LEU D 305 -27.10 -7.48 -9.41
C LEU D 305 -25.72 -7.87 -10.02
N SER D 306 -24.89 -8.49 -9.20
CA SER D 306 -23.68 -9.15 -9.65
C SER D 306 -23.53 -10.48 -8.89
N ALA D 307 -22.64 -11.32 -9.39
CA ALA D 307 -22.40 -12.62 -8.81
C ALA D 307 -20.94 -13.03 -8.95
N VAL D 308 -20.48 -13.82 -7.99
CA VAL D 308 -19.25 -14.61 -8.17
C VAL D 308 -19.67 -16.05 -8.02
N THR D 309 -19.32 -16.87 -9.01
CA THR D 309 -19.56 -18.33 -8.95
C THR D 309 -18.24 -19.07 -9.10
N GLY D 310 -18.08 -20.19 -8.39
CA GLY D 310 -16.96 -21.06 -8.70
C GLY D 310 -16.81 -22.32 -7.87
N ARG D 311 -15.60 -22.88 -7.89
CA ARG D 311 -15.34 -24.16 -7.22
C ARG D 311 -15.73 -24.04 -5.76
N ALA D 312 -16.55 -24.99 -5.30
CA ALA D 312 -17.12 -24.96 -3.95
C ALA D 312 -16.06 -24.73 -2.86
N GLU D 313 -14.95 -25.46 -2.96
CA GLU D 313 -13.91 -25.40 -1.94
C GLU D 313 -13.19 -24.06 -1.91
N ILE D 314 -13.09 -23.40 -3.06
CA ILE D 314 -12.49 -22.06 -3.12
C ILE D 314 -13.50 -21.07 -2.57
N MET D 315 -14.73 -21.12 -3.09
CA MET D 315 -15.80 -20.20 -2.70
C MET D 315 -16.09 -20.25 -1.22
N ASP D 316 -15.96 -21.44 -0.63
CA ASP D 316 -16.11 -21.64 0.82
C ASP D 316 -14.88 -21.29 1.67
N GLY D 317 -13.85 -20.72 1.08
CA GLY D 317 -12.67 -20.28 1.83
C GLY D 317 -12.93 -19.21 2.91
N PRO D 318 -13.62 -18.11 2.58
CA PRO D 318 -13.97 -17.15 3.63
C PRO D 318 -14.85 -17.74 4.72
N GLN D 319 -14.64 -17.32 5.97
CA GLN D 319 -15.50 -17.82 7.07
C GLN D 319 -16.91 -17.20 7.01
N SER D 320 -17.82 -17.81 7.74
CA SER D 320 -19.19 -17.29 7.86
C SER D 320 -19.16 -15.85 8.34
N GLY D 321 -19.85 -14.96 7.63
CA GLY D 321 -19.87 -13.55 7.97
C GLY D 321 -18.79 -12.69 7.28
N GLY D 322 -17.89 -13.33 6.55
CA GLY D 322 -16.79 -12.65 5.87
C GLY D 322 -17.16 -12.08 4.53
N LEU D 323 -18.21 -12.61 3.91
CA LEU D 323 -18.76 -12.05 2.70
C LEU D 323 -20.09 -11.39 3.02
N GLY D 324 -20.34 -10.23 2.42
CA GLY D 324 -21.62 -9.57 2.64
C GLY D 324 -21.83 -8.29 1.89
N GLY D 325 -22.58 -7.38 2.50
CA GLY D 325 -23.24 -6.28 1.80
C GLY D 325 -24.75 -6.27 2.14
N THR D 326 -25.25 -5.10 2.53
CA THR D 326 -26.63 -4.97 2.93
C THR D 326 -27.58 -5.35 1.80
N TYR D 327 -27.40 -4.74 0.63
CA TYR D 327 -28.38 -4.79 -0.42
C TYR D 327 -28.27 -6.06 -1.26
N GLY D 328 -27.07 -6.61 -1.35
CA GLY D 328 -26.72 -7.67 -2.33
C GLY D 328 -27.70 -8.80 -2.54
N GLY D 329 -27.92 -9.15 -3.81
CA GLY D 329 -28.89 -10.16 -4.15
C GLY D 329 -30.30 -9.67 -3.84
N ASN D 330 -30.57 -8.42 -4.16
CA ASN D 330 -31.85 -7.82 -3.87
C ASN D 330 -33.02 -8.71 -4.38
N PRO D 331 -34.12 -8.78 -3.63
CA PRO D 331 -35.18 -9.67 -4.15
C PRO D 331 -35.80 -9.28 -5.51
N LEU D 332 -35.98 -7.99 -5.78
CA LEU D 332 -36.45 -7.59 -7.13
C LEU D 332 -35.45 -8.00 -8.22
N ALA D 333 -34.17 -7.74 -8.00
CA ALA D 333 -33.10 -8.13 -8.92
C ALA D 333 -33.00 -9.63 -9.13
N CYS D 334 -33.19 -10.45 -8.07
CA CYS D 334 -33.20 -11.91 -8.28
C CYS D 334 -34.40 -12.32 -9.16
N ALA D 335 -35.57 -11.78 -8.86
CA ALA D 335 -36.76 -12.05 -9.65
C ALA D 335 -36.48 -11.66 -11.12
N ALA D 336 -35.82 -10.52 -11.30
CA ALA D 336 -35.41 -10.08 -12.64
C ALA D 336 -34.43 -11.09 -13.26
N ALA D 337 -33.49 -11.60 -12.45
CA ALA D 337 -32.44 -12.51 -12.98
C ALA D 337 -33.04 -13.86 -13.41
N LEU D 338 -33.99 -14.36 -12.64
CA LEU D 338 -34.67 -15.61 -13.00
C LEU D 338 -35.47 -15.50 -14.31
N ALA D 339 -36.09 -14.35 -14.55
CA ALA D 339 -36.81 -14.05 -15.80
C ALA D 339 -35.82 -13.94 -16.99
N VAL D 340 -34.65 -13.35 -16.74
CA VAL D 340 -33.61 -13.23 -17.77
C VAL D 340 -33.14 -14.62 -18.22
N ILE D 341 -32.80 -15.49 -17.27
CA ILE D 341 -32.35 -16.86 -17.58
C ILE D 341 -33.45 -17.63 -18.35
N ASP D 342 -34.69 -17.51 -17.90
CA ASP D 342 -35.83 -18.10 -18.59
C ASP D 342 -36.05 -17.57 -20.02
N THR D 343 -35.98 -16.24 -20.21
CA THR D 343 -36.10 -15.64 -21.53
C THR D 343 -34.97 -16.10 -22.49
N ILE D 344 -33.76 -16.19 -21.99
CA ILE D 344 -32.63 -16.63 -22.81
C ILE D 344 -32.88 -18.03 -23.35
N GLU D 345 -33.25 -18.96 -22.48
CA GLU D 345 -33.59 -20.31 -22.89
C GLU D 345 -34.82 -20.34 -23.80
N ARG D 346 -35.90 -19.71 -23.36
CA ARG D 346 -37.15 -19.76 -24.10
C ARG D 346 -37.08 -19.10 -25.50
N GLU D 347 -36.46 -17.93 -25.63
CA GLU D 347 -36.32 -17.26 -26.95
C GLU D 347 -35.02 -17.62 -27.70
N ASN D 348 -34.30 -18.65 -27.26
CA ASN D 348 -33.06 -19.05 -27.91
C ASN D 348 -32.12 -17.87 -28.14
N LEU D 349 -31.90 -17.08 -27.11
CA LEU D 349 -31.18 -15.81 -27.26
C LEU D 349 -29.68 -15.95 -27.56
N VAL D 350 -29.08 -17.07 -27.19
CA VAL D 350 -27.67 -17.32 -27.57
C VAL D 350 -27.51 -17.48 -29.09
N ALA D 351 -28.44 -18.19 -29.72
CA ALA D 351 -28.46 -18.33 -31.20
C ALA D 351 -28.76 -16.97 -31.82
N ARG D 352 -29.66 -16.22 -31.19
CA ARG D 352 -29.97 -14.88 -31.62
C ARG D 352 -28.70 -14.00 -31.63
N ALA D 353 -27.84 -14.15 -30.62
CA ALA D 353 -26.57 -13.38 -30.57
C ALA D 353 -25.63 -13.75 -31.71
N ARG D 354 -25.52 -15.02 -32.02
CA ARG D 354 -24.73 -15.43 -33.17
C ARG D 354 -25.30 -14.90 -34.50
N ALA D 355 -26.62 -14.84 -34.64
CA ALA D 355 -27.22 -14.35 -35.89
C ALA D 355 -26.95 -12.84 -36.04
N ILE D 356 -27.06 -12.10 -34.93
CA ILE D 356 -26.76 -10.70 -34.97
C ILE D 356 -25.29 -10.50 -35.38
N GLY D 357 -24.40 -11.28 -34.78
CA GLY D 357 -22.99 -11.11 -35.02
C GLY D 357 -22.61 -11.37 -36.46
N GLU D 358 -23.28 -12.34 -37.10
CA GLU D 358 -22.99 -12.66 -38.50
C GLU D 358 -23.27 -11.46 -39.41
N THR D 359 -24.42 -10.82 -39.21
CA THR D 359 -24.83 -9.63 -39.95
C THR D 359 -23.87 -8.45 -39.71
N MET D 360 -23.52 -8.17 -38.45
CA MET D 360 -22.62 -7.08 -38.14
C MET D 360 -21.20 -7.35 -38.67
N LEU D 361 -20.70 -8.57 -38.49
CA LEU D 361 -19.40 -8.92 -39.05
C LEU D 361 -19.38 -8.82 -40.58
N SER D 362 -20.46 -9.26 -41.23
CA SER D 362 -20.59 -9.16 -42.68
C SER D 362 -20.64 -7.69 -43.16
N ARG D 363 -21.54 -6.90 -42.59
CA ARG D 363 -21.69 -5.47 -42.95
C ARG D 363 -20.44 -4.61 -42.65
N LEU D 364 -19.89 -4.71 -41.44
CA LEU D 364 -18.71 -3.94 -41.09
C LEU D 364 -17.48 -4.43 -41.80
N GLY D 365 -17.45 -5.73 -42.13
CA GLY D 365 -16.36 -6.30 -42.94
C GLY D 365 -16.33 -5.65 -44.30
N ALA D 366 -17.52 -5.44 -44.87
CA ALA D 366 -17.62 -4.85 -46.22
C ALA D 366 -17.30 -3.35 -46.12
N LEU D 367 -17.58 -2.74 -44.97
CA LEU D 367 -17.23 -1.33 -44.77
C LEU D 367 -15.69 -1.18 -44.73
N ALA D 368 -15.03 -2.11 -44.05
CA ALA D 368 -13.58 -2.19 -43.90
C ALA D 368 -12.87 -2.40 -45.23
N ALA D 369 -13.48 -3.12 -46.15
CA ALA D 369 -12.86 -3.41 -47.40
C ALA D 369 -12.92 -2.20 -48.34
N ALA D 370 -13.82 -1.25 -48.09
CA ALA D 370 -13.88 0.04 -48.82
C ALA D 370 -13.33 1.25 -48.02
N ASP D 371 -12.96 1.07 -46.76
CA ASP D 371 -12.49 2.19 -45.92
C ASP D 371 -11.29 1.77 -45.07
N PRO D 372 -10.07 2.06 -45.54
CA PRO D 372 -8.93 1.55 -44.76
C PRO D 372 -8.65 2.29 -43.43
N ARG D 373 -9.51 3.25 -43.06
CA ARG D 373 -9.39 3.88 -41.75
C ARG D 373 -9.82 2.90 -40.71
N ILE D 374 -10.54 1.86 -41.13
CA ILE D 374 -10.89 0.76 -40.25
C ILE D 374 -9.78 -0.25 -40.27
N GLY D 375 -8.99 -0.31 -39.22
CA GLY D 375 -7.85 -1.21 -39.18
C GLY D 375 -8.22 -2.65 -38.85
N GLU D 376 -9.30 -2.84 -38.11
CA GLU D 376 -9.70 -4.18 -37.70
C GLU D 376 -11.16 -4.19 -37.28
N VAL D 377 -11.83 -5.29 -37.63
CA VAL D 377 -13.14 -5.60 -37.14
C VAL D 377 -12.97 -6.86 -36.30
N ARG D 378 -13.34 -6.80 -35.02
CA ARG D 378 -13.22 -7.94 -34.13
C ARG D 378 -14.41 -8.11 -33.16
N GLY D 379 -14.39 -9.19 -32.40
CA GLY D 379 -15.47 -9.52 -31.49
C GLY D 379 -16.32 -10.65 -32.02
N ARG D 380 -17.27 -11.10 -31.19
CA ARG D 380 -18.24 -12.15 -31.57
C ARG D 380 -19.62 -11.82 -31.06
N GLY D 381 -20.61 -12.43 -31.67
CA GLY D 381 -21.99 -12.26 -31.24
C GLY D 381 -22.48 -10.84 -31.28
N ALA D 382 -23.03 -10.38 -30.14
CA ALA D 382 -23.50 -9.03 -29.99
C ALA D 382 -22.48 -8.13 -29.30
N MET D 383 -21.19 -8.37 -29.56
CA MET D 383 -20.05 -7.65 -28.93
C MET D 383 -18.97 -7.51 -29.99
N ILE D 384 -19.25 -6.60 -30.94
CA ILE D 384 -18.43 -6.36 -32.10
C ILE D 384 -17.89 -4.91 -32.04
N ALA D 385 -16.69 -4.70 -32.60
CA ALA D 385 -16.00 -3.42 -32.58
C ALA D 385 -15.22 -3.16 -33.87
N VAL D 386 -14.96 -1.88 -34.18
CA VAL D 386 -13.95 -1.57 -35.17
C VAL D 386 -12.91 -0.67 -34.53
N GLU D 387 -11.64 -0.92 -34.83
CA GLU D 387 -10.54 -0.06 -34.45
C GLU D 387 -10.13 0.82 -35.60
N LEU D 388 -10.04 2.13 -35.34
CA LEU D 388 -9.80 3.12 -36.36
C LEU D 388 -8.41 3.70 -36.23
N VAL D 389 -7.73 3.74 -37.36
CA VAL D 389 -6.32 4.06 -37.43
C VAL D 389 -6.00 4.94 -38.68
N LYS D 390 -4.77 5.42 -38.74
CA LYS D 390 -4.21 5.97 -39.97
C LYS D 390 -4.06 4.79 -40.96
N PRO D 391 -4.66 4.89 -42.17
CA PRO D 391 -4.71 3.73 -43.07
C PRO D 391 -3.39 2.96 -43.20
N GLY D 392 -3.44 1.64 -43.02
CA GLY D 392 -2.25 0.76 -43.21
C GLY D 392 -1.25 0.71 -42.05
N THR D 393 -1.60 1.35 -40.94
CA THR D 393 -0.75 1.40 -39.75
C THR D 393 -1.56 0.98 -38.54
N THR D 394 -0.90 0.98 -37.39
CA THR D 394 -1.58 0.82 -36.11
C THR D 394 -1.56 2.12 -35.31
N GLU D 395 -1.29 3.25 -35.95
CA GLU D 395 -1.42 4.54 -35.29
C GLU D 395 -2.89 4.81 -35.02
N PRO D 396 -3.25 5.07 -33.76
CA PRO D 396 -4.65 5.30 -33.45
C PRO D 396 -5.24 6.58 -34.00
N ASP D 397 -6.56 6.57 -34.25
CA ASP D 397 -7.28 7.78 -34.70
C ASP D 397 -8.48 8.02 -33.81
N ALA D 398 -8.17 8.48 -32.60
CA ALA D 398 -9.17 8.78 -31.61
C ALA D 398 -10.07 9.93 -32.06
N ASP D 399 -9.47 10.95 -32.69
CA ASP D 399 -10.20 12.10 -33.28
C ASP D 399 -11.27 11.66 -34.27
N LEU D 400 -10.90 10.80 -35.22
CA LEU D 400 -11.90 10.27 -36.13
C LEU D 400 -13.01 9.56 -35.38
N THR D 401 -12.65 8.81 -34.33
CA THR D 401 -13.60 7.99 -33.62
C THR D 401 -14.64 8.88 -32.96
N LYS D 402 -14.19 9.91 -32.24
CA LYS D 402 -15.05 10.93 -31.65
C LYS D 402 -15.97 11.55 -32.68
N ARG D 403 -15.40 12.00 -33.79
CA ARG D 403 -16.22 12.68 -34.81
C ARG D 403 -17.22 11.71 -35.43
N VAL D 404 -16.84 10.44 -35.65
CA VAL D 404 -17.84 9.47 -36.17
C VAL D 404 -18.97 9.24 -35.15
N ALA D 405 -18.60 9.06 -33.86
CA ALA D 405 -19.58 8.78 -32.82
C ALA D 405 -20.57 9.89 -32.83
N ALA D 406 -20.06 11.11 -32.72
CA ALA D 406 -20.89 12.32 -32.67
C ALA D 406 -21.83 12.48 -33.90
N ALA D 407 -21.35 12.16 -35.09
CA ALA D 407 -22.24 12.24 -36.24
C ALA D 407 -23.31 11.14 -36.18
N ALA D 408 -22.96 9.98 -35.62
CA ALA D 408 -23.91 8.89 -35.50
C ALA D 408 -25.03 9.26 -34.54
N HIS D 409 -24.67 9.90 -33.42
CA HIS D 409 -25.64 10.42 -32.46
C HIS D 409 -26.64 11.43 -33.03
N ALA D 410 -26.12 12.38 -33.79
CA ALA D 410 -26.95 13.37 -34.48
C ALA D 410 -27.99 12.74 -35.42
N GLN D 411 -27.72 11.54 -35.89
CA GLN D 411 -28.67 10.77 -36.70
C GLN D 411 -29.47 9.77 -35.87
N GLY D 412 -29.38 9.83 -34.56
CA GLY D 412 -30.18 8.99 -33.68
C GLY D 412 -29.72 7.54 -33.61
N LEU D 413 -28.42 7.30 -33.69
CA LEU D 413 -27.86 5.97 -33.41
C LEU D 413 -27.02 6.03 -32.16
N VAL D 414 -27.34 5.25 -31.14
CA VAL D 414 -26.57 5.28 -29.92
C VAL D 414 -25.38 4.35 -30.05
N VAL D 415 -24.21 4.92 -30.36
CA VAL D 415 -22.98 4.18 -30.63
C VAL D 415 -21.95 4.64 -29.63
N LEU D 416 -21.33 3.70 -28.91
CA LEU D 416 -20.33 4.02 -27.88
C LEU D 416 -18.87 3.81 -28.36
N THR D 417 -17.94 4.42 -27.63
CA THR D 417 -16.52 4.28 -27.94
C THR D 417 -15.84 3.63 -26.77
N CYS D 418 -14.58 3.24 -26.98
CA CYS D 418 -13.74 2.74 -25.93
C CYS D 418 -12.29 2.66 -26.43
N GLY D 419 -11.46 1.99 -25.65
CA GLY D 419 -10.11 1.66 -26.06
C GLY D 419 -9.08 2.37 -25.25
N THR D 420 -7.98 1.67 -25.02
CA THR D 420 -6.85 2.27 -24.39
C THR D 420 -6.41 3.54 -25.15
N TYR D 421 -6.55 3.57 -26.47
CA TYR D 421 -6.14 4.73 -27.25
C TYR D 421 -7.29 5.58 -27.73
N GLY D 422 -8.50 5.27 -27.22
CA GLY D 422 -9.71 6.04 -27.50
C GLY D 422 -10.23 5.88 -28.93
N ASN D 423 -9.79 4.85 -29.62
CA ASN D 423 -10.01 4.71 -31.05
C ASN D 423 -10.82 3.48 -31.44
N VAL D 424 -11.64 2.98 -30.52
CA VAL D 424 -12.50 1.85 -30.81
C VAL D 424 -14.00 2.23 -30.78
N LEU D 425 -14.72 1.84 -31.81
CA LEU D 425 -16.18 1.98 -31.85
C LEU D 425 -16.79 0.64 -31.54
N ARG D 426 -17.57 0.55 -30.48
CA ARG D 426 -18.18 -0.70 -30.06
C ARG D 426 -19.67 -0.76 -30.30
N PHE D 427 -20.12 -1.96 -30.65
CA PHE D 427 -21.51 -2.22 -30.98
C PHE D 427 -21.98 -3.30 -30.02
N LEU D 428 -22.87 -2.89 -29.11
CA LEU D 428 -23.45 -3.76 -28.12
C LEU D 428 -24.98 -3.63 -28.23
N PRO D 429 -25.55 -4.04 -29.37
CA PRO D 429 -27.00 -4.02 -29.49
C PRO D 429 -27.69 -5.00 -28.51
N PRO D 430 -28.93 -4.67 -28.09
CA PRO D 430 -29.71 -5.69 -27.36
C PRO D 430 -30.09 -6.79 -28.32
N LEU D 431 -30.21 -7.99 -27.79
CA LEU D 431 -30.58 -9.14 -28.58
C LEU D 431 -32.04 -9.03 -29.07
N SER D 432 -32.84 -8.21 -28.38
CA SER D 432 -34.19 -7.86 -28.83
C SER D 432 -34.25 -6.82 -29.96
N MET D 433 -33.12 -6.37 -30.47
CA MET D 433 -33.08 -5.43 -31.60
C MET D 433 -33.74 -6.10 -32.82
N PRO D 434 -34.80 -5.50 -33.41
CA PRO D 434 -35.34 -6.02 -34.67
C PRO D 434 -34.35 -6.01 -35.83
N ASP D 435 -34.45 -7.05 -36.67
CA ASP D 435 -33.60 -7.18 -37.84
C ASP D 435 -33.62 -5.87 -38.65
N HIS D 436 -34.80 -5.31 -38.83
CA HIS D 436 -34.88 -4.12 -39.65
C HIS D 436 -34.10 -2.92 -39.03
N LEU D 437 -34.15 -2.73 -37.70
CA LEU D 437 -33.39 -1.66 -37.06
C LEU D 437 -31.88 -1.94 -37.00
N LEU D 438 -31.51 -3.20 -36.85
CA LEU D 438 -30.12 -3.58 -36.95
C LEU D 438 -29.58 -3.15 -38.32
N ASP D 439 -30.32 -3.47 -39.38
CA ASP D 439 -29.96 -3.07 -40.74
C ASP D 439 -29.83 -1.55 -40.87
N GLU D 440 -30.79 -0.84 -40.30
CA GLU D 440 -30.82 0.60 -40.37
C GLU D 440 -29.64 1.21 -39.62
N GLY D 441 -29.33 0.72 -38.42
CA GLY D 441 -28.20 1.26 -37.66
C GLY D 441 -26.91 1.18 -38.45
N LEU D 442 -26.70 0.06 -39.11
CA LEU D 442 -25.52 -0.17 -39.90
C LEU D 442 -25.50 0.71 -41.15
N ASP D 443 -26.68 0.95 -41.74
CA ASP D 443 -26.82 1.91 -42.87
C ASP D 443 -26.45 3.31 -42.41
N ILE D 444 -26.85 3.68 -41.18
CA ILE D 444 -26.44 4.99 -40.62
C ILE D 444 -24.91 5.07 -40.48
N LEU D 445 -24.31 4.04 -39.91
CA LEU D 445 -22.86 3.95 -39.78
C LEU D 445 -22.17 4.09 -41.15
N ALA D 446 -22.56 3.27 -42.13
CA ALA D 446 -22.03 3.39 -43.49
C ALA D 446 -22.05 4.85 -44.00
N ALA D 447 -23.21 5.49 -43.89
CA ALA D 447 -23.34 6.88 -44.36
C ALA D 447 -22.46 7.81 -43.57
N VAL D 448 -22.31 7.57 -42.27
CA VAL D 448 -21.48 8.44 -41.46
C VAL D 448 -20.01 8.33 -41.89
N PHE D 449 -19.58 7.13 -42.23
CA PHE D 449 -18.19 6.92 -42.66
C PHE D 449 -17.90 7.58 -44.03
N ALA D 450 -18.87 7.55 -44.94
CA ALA D 450 -18.76 8.26 -46.23
C ALA D 450 -18.77 9.77 -46.07
N GLU D 451 -19.33 10.30 -44.98
CA GLU D 451 -19.46 11.76 -44.75
C GLU D 451 -18.27 12.33 -44.04
N VAL D 452 -17.84 11.67 -42.98
CA VAL D 452 -16.86 12.23 -42.07
C VAL D 452 -15.40 11.96 -42.52
N LYS D 453 -14.67 13.05 -42.76
CA LYS D 453 -13.31 13.09 -43.35
C LYS D 453 -13.32 12.98 -44.90
C1 SSN E . 19.83 4.61 11.79
O1 SSN E . 21.03 4.49 12.24
C2 SSN E . 18.61 4.59 12.68
O2 SSN E . 19.60 4.72 10.56
C3 SSN E . 19.01 5.03 14.07
C4 SSN E . 17.89 5.72 14.81
O4 SSN E . 18.18 6.82 15.36
C1 SSN F . -23.22 -0.87 2.41
O1 SSN F . -24.41 -0.80 2.03
C2 SSN F . -22.66 -0.22 3.71
O2 SSN F . -22.46 -1.48 1.60
C3 SSN F . -23.37 -0.47 5.07
C4 SSN F . -23.00 0.60 6.12
O4 SSN F . -23.52 0.77 7.29
C1 SSN G . 23.39 -1.53 -1.39
O1 SSN G . 24.63 -1.47 -1.15
C2 SSN G . 22.79 -1.57 -2.80
O2 SSN G . 22.61 -1.49 -0.41
C3 SSN G . 23.77 -2.04 -3.89
C4 SSN G . 23.04 -2.31 -5.21
O4 SSN G . 23.62 -2.68 -6.27
C1 SSN H . -19.40 -2.43 -12.71
O1 SSN H . -20.64 -2.60 -12.91
C2 SSN H . -18.42 -3.01 -13.76
O2 SSN H . -19.12 -1.76 -11.66
C3 SSN H . -17.04 -3.55 -13.29
C4 SSN H . -16.63 -4.95 -13.80
O4 SSN H . -15.76 -5.22 -14.70
#